data_4MNE
#
_entry.id   4MNE
#
_cell.length_a   97.498
_cell.length_b   135.657
_cell.length_c   256.059
_cell.angle_alpha   90.00
_cell.angle_beta   90.00
_cell.angle_gamma   90.00
#
_symmetry.space_group_name_H-M   'P 21 21 21'
#
loop_
_entity.id
_entity.type
_entity.pdbx_description
1 polymer 'Dual specificity mitogen-activated protein kinase kinase 1'
2 polymer 'Serine/threonine-protein kinase B-raf'
3 non-polymer 'PHOSPHOMETHYLPHOSPHONIC ACID ADENYLATE ESTER'
4 non-polymer 'MAGNESIUM ION'
5 non-polymer 7-fluoro-3-[(2-fluoro-4-iodophenyl)amino]-N-{[(2S)-2-hydroxypropyl]oxy}furo[3,2-c]pyridine-2-carboxamide
6 non-polymer 'CHLORIDE ION'
7 water water
#
loop_
_entity_poly.entity_id
_entity_poly.type
_entity_poly.pdbx_seq_one_letter_code
_entity_poly.pdbx_strand_id
1 'polypeptide(L)'
;MELKDDDFEKISELGAGNGGVVFKVSHKPSGLVMARKLIHLEIKPAIRNQIIRELQVLHECNSPYIVGFYGAFYSDGEIS
ICMEHMDGGSLDQVLKKAGRIPEQILGKVSIAVIKGLTYLREKHKIMHRDVKPSNILVNSRGEIKLCDFGVSGQLIDSMA
NSFVGTRSYMSPERLQGTHYSVQSDIWSMGLSLVEMAVGRYPIPPPDAKELELMFGCQVEGDAAETPPRPRTPGRPLSSY
GMDSRPPMAIFELLDYIVNEPPPKLPSGVFSLEFQDFVNKCLIKNPAERADLKQLMVHAFIKRSDAEEVDFAGWLCSTIG
LNQPSTPTHAAGVLEHHHHHH
;
A,D,E,H
2 'polypeptide(L)'
;MDRGSHHHHHHGSEDRNRMKTLGRRDSSDDWEIPDGQITVGQRIGSGSFGTVYKGKWHGDVAVKMLNVTAPTPQQLQAFK
NEVGVLRKTRHVNILLFMGYSTKPQLAIVTQWCEGSSLYHHLHIIETKFEMIKLIDIARQTAQGMDYLHAKSIIHRDLKS
NNIFLHEDLTVKIGDFGLATVKSRWSGSHQFEQLSGSILWMAPEVIRMQDKNPYSFQSDVYAFGIVLYELMTGQLPYSNI
NNRDQIIFMVGRGYLSPDLSKVRSNCPKAMKRLMAECLKKKRDERPLFPQILASIELLARSLPKIHRK
;
B,C,F,G
#
# COMPACT_ATOMS: atom_id res chain seq x y z
N LEU A 3 -20.47 64.08 25.74
CA LEU A 3 -21.02 63.16 24.76
C LEU A 3 -19.94 62.22 24.16
N LYS A 4 -20.22 60.92 24.07
CA LYS A 4 -19.32 59.93 23.46
C LYS A 4 -20.13 58.73 22.98
N ASP A 5 -19.52 57.86 22.17
CA ASP A 5 -20.29 56.83 21.43
C ASP A 5 -21.00 55.81 22.32
N ASP A 6 -20.36 55.45 23.43
CA ASP A 6 -20.96 54.52 24.39
C ASP A 6 -22.24 55.09 25.03
N ASP A 7 -22.29 56.41 25.16
CA ASP A 7 -23.44 57.11 25.77
C ASP A 7 -24.79 56.91 25.07
N PHE A 8 -24.82 56.21 23.93
CA PHE A 8 -26.02 56.20 23.10
C PHE A 8 -26.63 54.83 22.83
N GLU A 9 -27.95 54.84 22.68
CA GLU A 9 -28.70 53.67 22.25
C GLU A 9 -29.56 54.03 21.06
N LYS A 10 -29.48 53.21 20.02
CA LYS A 10 -30.17 53.48 18.77
C LYS A 10 -31.65 53.17 18.91
N ILE A 11 -32.49 54.07 18.43
CA ILE A 11 -33.92 53.83 18.45
C ILE A 11 -34.36 53.48 17.04
N SER A 12 -34.00 54.34 16.08
CA SER A 12 -34.44 54.14 14.71
C SER A 12 -33.60 55.00 13.77
N GLU A 13 -33.67 54.71 12.48
CA GLU A 13 -32.98 55.50 11.46
C GLU A 13 -33.89 56.55 10.83
N LEU A 14 -33.66 57.83 11.17
CA LEU A 14 -34.47 58.93 10.68
C LEU A 14 -34.23 59.26 9.20
N GLY A 15 -33.13 58.78 8.63
CA GLY A 15 -32.85 59.05 7.22
C GLY A 15 -31.38 59.14 6.92
N ALA A 16 -31.05 59.28 5.63
CA ALA A 16 -29.66 59.28 5.17
C ALA A 16 -29.49 60.15 3.92
N GLY A 17 -28.27 60.61 3.69
CA GLY A 17 -27.99 61.43 2.53
C GLY A 17 -26.67 61.11 1.83
N ASN A 18 -26.15 62.12 1.13
CA ASN A 18 -24.91 62.02 0.40
C ASN A 18 -23.73 62.28 1.33
N GLY A 19 -23.34 61.29 2.10
CA GLY A 19 -22.23 61.45 3.03
C GLY A 19 -22.58 61.48 4.51
N GLY A 20 -23.87 61.41 4.85
CA GLY A 20 -24.29 61.44 6.24
C GLY A 20 -25.45 60.52 6.56
N VAL A 21 -25.55 60.12 7.84
CA VAL A 21 -26.69 59.31 8.30
C VAL A 21 -27.26 59.84 9.63
N VAL A 22 -28.59 59.78 9.77
CA VAL A 22 -29.23 60.35 10.95
C VAL A 22 -30.03 59.30 11.70
N PHE A 23 -29.76 59.21 13.01
CA PHE A 23 -30.42 58.26 13.90
C PHE A 23 -31.17 58.93 15.07
N LYS A 24 -32.43 58.51 15.27
CA LYS A 24 -33.14 58.85 16.49
C LYS A 24 -32.53 58.00 17.57
N VAL A 25 -31.99 58.65 18.60
CA VAL A 25 -31.29 57.91 19.65
C VAL A 25 -31.71 58.38 21.05
N SER A 26 -31.34 57.56 22.03
CA SER A 26 -31.54 57.88 23.44
C SER A 26 -30.20 58.03 24.11
N HIS A 27 -29.85 59.25 24.50
CA HIS A 27 -28.62 59.53 25.23
C HIS A 27 -28.74 58.95 26.65
N LYS A 28 -28.06 57.83 26.91
CA LYS A 28 -28.29 57.04 28.13
C LYS A 28 -28.19 57.81 29.46
N PRO A 29 -27.10 58.58 29.67
CA PRO A 29 -27.00 59.34 30.92
C PRO A 29 -28.18 60.28 31.22
N SER A 30 -28.66 61.03 30.22
CA SER A 30 -29.66 62.06 30.48
C SER A 30 -31.09 61.57 30.26
N GLY A 31 -31.26 60.51 29.46
CA GLY A 31 -32.57 60.00 29.10
C GLY A 31 -33.17 60.70 27.88
N LEU A 32 -32.51 61.75 27.44
CA LEU A 32 -32.98 62.57 26.33
C LEU A 32 -33.07 61.81 25.03
N VAL A 33 -34.13 62.04 24.26
CA VAL A 33 -34.16 61.53 22.91
C VAL A 33 -33.61 62.62 21.99
N MET A 34 -32.61 62.27 21.20
CA MET A 34 -32.04 63.24 20.29
C MET A 34 -31.76 62.66 18.92
N ALA A 35 -31.54 63.53 17.95
CA ALA A 35 -31.16 63.10 16.62
C ALA A 35 -29.64 63.06 16.58
N ARG A 36 -29.07 61.92 16.16
CA ARG A 36 -27.62 61.82 16.03
C ARG A 36 -27.21 61.72 14.57
N LYS A 37 -26.49 62.73 14.10
CA LYS A 37 -26.04 62.73 12.71
C LYS A 37 -24.59 62.30 12.63
N LEU A 38 -24.33 61.29 11.81
CA LEU A 38 -22.95 60.85 11.58
C LEU A 38 -22.57 61.21 10.17
N ILE A 39 -21.41 61.85 10.04
CA ILE A 39 -20.87 62.26 8.75
C ILE A 39 -19.52 61.56 8.58
N HIS A 40 -19.36 60.67 7.61
CA HIS A 40 -18.08 59.98 7.47
CA HIS A 40 -18.07 59.98 7.50
C HIS A 40 -16.99 60.88 6.90
N LEU A 41 -15.85 60.94 7.59
CA LEU A 41 -14.74 61.76 7.20
C LEU A 41 -13.46 61.08 7.58
N GLU A 42 -12.50 60.98 6.64
CA GLU A 42 -11.16 60.57 7.04
C GLU A 42 -10.30 61.82 7.16
N ILE A 43 -10.00 62.19 8.41
CA ILE A 43 -9.39 63.48 8.69
C ILE A 43 -8.35 63.41 9.80
N LYS A 44 -7.39 64.34 9.75
CA LYS A 44 -6.31 64.43 10.73
C LYS A 44 -6.90 64.79 12.08
N PRO A 45 -6.35 64.22 13.16
CA PRO A 45 -6.78 64.54 14.54
C PRO A 45 -6.83 66.06 14.76
N ALA A 46 -5.79 66.77 14.33
CA ALA A 46 -5.78 68.22 14.46
C ALA A 46 -6.98 68.93 13.81
N ILE A 47 -7.51 68.40 12.70
CA ILE A 47 -8.68 69.07 12.12
C ILE A 47 -10.02 68.54 12.64
N ARG A 48 -10.07 67.28 13.05
CA ARG A 48 -11.28 66.75 13.67
C ARG A 48 -11.54 67.53 14.95
N ASN A 49 -10.47 67.83 15.69
CA ASN A 49 -10.60 68.52 16.95
C ASN A 49 -10.97 69.96 16.72
N GLN A 50 -10.55 70.50 15.58
CA GLN A 50 -10.93 71.84 15.18
C GLN A 50 -12.38 71.88 14.76
N ILE A 51 -12.88 70.78 14.21
CA ILE A 51 -14.27 70.74 13.80
C ILE A 51 -15.14 70.75 15.05
N ILE A 52 -14.85 69.83 15.99
CA ILE A 52 -15.56 69.76 17.28
C ILE A 52 -15.60 71.13 17.97
N ARG A 53 -14.41 71.66 18.23
CA ARG A 53 -14.26 72.98 18.82
C ARG A 53 -15.09 74.08 18.12
N GLU A 54 -15.21 74.01 16.79
CA GLU A 54 -15.96 75.02 16.05
C GLU A 54 -17.46 74.77 16.14
N LEU A 55 -17.85 73.52 16.38
CA LEU A 55 -19.26 73.19 16.48
C LEU A 55 -19.82 73.64 17.84
N GLN A 56 -18.91 73.88 18.79
CA GLN A 56 -19.26 74.24 20.16
C GLN A 56 -19.92 75.60 20.25
N VAL A 57 -19.82 76.34 19.15
CA VAL A 57 -20.48 77.62 18.96
C VAL A 57 -22.00 77.46 18.88
N LEU A 58 -22.45 76.26 18.57
CA LEU A 58 -23.89 76.00 18.44
C LEU A 58 -24.56 75.98 19.81
N HIS A 59 -23.77 75.74 20.85
CA HIS A 59 -24.27 75.74 22.22
C HIS A 59 -24.97 77.06 22.55
N GLU A 60 -24.57 78.12 21.84
CA GLU A 60 -25.10 79.48 22.04
C GLU A 60 -26.19 79.82 21.03
N CYS A 61 -26.25 79.06 19.95
CA CYS A 61 -27.25 79.28 18.90
C CYS A 61 -28.64 78.91 19.42
N ASN A 62 -29.35 79.90 19.95
CA ASN A 62 -30.67 79.65 20.51
C ASN A 62 -31.77 80.48 19.84
N SER A 63 -32.57 79.79 19.04
CA SER A 63 -33.62 80.39 18.23
C SER A 63 -34.70 79.34 17.93
N PRO A 64 -35.95 79.79 17.80
CA PRO A 64 -37.03 78.87 17.41
C PRO A 64 -37.08 78.61 15.89
N TYR A 65 -36.16 79.23 15.15
CA TYR A 65 -36.02 78.97 13.72
C TYR A 65 -34.74 78.16 13.44
N ILE A 66 -34.05 77.78 14.50
CA ILE A 66 -32.81 77.03 14.43
C ILE A 66 -32.88 75.77 15.31
N VAL A 67 -32.69 74.60 14.69
CA VAL A 67 -32.67 73.31 15.38
C VAL A 67 -31.63 73.36 16.51
N GLY A 68 -31.95 72.73 17.65
CA GLY A 68 -31.12 72.84 18.82
C GLY A 68 -29.92 71.91 18.79
N PHE A 69 -28.87 72.29 19.51
CA PHE A 69 -27.60 71.56 19.50
C PHE A 69 -27.26 71.01 20.88
N TYR A 70 -27.04 69.69 20.99
CA TYR A 70 -26.63 69.09 22.27
C TYR A 70 -25.13 68.86 22.45
N GLY A 71 -24.42 68.68 21.34
CA GLY A 71 -23.01 68.40 21.44
C GLY A 71 -22.48 67.68 20.22
N ALA A 72 -21.17 67.52 20.18
CA ALA A 72 -20.50 66.95 19.04
C ALA A 72 -19.25 66.19 19.45
N PHE A 73 -18.91 65.17 18.68
CA PHE A 73 -17.71 64.38 18.94
C PHE A 73 -17.27 63.58 17.71
N TYR A 74 -16.10 62.96 17.82
CA TYR A 74 -15.57 62.08 16.79
C TYR A 74 -15.28 60.71 17.38
N SER A 75 -15.83 59.66 16.78
CA SER A 75 -15.44 58.30 17.11
C SER A 75 -15.19 57.53 15.82
N ASP A 76 -14.62 56.35 15.92
CA ASP A 76 -14.23 55.51 14.76
C ASP A 76 -13.76 56.23 13.48
N GLY A 77 -14.70 56.54 12.59
CA GLY A 77 -14.32 57.20 11.35
C GLY A 77 -15.29 58.31 10.99
N GLU A 78 -15.93 58.87 12.02
CA GLU A 78 -17.15 59.68 11.85
C GLU A 78 -17.44 60.77 12.88
N ILE A 79 -17.49 62.03 12.46
CA ILE A 79 -17.96 63.14 13.31
C ILE A 79 -19.45 62.99 13.61
N SER A 80 -19.83 63.05 14.89
CA SER A 80 -21.23 62.96 15.28
C SER A 80 -21.74 64.34 15.71
N ILE A 81 -22.86 64.75 15.15
CA ILE A 81 -23.54 65.94 15.66
C ILE A 81 -24.88 65.56 16.30
N CYS A 82 -25.03 65.87 17.59
CA CYS A 82 -26.23 65.51 18.32
C CYS A 82 -27.13 66.73 18.47
N MET A 83 -28.35 66.60 17.99
CA MET A 83 -29.21 67.78 17.87
C MET A 83 -30.66 67.51 18.25
N GLU A 84 -31.40 68.60 18.39
CA GLU A 84 -32.81 68.56 18.69
C GLU A 84 -33.54 67.65 17.72
N HIS A 85 -34.08 66.56 18.25
CA HIS A 85 -34.93 65.67 17.49
C HIS A 85 -36.21 66.38 17.03
N MET A 86 -36.48 66.36 15.73
CA MET A 86 -37.68 66.97 15.18
C MET A 86 -38.60 65.89 14.65
N ASP A 87 -39.63 65.57 15.43
CA ASP A 87 -40.49 64.41 15.15
C ASP A 87 -41.39 64.60 13.92
N GLY A 88 -41.36 65.78 13.33
CA GLY A 88 -42.14 66.03 12.13
C GLY A 88 -41.35 65.70 10.88
N GLY A 89 -40.03 65.74 11.00
CA GLY A 89 -39.14 65.40 9.91
C GLY A 89 -38.71 66.61 9.10
N SER A 90 -38.22 66.36 7.90
CA SER A 90 -37.82 67.43 7.00
C SER A 90 -38.96 67.70 6.03
N LEU A 91 -39.05 68.92 5.54
CA LEU A 91 -40.08 69.26 4.58
C LEU A 91 -39.98 68.42 3.33
N ASP A 92 -38.88 67.69 3.19
CA ASP A 92 -38.65 66.81 2.06
C ASP A 92 -39.53 65.59 2.29
N GLN A 93 -39.43 65.04 3.49
CA GLN A 93 -40.23 63.90 3.91
C GLN A 93 -41.70 64.28 3.81
N VAL A 94 -42.04 65.43 4.39
CA VAL A 94 -43.43 65.92 4.35
C VAL A 94 -43.93 66.04 2.91
N LEU A 95 -43.20 66.77 2.08
CA LEU A 95 -43.61 66.96 0.68
C LEU A 95 -43.92 65.64 -0.05
N LYS A 96 -43.30 64.54 0.38
CA LYS A 96 -43.60 63.26 -0.24
C LYS A 96 -45.01 62.80 0.10
N LYS A 97 -45.38 62.90 1.38
CA LYS A 97 -46.71 62.49 1.82
C LYS A 97 -47.82 63.48 1.42
N ALA A 98 -47.47 64.76 1.34
CA ALA A 98 -48.46 65.81 1.08
C ALA A 98 -48.64 66.14 -0.39
N GLY A 99 -47.73 65.66 -1.24
CA GLY A 99 -47.83 65.92 -2.67
C GLY A 99 -47.49 67.35 -3.04
N ARG A 100 -48.27 68.30 -2.56
CA ARG A 100 -47.95 69.71 -2.72
C ARG A 100 -48.24 70.41 -1.40
N ILE A 101 -47.43 71.40 -1.03
CA ILE A 101 -47.70 72.14 0.20
C ILE A 101 -48.48 73.42 -0.06
N PRO A 102 -49.58 73.62 0.68
CA PRO A 102 -50.49 74.75 0.45
C PRO A 102 -49.78 76.10 0.64
N GLU A 103 -50.00 77.01 -0.30
CA GLU A 103 -49.39 78.33 -0.29
C GLU A 103 -49.42 78.97 1.09
N GLN A 104 -50.45 78.62 1.86
CA GLN A 104 -50.63 79.25 3.15
C GLN A 104 -49.65 78.71 4.19
N ILE A 105 -49.36 77.41 4.10
CA ILE A 105 -48.34 76.81 4.97
C ILE A 105 -46.96 77.30 4.56
N LEU A 106 -46.71 77.35 3.26
CA LEU A 106 -45.44 77.80 2.71
C LEU A 106 -45.11 79.22 3.17
N GLY A 107 -46.14 80.04 3.31
CA GLY A 107 -46.02 81.33 3.97
C GLY A 107 -45.36 81.26 5.34
N LYS A 108 -45.81 80.38 6.22
CA LYS A 108 -45.16 80.19 7.51
C LYS A 108 -43.71 79.77 7.35
N VAL A 109 -43.49 78.85 6.39
CA VAL A 109 -42.17 78.32 6.11
C VAL A 109 -41.28 79.46 5.64
N SER A 110 -41.78 80.27 4.72
CA SER A 110 -41.02 81.41 4.23
C SER A 110 -40.63 82.39 5.33
N ILE A 111 -41.54 82.64 6.27
CA ILE A 111 -41.18 83.45 7.41
C ILE A 111 -40.07 82.75 8.22
N ALA A 112 -40.31 81.51 8.65
CA ALA A 112 -39.32 80.72 9.40
C ALA A 112 -37.91 80.74 8.80
N VAL A 113 -37.84 80.54 7.49
CA VAL A 113 -36.55 80.56 6.83
C VAL A 113 -35.87 81.92 6.97
N ILE A 114 -36.60 82.99 6.62
CA ILE A 114 -36.05 84.36 6.70
C ILE A 114 -35.56 84.72 8.11
N LYS A 115 -36.38 84.46 9.13
CA LYS A 115 -35.98 84.77 10.50
C LYS A 115 -34.70 84.02 10.87
N GLY A 116 -34.68 82.71 10.59
CA GLY A 116 -33.53 81.86 10.80
C GLY A 116 -32.28 82.30 10.04
N LEU A 117 -32.40 82.57 8.74
CA LEU A 117 -31.28 83.15 8.01
C LEU A 117 -30.83 84.48 8.63
N THR A 118 -31.79 85.29 9.09
CA THR A 118 -31.45 86.54 9.77
C THR A 118 -30.70 86.24 11.06
N TYR A 119 -31.25 85.30 11.84
CA TYR A 119 -30.63 84.94 13.10
C TYR A 119 -29.18 84.55 12.89
N LEU A 120 -28.96 83.54 12.06
CA LEU A 120 -27.62 83.09 11.70
C LEU A 120 -26.73 84.25 11.28
N ARG A 121 -27.16 85.01 10.29
CA ARG A 121 -26.40 86.15 9.79
C ARG A 121 -25.95 87.13 10.88
N GLU A 122 -26.90 87.62 11.68
CA GLU A 122 -26.63 88.72 12.62
C GLU A 122 -25.97 88.28 13.92
N LYS A 123 -26.44 87.18 14.50
CA LYS A 123 -25.95 86.77 15.81
C LYS A 123 -24.80 85.78 15.73
N HIS A 124 -24.44 85.34 14.53
CA HIS A 124 -23.42 84.31 14.39
C HIS A 124 -22.57 84.44 13.14
N LYS A 125 -22.70 85.58 12.47
CA LYS A 125 -21.84 85.97 11.35
C LYS A 125 -21.80 85.00 10.15
N ILE A 126 -22.68 84.01 10.13
CA ILE A 126 -22.61 82.97 9.09
C ILE A 126 -23.82 82.87 8.16
N MET A 127 -23.58 82.42 6.92
CA MET A 127 -24.66 82.05 6.02
C MET A 127 -24.91 80.57 6.09
N HIS A 128 -26.12 80.16 5.69
CA HIS A 128 -26.51 78.75 5.76
C HIS A 128 -25.63 77.86 4.84
N ARG A 129 -25.62 78.22 3.54
CA ARG A 129 -24.93 77.51 2.43
C ARG A 129 -25.79 76.47 1.73
N ASP A 130 -26.64 75.79 2.50
CA ASP A 130 -27.34 74.61 2.03
C ASP A 130 -28.86 74.60 2.36
N VAL A 131 -29.60 75.59 1.89
CA VAL A 131 -31.05 75.63 2.12
C VAL A 131 -31.82 74.83 1.07
N LYS A 132 -32.66 73.91 1.54
CA LYS A 132 -33.46 73.06 0.66
C LYS A 132 -34.40 72.26 1.56
N PRO A 133 -35.53 71.77 0.99
CA PRO A 133 -36.59 71.08 1.74
C PRO A 133 -36.10 70.08 2.78
N SER A 134 -35.10 69.28 2.46
CA SER A 134 -34.56 68.34 3.43
C SER A 134 -33.84 68.99 4.63
N ASN A 135 -33.61 70.29 4.58
CA ASN A 135 -32.91 70.97 5.66
C ASN A 135 -33.76 71.97 6.43
N ILE A 136 -35.05 71.98 6.14
CA ILE A 136 -35.99 72.68 6.99
C ILE A 136 -36.75 71.61 7.75
N LEU A 137 -36.64 71.64 9.09
CA LEU A 137 -37.27 70.63 9.92
C LEU A 137 -38.46 71.17 10.73
N VAL A 138 -39.52 70.37 10.83
CA VAL A 138 -40.75 70.81 11.48
C VAL A 138 -41.15 69.85 12.60
N ASN A 139 -41.88 70.33 13.61
CA ASN A 139 -42.30 69.46 14.73
C ASN A 139 -43.76 69.61 15.19
N SER A 140 -44.14 68.77 16.15
CA SER A 140 -45.50 68.72 16.67
C SER A 140 -45.99 70.07 17.18
N ARG A 141 -45.09 70.85 17.77
CA ARG A 141 -45.48 72.13 18.35
C ARG A 141 -45.59 73.23 17.29
N GLY A 142 -45.52 72.84 16.02
CA GLY A 142 -45.66 73.78 14.91
C GLY A 142 -44.41 74.60 14.59
N GLU A 143 -43.27 74.18 15.13
CA GLU A 143 -42.03 74.89 14.91
C GLU A 143 -41.43 74.49 13.55
N ILE A 144 -40.92 75.50 12.85
CA ILE A 144 -40.17 75.29 11.63
C ILE A 144 -38.73 75.74 11.86
N LYS A 145 -37.79 74.80 11.91
CA LYS A 145 -36.39 75.17 12.17
C LYS A 145 -35.42 74.83 11.02
N LEU A 146 -34.33 75.60 10.92
CA LEU A 146 -33.27 75.31 9.93
C LEU A 146 -32.17 74.44 10.52
N CYS A 147 -31.57 73.59 9.69
CA CYS A 147 -30.52 72.68 10.14
CA CYS A 147 -30.48 72.74 10.16
C CYS A 147 -29.42 72.58 9.09
N ASP A 148 -28.37 71.83 9.42
CA ASP A 148 -27.27 71.54 8.49
C ASP A 148 -26.61 72.79 7.87
N PHE A 149 -26.63 73.91 8.60
CA PHE A 149 -25.98 75.13 8.13
C PHE A 149 -24.46 75.14 8.41
N GLY A 150 -23.74 76.01 7.69
CA GLY A 150 -22.29 76.00 7.72
C GLY A 150 -21.59 76.70 8.87
N VAL A 151 -21.63 76.11 10.05
CA VAL A 151 -21.08 76.76 11.25
C VAL A 151 -19.59 76.52 11.46
N SER A 152 -19.17 75.26 11.39
CA SER A 152 -17.74 74.94 11.40
C SER A 152 -17.16 75.15 10.02
N GLY A 153 -16.22 76.09 9.91
CA GLY A 153 -15.57 76.33 8.63
C GLY A 153 -14.69 75.16 8.20
N GLN A 154 -14.10 74.48 9.18
CA GLN A 154 -13.27 73.33 8.90
C GLN A 154 -14.12 72.17 8.36
N LEU A 155 -15.32 71.99 8.91
CA LEU A 155 -16.18 70.91 8.46
C LEU A 155 -16.60 71.14 7.02
N ILE A 156 -16.83 72.40 6.67
CA ILE A 156 -17.13 72.76 5.30
C ILE A 156 -16.01 72.26 4.40
N ASP A 157 -14.79 72.57 4.80
CA ASP A 157 -13.58 72.21 4.05
C ASP A 157 -13.44 70.72 3.89
N SER A 158 -13.61 70.00 4.99
CA SER A 158 -13.49 68.55 5.00
C SER A 158 -14.57 67.81 4.22
N MET A 159 -15.67 68.49 3.92
CA MET A 159 -16.79 67.86 3.23
C MET A 159 -16.68 67.99 1.72
N ALA A 160 -15.70 68.77 1.26
CA ALA A 160 -15.55 69.10 -0.16
C ALA A 160 -15.13 67.88 -0.96
N ASN A 161 -14.36 67.00 -0.33
CA ASN A 161 -14.09 65.71 -0.94
C ASN A 161 -15.29 64.82 -0.69
N SER A 162 -16.16 64.76 -1.70
CA SER A 162 -17.50 64.23 -1.53
C SER A 162 -17.93 63.39 -2.72
N PHE A 163 -19.01 62.63 -2.55
CA PHE A 163 -19.61 61.89 -3.66
C PHE A 163 -20.59 62.80 -4.43
N VAL A 164 -20.87 62.42 -5.67
CA VAL A 164 -21.72 63.20 -6.54
C VAL A 164 -23.16 63.11 -6.13
N GLY A 165 -23.84 64.27 -6.16
CA GLY A 165 -25.25 64.37 -5.84
C GLY A 165 -26.05 64.03 -7.06
N THR A 166 -27.36 64.06 -6.92
CA THR A 166 -28.22 63.71 -8.03
C THR A 166 -28.99 64.94 -8.49
N ARG A 167 -29.17 65.91 -7.58
CA ARG A 167 -29.62 67.24 -7.98
C ARG A 167 -28.96 68.35 -7.20
N SER A 168 -29.43 69.57 -7.39
CA SER A 168 -28.76 70.73 -6.78
C SER A 168 -29.69 71.92 -6.52
N TYR A 169 -29.41 72.66 -5.45
CA TYR A 169 -30.16 73.87 -5.13
C TYR A 169 -29.23 75.07 -5.12
N MET A 170 -28.03 74.87 -5.65
CA MET A 170 -26.99 75.90 -5.60
C MET A 170 -27.35 77.06 -6.51
N SER A 171 -27.04 78.27 -6.07
CA SER A 171 -27.37 79.45 -6.84
C SER A 171 -26.43 79.52 -8.00
N PRO A 172 -26.85 80.17 -9.09
CA PRO A 172 -26.02 80.26 -10.29
C PRO A 172 -24.74 81.04 -10.04
N GLU A 173 -24.81 82.08 -9.21
CA GLU A 173 -23.62 82.90 -9.03
C GLU A 173 -22.55 82.10 -8.28
N ARG A 174 -22.97 81.20 -7.40
CA ARG A 174 -22.03 80.34 -6.70
C ARG A 174 -21.48 79.32 -7.67
N LEU A 175 -22.34 78.84 -8.57
CA LEU A 175 -21.91 77.85 -9.53
C LEU A 175 -20.84 78.45 -10.43
N GLN A 176 -20.82 79.78 -10.54
CA GLN A 176 -19.85 80.41 -11.40
C GLN A 176 -18.71 81.08 -10.65
N GLY A 177 -18.69 80.93 -9.32
CA GLY A 177 -17.69 81.57 -8.47
C GLY A 177 -17.64 83.09 -8.57
N THR A 178 -18.74 83.67 -9.06
CA THR A 178 -18.89 85.09 -9.37
C THR A 178 -19.21 85.90 -8.12
N HIS A 179 -19.86 85.26 -7.16
CA HIS A 179 -20.41 85.96 -6.02
C HIS A 179 -20.62 84.94 -4.91
N TYR A 180 -20.62 85.42 -3.66
CA TYR A 180 -20.88 84.57 -2.49
C TYR A 180 -21.40 85.36 -1.27
N SER A 181 -22.70 85.28 -1.02
CA SER A 181 -23.33 85.97 0.10
C SER A 181 -24.63 85.32 0.53
N VAL A 182 -25.34 85.98 1.44
CA VAL A 182 -26.66 85.51 1.84
C VAL A 182 -27.60 85.48 0.62
N GLN A 183 -27.34 86.38 -0.33
CA GLN A 183 -28.11 86.43 -1.57
C GLN A 183 -28.26 85.07 -2.24
N SER A 184 -27.27 84.20 -2.01
CA SER A 184 -27.29 82.84 -2.56
C SER A 184 -28.22 81.93 -1.76
N ASP A 185 -28.27 82.10 -0.45
CA ASP A 185 -29.22 81.34 0.35
C ASP A 185 -30.65 81.74 0.03
N ILE A 186 -30.83 82.97 -0.43
CA ILE A 186 -32.15 83.45 -0.79
C ILE A 186 -32.66 82.70 -2.03
N TRP A 187 -31.80 82.58 -3.05
CA TRP A 187 -32.12 81.80 -4.25
C TRP A 187 -32.58 80.37 -3.90
N SER A 188 -31.82 79.70 -3.02
CA SER A 188 -32.13 78.33 -2.66
C SER A 188 -33.50 78.23 -1.97
N MET A 189 -33.81 79.23 -1.14
CA MET A 189 -35.11 79.24 -0.51
C MET A 189 -36.17 79.36 -1.60
N GLY A 190 -35.88 80.20 -2.58
CA GLY A 190 -36.78 80.45 -3.70
C GLY A 190 -37.09 79.16 -4.44
N LEU A 191 -36.03 78.42 -4.74
CA LEU A 191 -36.14 77.22 -5.53
C LEU A 191 -36.87 76.17 -4.70
N SER A 192 -36.58 76.14 -3.41
CA SER A 192 -37.22 75.19 -2.51
C SER A 192 -38.70 75.36 -2.56
N LEU A 193 -39.12 76.61 -2.34
CA LEU A 193 -40.53 77.01 -2.36
C LEU A 193 -41.27 76.53 -3.61
N VAL A 194 -40.73 76.86 -4.78
CA VAL A 194 -41.27 76.33 -6.02
C VAL A 194 -41.38 74.81 -5.99
N GLU A 195 -40.35 74.12 -5.51
CA GLU A 195 -40.45 72.66 -5.40
C GLU A 195 -41.58 72.27 -4.46
N MET A 196 -41.67 72.94 -3.32
CA MET A 196 -42.68 72.59 -2.34
C MET A 196 -44.09 72.96 -2.78
N ALA A 197 -44.20 74.04 -3.55
CA ALA A 197 -45.50 74.48 -4.05
C ALA A 197 -46.09 73.55 -5.12
N VAL A 198 -45.32 73.32 -6.18
CA VAL A 198 -45.67 72.42 -7.28
C VAL A 198 -45.53 70.93 -6.90
N GLY A 199 -44.70 70.62 -5.92
CA GLY A 199 -44.55 69.25 -5.47
C GLY A 199 -43.66 68.37 -6.34
N ARG A 200 -42.82 69.02 -7.14
CA ARG A 200 -41.83 68.38 -8.00
C ARG A 200 -40.63 69.32 -8.19
N TYR A 201 -39.42 68.79 -7.99
CA TYR A 201 -38.17 69.55 -8.21
C TYR A 201 -38.19 70.29 -9.53
N PRO A 202 -38.11 71.62 -9.46
CA PRO A 202 -38.45 72.48 -10.59
C PRO A 202 -37.41 72.56 -11.71
N ILE A 203 -36.37 71.73 -11.68
CA ILE A 203 -35.37 71.77 -12.76
C ILE A 203 -35.20 70.40 -13.40
N PRO A 204 -35.49 70.30 -14.72
CA PRO A 204 -35.94 71.42 -15.57
C PRO A 204 -37.46 71.72 -15.42
N PRO A 205 -37.95 72.77 -16.07
CA PRO A 205 -39.40 73.00 -15.91
C PRO A 205 -40.24 71.93 -16.59
N PRO A 206 -41.44 71.65 -16.04
CA PRO A 206 -42.40 70.68 -16.60
C PRO A 206 -42.85 71.06 -18.01
N ASP A 207 -43.03 70.06 -18.87
CA ASP A 207 -43.54 70.33 -20.22
C ASP A 207 -45.02 70.69 -20.19
N ALA A 208 -45.55 71.10 -21.34
CA ALA A 208 -46.94 71.57 -21.42
C ALA A 208 -47.94 70.53 -20.89
N LYS A 209 -47.74 69.27 -21.28
CA LYS A 209 -48.58 68.17 -20.81
C LYS A 209 -48.39 67.91 -19.32
N GLU A 210 -47.14 67.85 -18.87
CA GLU A 210 -46.82 67.50 -17.49
C GLU A 210 -47.42 68.50 -16.51
N LEU A 211 -47.48 69.77 -16.93
CA LEU A 211 -48.06 70.80 -16.08
C LEU A 211 -49.58 70.67 -15.94
N GLU A 212 -50.21 69.97 -16.88
CA GLU A 212 -51.65 69.76 -16.84
C GLU A 212 -52.05 68.79 -15.73
N LEU A 213 -51.26 67.73 -15.55
CA LEU A 213 -51.48 66.73 -14.49
C LEU A 213 -51.48 67.42 -13.13
N MET A 214 -50.53 68.34 -12.96
CA MET A 214 -50.31 69.01 -11.68
C MET A 214 -51.16 70.26 -11.52
N PRO A 246 -36.01 59.00 -17.71
CA PRO A 246 -34.65 59.03 -17.12
C PRO A 246 -34.22 60.43 -16.68
N PRO A 247 -33.94 60.59 -15.38
CA PRO A 247 -33.62 61.89 -14.78
C PRO A 247 -32.39 62.56 -15.39
N MET A 248 -32.49 63.88 -15.54
CA MET A 248 -31.42 64.72 -16.06
C MET A 248 -30.21 64.60 -15.13
N ALA A 249 -29.05 64.37 -15.73
CA ALA A 249 -27.81 64.19 -14.98
C ALA A 249 -27.40 65.50 -14.28
N ILE A 250 -26.64 65.41 -13.19
CA ILE A 250 -26.45 66.62 -12.42
C ILE A 250 -25.72 67.72 -13.18
N PHE A 251 -24.75 67.33 -14.02
CA PHE A 251 -24.03 68.34 -14.77
C PHE A 251 -25.00 69.14 -15.63
N GLU A 252 -25.96 68.44 -16.23
CA GLU A 252 -26.98 69.12 -17.02
C GLU A 252 -27.83 70.05 -16.16
N LEU A 253 -28.18 69.62 -14.95
CA LEU A 253 -28.92 70.49 -14.04
C LEU A 253 -28.16 71.79 -13.73
N LEU A 254 -26.86 71.65 -13.51
CA LEU A 254 -26.05 72.79 -13.14
C LEU A 254 -25.93 73.69 -14.33
N ASP A 255 -25.82 73.10 -15.50
CA ASP A 255 -25.66 73.87 -16.71
C ASP A 255 -26.96 74.63 -16.96
N TYR A 256 -28.08 74.02 -16.59
CA TYR A 256 -29.37 74.69 -16.72
C TYR A 256 -29.40 75.93 -15.85
N ILE A 257 -29.41 75.75 -14.54
CA ILE A 257 -29.32 76.82 -13.54
C ILE A 257 -28.45 77.99 -14.00
N VAL A 258 -27.25 77.68 -14.47
CA VAL A 258 -26.36 78.74 -14.95
C VAL A 258 -26.86 79.42 -16.24
N ASN A 259 -27.31 78.65 -17.22
CA ASN A 259 -27.56 79.24 -18.53
C ASN A 259 -29.00 79.51 -18.95
N GLU A 260 -29.96 79.04 -18.16
CA GLU A 260 -31.38 79.20 -18.48
C GLU A 260 -32.14 80.10 -17.50
N PRO A 261 -33.32 80.60 -17.93
CA PRO A 261 -34.14 81.40 -17.02
C PRO A 261 -34.59 80.61 -15.81
N PRO A 262 -34.74 81.30 -14.67
CA PRO A 262 -35.11 80.61 -13.42
C PRO A 262 -36.48 79.97 -13.56
N PRO A 263 -36.76 78.92 -12.76
CA PRO A 263 -38.11 78.35 -12.76
C PRO A 263 -39.08 79.37 -12.22
N LYS A 264 -40.38 79.05 -12.29
CA LYS A 264 -41.41 79.93 -11.71
C LYS A 264 -42.71 79.19 -11.44
N LEU A 265 -43.57 79.80 -10.63
CA LEU A 265 -44.83 79.20 -10.23
C LEU A 265 -45.81 79.23 -11.38
N PRO A 266 -46.71 78.23 -11.44
CA PRO A 266 -47.80 78.23 -12.43
C PRO A 266 -48.72 79.45 -12.26
N SER A 267 -49.38 79.85 -13.35
CA SER A 267 -50.11 81.13 -13.42
C SER A 267 -51.27 81.31 -12.44
N GLY A 268 -52.25 80.42 -12.47
CA GLY A 268 -53.49 80.65 -11.74
C GLY A 268 -53.56 80.15 -10.31
N VAL A 269 -52.96 78.99 -10.06
CA VAL A 269 -53.07 78.27 -8.79
C VAL A 269 -52.51 79.05 -7.58
N PHE A 270 -51.66 80.03 -7.83
CA PHE A 270 -51.06 80.78 -6.73
C PHE A 270 -51.34 82.27 -6.79
N SER A 271 -51.48 82.85 -5.60
CA SER A 271 -51.70 84.28 -5.44
C SER A 271 -50.62 85.06 -6.15
N LEU A 272 -50.94 86.26 -6.61
CA LEU A 272 -49.93 87.07 -7.29
C LEU A 272 -48.81 87.46 -6.31
N GLU A 273 -49.15 87.62 -5.03
CA GLU A 273 -48.15 87.96 -4.03
C GLU A 273 -47.10 86.86 -3.88
N PHE A 274 -47.56 85.61 -3.87
CA PHE A 274 -46.67 84.45 -3.78
C PHE A 274 -45.77 84.35 -5.02
N GLN A 275 -46.38 84.38 -6.20
CA GLN A 275 -45.64 84.42 -7.46
C GLN A 275 -44.62 85.54 -7.48
N ASP A 276 -44.95 86.68 -6.90
CA ASP A 276 -43.99 87.78 -6.94
C ASP A 276 -42.85 87.51 -5.97
N PHE A 277 -43.17 86.89 -4.83
CA PHE A 277 -42.20 86.59 -3.79
C PHE A 277 -41.12 85.64 -4.27
N VAL A 278 -41.53 84.49 -4.82
CA VAL A 278 -40.53 83.53 -5.30
C VAL A 278 -39.70 84.14 -6.42
N ASN A 279 -40.32 85.01 -7.21
CA ASN A 279 -39.65 85.62 -8.34
C ASN A 279 -38.47 86.49 -7.93
N LYS A 280 -38.63 87.27 -6.87
CA LYS A 280 -37.57 88.15 -6.38
C LYS A 280 -36.49 87.34 -5.65
N CYS A 281 -36.84 86.13 -5.22
CA CYS A 281 -35.83 85.22 -4.70
C CYS A 281 -35.03 84.52 -5.80
N LEU A 282 -35.59 84.43 -7.00
CA LEU A 282 -34.97 83.62 -8.06
C LEU A 282 -34.33 84.42 -9.18
N ILE A 283 -34.13 85.72 -8.98
CA ILE A 283 -33.48 86.54 -10.01
C ILE A 283 -32.01 86.10 -10.13
N LYS A 284 -31.58 85.79 -11.35
CA LYS A 284 -30.25 85.27 -11.62
C LYS A 284 -29.15 86.13 -11.03
N ASN A 285 -29.17 87.44 -11.32
CA ASN A 285 -28.21 88.42 -10.79
C ASN A 285 -28.44 88.76 -9.31
N PRO A 286 -27.52 88.34 -8.42
CA PRO A 286 -27.73 88.51 -6.96
C PRO A 286 -27.98 89.94 -6.54
N ALA A 287 -27.35 90.89 -7.23
CA ALA A 287 -27.51 92.31 -6.96
C ALA A 287 -28.98 92.74 -7.01
N GLU A 288 -29.67 92.38 -8.09
N GLU A 288 -29.65 92.36 -8.10
CA GLU A 288 -31.07 92.77 -8.26
CA GLU A 288 -31.05 92.70 -8.36
C GLU A 288 -32.01 91.81 -7.53
C GLU A 288 -32.00 91.80 -7.56
N ARG A 289 -31.44 90.88 -6.79
CA ARG A 289 -32.23 89.89 -6.09
C ARG A 289 -32.60 90.46 -4.73
N ALA A 290 -33.85 90.32 -4.33
CA ALA A 290 -34.30 90.89 -3.06
C ALA A 290 -33.45 90.37 -1.92
N ASP A 291 -33.23 91.19 -0.89
CA ASP A 291 -32.52 90.77 0.30
C ASP A 291 -33.46 90.49 1.45
N LEU A 292 -32.91 90.10 2.59
CA LEU A 292 -33.74 89.72 3.72
C LEU A 292 -34.61 90.88 4.22
N LYS A 293 -34.08 92.09 4.23
CA LYS A 293 -34.87 93.26 4.66
C LYS A 293 -36.04 93.45 3.71
N GLN A 294 -35.75 93.45 2.41
CA GLN A 294 -36.79 93.66 1.41
C GLN A 294 -37.85 92.54 1.43
N LEU A 295 -37.40 91.30 1.61
CA LEU A 295 -38.32 90.16 1.59
C LEU A 295 -39.23 90.19 2.79
N MET A 296 -38.71 90.71 3.89
CA MET A 296 -39.42 90.65 5.17
C MET A 296 -40.69 91.50 5.14
N VAL A 297 -40.63 92.60 4.43
CA VAL A 297 -41.77 93.49 4.33
C VAL A 297 -42.56 93.23 3.04
N HIS A 298 -42.36 92.06 2.45
CA HIS A 298 -43.04 91.74 1.19
C HIS A 298 -44.52 91.42 1.40
N ALA A 299 -45.34 91.91 0.49
CA ALA A 299 -46.76 91.60 0.42
C ALA A 299 -47.11 90.18 0.92
N PHE A 300 -46.34 89.20 0.47
CA PHE A 300 -46.62 87.80 0.76
C PHE A 300 -46.35 87.50 2.23
N ILE A 301 -45.41 88.25 2.81
CA ILE A 301 -44.96 88.02 4.18
C ILE A 301 -45.86 88.76 5.17
N LYS A 302 -46.26 89.98 4.81
CA LYS A 302 -47.20 90.77 5.59
C LYS A 302 -48.49 89.99 5.76
N ARG A 303 -49.02 89.52 4.64
CA ARG A 303 -50.22 88.67 4.60
C ARG A 303 -50.08 87.43 5.50
N SER A 304 -49.04 86.63 5.27
CA SER A 304 -48.90 85.33 5.92
C SER A 304 -48.65 85.46 7.44
N ASP A 305 -47.87 86.47 7.79
CA ASP A 305 -47.55 86.74 9.18
C ASP A 305 -48.87 86.94 9.92
N ALA A 306 -49.70 87.79 9.33
CA ALA A 306 -50.98 88.19 9.90
C ALA A 306 -51.99 87.05 9.91
N GLU A 307 -51.91 86.15 8.93
CA GLU A 307 -52.80 84.99 8.91
C GLU A 307 -52.54 84.11 10.11
N GLU A 308 -53.55 83.41 10.58
CA GLU A 308 -53.34 82.44 11.64
C GLU A 308 -53.68 81.09 11.10
N VAL A 309 -52.69 80.20 11.10
CA VAL A 309 -52.86 78.84 10.56
C VAL A 309 -52.50 77.76 11.58
N ASP A 310 -53.37 76.79 11.74
CA ASP A 310 -53.05 75.68 12.60
C ASP A 310 -51.96 74.89 11.90
N PHE A 311 -50.74 75.41 11.92
CA PHE A 311 -49.66 74.73 11.24
C PHE A 311 -49.43 73.38 11.89
N ALA A 312 -49.34 73.38 13.22
CA ALA A 312 -49.10 72.15 13.98
C ALA A 312 -50.18 71.13 13.67
N GLY A 313 -51.40 71.64 13.49
CA GLY A 313 -52.53 70.80 13.17
C GLY A 313 -52.47 70.24 11.77
N TRP A 314 -52.14 71.10 10.80
CA TRP A 314 -51.98 70.68 9.40
C TRP A 314 -50.94 69.57 9.27
N LEU A 315 -49.90 69.70 10.07
CA LEU A 315 -48.77 68.79 10.05
C LEU A 315 -49.14 67.39 10.53
N CYS A 316 -49.77 67.31 11.71
CA CYS A 316 -50.15 66.03 12.28
C CYS A 316 -51.26 65.37 11.47
N SER A 317 -52.10 66.20 10.85
CA SER A 317 -53.18 65.70 10.01
C SER A 317 -52.63 65.11 8.72
N THR A 318 -51.53 65.67 8.22
CA THR A 318 -50.90 65.07 7.05
C THR A 318 -49.91 63.95 7.40
N ILE A 319 -49.84 63.56 8.69
CA ILE A 319 -49.14 62.33 9.05
C ILE A 319 -49.87 61.46 10.10
N ASP B 30 -16.25 26.79 -7.95
CA ASP B 30 -17.24 27.73 -7.43
C ASP B 30 -16.77 28.38 -6.12
N TRP B 31 -17.20 29.63 -5.90
CA TRP B 31 -16.66 30.45 -4.84
C TRP B 31 -17.69 30.85 -3.78
N GLU B 32 -18.83 30.16 -3.79
CA GLU B 32 -19.81 30.39 -2.76
C GLU B 32 -19.37 29.73 -1.44
N ILE B 33 -19.30 30.56 -0.41
CA ILE B 33 -18.94 30.09 0.92
C ILE B 33 -20.19 29.70 1.67
N PRO B 34 -20.37 28.39 1.92
CA PRO B 34 -21.51 27.89 2.70
C PRO B 34 -21.71 28.70 3.97
N ASP B 35 -22.97 28.95 4.32
CA ASP B 35 -23.34 29.81 5.45
C ASP B 35 -22.76 29.28 6.76
N GLY B 36 -22.45 30.19 7.67
CA GLY B 36 -21.97 29.82 8.98
C GLY B 36 -20.48 29.90 9.15
N GLN B 37 -19.74 29.69 8.05
CA GLN B 37 -18.28 29.66 8.11
C GLN B 37 -17.65 31.03 8.42
N ILE B 38 -18.23 32.08 7.87
CA ILE B 38 -17.73 33.44 8.07
C ILE B 38 -18.09 34.01 9.46
N THR B 39 -17.14 34.69 10.09
CA THR B 39 -17.35 35.20 11.44
C THR B 39 -17.10 36.71 11.48
N VAL B 40 -18.11 37.49 11.10
CA VAL B 40 -18.06 38.95 11.08
C VAL B 40 -17.67 39.58 12.43
N GLY B 41 -16.75 40.54 12.39
CA GLY B 41 -16.30 41.24 13.58
C GLY B 41 -16.46 42.75 13.49
N GLN B 42 -15.37 43.48 13.65
CA GLN B 42 -15.39 44.96 13.69
C GLN B 42 -15.94 45.61 12.42
N ARG B 43 -16.05 46.94 12.43
CA ARG B 43 -16.50 47.67 11.25
C ARG B 43 -15.41 48.66 10.87
N ILE B 44 -15.43 49.13 9.63
CA ILE B 44 -14.40 50.05 9.14
C ILE B 44 -15.02 51.25 8.41
N GLY B 45 -15.92 50.95 7.47
CA GLY B 45 -16.58 51.98 6.69
C GLY B 45 -17.96 51.52 6.26
N GLY B 50 -21.62 49.67 -0.30
CA GLY B 50 -22.01 48.85 0.84
C GLY B 50 -21.12 49.09 2.06
N THR B 51 -21.22 48.18 3.05
CA THR B 51 -20.53 48.28 4.35
C THR B 51 -19.45 47.19 4.59
N VAL B 52 -18.30 47.57 5.17
CA VAL B 52 -17.16 46.65 5.30
C VAL B 52 -16.76 46.29 6.72
N TYR B 53 -16.68 44.99 6.99
CA TYR B 53 -16.31 44.46 8.30
C TYR B 53 -15.01 43.65 8.29
N LYS B 54 -14.32 43.58 9.42
CA LYS B 54 -13.20 42.65 9.55
C LYS B 54 -13.76 41.36 10.11
N GLY B 55 -13.54 40.26 9.40
CA GLY B 55 -14.12 38.99 9.78
C GLY B 55 -13.11 37.88 9.89
N LYS B 56 -13.60 36.65 9.80
CA LYS B 56 -12.78 35.47 9.97
C LYS B 56 -13.30 34.39 9.06
N TRP B 57 -12.41 33.89 8.19
CA TRP B 57 -12.70 32.72 7.38
C TRP B 57 -11.41 32.18 6.80
N HIS B 58 -10.82 31.22 7.50
CA HIS B 58 -9.50 30.70 7.19
C HIS B 58 -8.48 31.79 7.35
N GLY B 59 -8.56 32.51 8.46
CA GLY B 59 -7.66 33.62 8.75
C GLY B 59 -8.41 34.93 8.69
N ASP B 60 -7.69 36.03 8.91
CA ASP B 60 -8.29 37.34 8.78
C ASP B 60 -8.73 37.58 7.35
N VAL B 61 -9.97 38.04 7.17
CA VAL B 61 -10.47 38.45 5.86
C VAL B 61 -11.20 39.77 5.99
N ALA B 62 -11.48 40.38 4.85
CA ALA B 62 -12.35 41.55 4.79
C ALA B 62 -13.73 41.13 4.25
N VAL B 63 -14.79 41.51 4.96
CA VAL B 63 -16.14 41.16 4.53
C VAL B 63 -16.97 42.40 4.18
N LYS B 64 -17.42 42.49 2.93
CA LYS B 64 -18.21 43.65 2.49
C LYS B 64 -19.68 43.28 2.28
N MET B 65 -20.55 43.82 3.13
CA MET B 65 -21.93 43.39 3.18
C MET B 65 -22.94 44.42 2.71
N LEU B 66 -24.06 43.89 2.23
CA LEU B 66 -25.22 44.70 1.92
C LEU B 66 -26.15 44.62 3.13
N ASN B 67 -25.92 45.52 4.09
CA ASN B 67 -26.57 45.53 5.39
C ASN B 67 -28.04 45.11 5.42
N VAL B 68 -28.78 45.55 4.43
CA VAL B 68 -30.22 45.39 4.44
C VAL B 68 -30.69 43.93 4.33
N THR B 69 -32.01 43.76 4.29
CA THR B 69 -32.62 42.44 4.47
C THR B 69 -33.35 41.96 3.21
N ALA B 70 -33.90 42.91 2.46
CA ALA B 70 -34.60 42.57 1.23
C ALA B 70 -33.83 43.15 0.04
N PRO B 71 -32.96 42.34 -0.56
CA PRO B 71 -32.15 42.81 -1.69
C PRO B 71 -32.99 43.04 -2.94
N THR B 72 -33.08 44.30 -3.36
CA THR B 72 -33.80 44.65 -4.60
C THR B 72 -33.08 43.98 -5.75
N PRO B 73 -33.79 43.70 -6.84
CA PRO B 73 -33.12 43.05 -7.97
C PRO B 73 -32.02 43.92 -8.57
N GLN B 74 -31.99 45.20 -8.20
CA GLN B 74 -30.93 46.09 -8.66
C GLN B 74 -29.69 45.92 -7.80
N GLN B 75 -29.87 45.79 -6.50
CA GLN B 75 -28.77 45.50 -5.60
C GLN B 75 -28.25 44.11 -5.88
N LEU B 76 -29.14 43.25 -6.35
CA LEU B 76 -28.76 41.88 -6.71
C LEU B 76 -27.84 41.85 -7.91
N GLN B 77 -28.21 42.52 -8.99
CA GLN B 77 -27.36 42.56 -10.17
C GLN B 77 -26.06 43.28 -9.88
N ALA B 78 -26.07 44.15 -8.88
CA ALA B 78 -24.88 44.88 -8.50
C ALA B 78 -23.91 43.83 -8.01
N PHE B 79 -24.35 43.10 -6.98
CA PHE B 79 -23.62 41.97 -6.40
C PHE B 79 -23.13 40.96 -7.45
N LYS B 80 -24.05 40.41 -8.23
CA LYS B 80 -23.69 39.50 -9.31
C LYS B 80 -22.58 40.07 -10.20
N ASN B 81 -22.67 41.36 -10.52
CA ASN B 81 -21.69 41.98 -11.41
C ASN B 81 -20.34 42.13 -10.73
N GLU B 82 -20.36 42.55 -9.46
CA GLU B 82 -19.11 42.81 -8.76
C GLU B 82 -18.32 41.54 -8.54
N VAL B 83 -19.04 40.46 -8.24
CA VAL B 83 -18.45 39.15 -8.09
C VAL B 83 -17.92 38.70 -9.42
N GLY B 84 -18.71 38.93 -10.46
CA GLY B 84 -18.33 38.54 -11.80
C GLY B 84 -16.97 39.09 -12.21
N VAL B 85 -16.71 40.34 -11.84
CA VAL B 85 -15.47 41.01 -12.19
C VAL B 85 -14.33 40.44 -11.35
N LEU B 86 -14.53 40.36 -10.04
CA LEU B 86 -13.46 39.94 -9.17
C LEU B 86 -12.95 38.55 -9.57
N ARG B 87 -13.88 37.66 -9.90
CA ARG B 87 -13.59 36.30 -10.33
C ARG B 87 -12.53 36.24 -11.40
N LYS B 88 -12.45 37.27 -12.23
CA LYS B 88 -11.48 37.26 -13.30
C LYS B 88 -10.13 37.84 -12.89
N THR B 89 -9.96 38.19 -11.62
CA THR B 89 -8.68 38.79 -11.22
C THR B 89 -7.81 37.91 -10.36
N ARG B 90 -6.57 37.74 -10.81
CA ARG B 90 -5.52 37.07 -10.03
C ARG B 90 -4.23 37.77 -10.36
N HIS B 91 -3.83 38.71 -9.53
CA HIS B 91 -2.64 39.50 -9.77
C HIS B 91 -2.24 40.09 -8.43
N VAL B 92 -0.95 40.18 -8.16
CA VAL B 92 -0.52 40.67 -6.86
C VAL B 92 -0.94 42.12 -6.55
N ASN B 93 -1.32 42.91 -7.55
CA ASN B 93 -1.76 44.29 -7.25
C ASN B 93 -3.27 44.46 -7.31
N ILE B 94 -4.00 43.37 -7.51
CA ILE B 94 -5.44 43.46 -7.29
C ILE B 94 -5.72 42.78 -5.96
N LEU B 95 -6.49 43.45 -5.12
CA LEU B 95 -6.84 42.93 -3.80
C LEU B 95 -7.52 41.59 -3.99
N LEU B 96 -7.13 40.59 -3.21
CA LEU B 96 -7.48 39.21 -3.53
C LEU B 96 -8.92 38.81 -3.18
N PHE B 97 -9.75 38.65 -4.20
CA PHE B 97 -11.09 38.14 -4.00
C PHE B 97 -10.96 36.70 -3.47
N MET B 98 -11.70 36.37 -2.41
CA MET B 98 -11.65 35.01 -1.83
C MET B 98 -12.92 34.19 -1.96
N GLY B 99 -14.07 34.85 -1.99
CA GLY B 99 -15.33 34.16 -2.20
C GLY B 99 -16.49 35.02 -1.77
N TYR B 100 -17.71 34.55 -2.03
CA TYR B 100 -18.89 35.33 -1.68
C TYR B 100 -19.91 34.54 -0.90
N SER B 101 -20.74 35.23 -0.13
CA SER B 101 -21.83 34.58 0.57
C SER B 101 -23.17 35.20 0.19
N THR B 102 -24.21 34.37 0.17
CA THR B 102 -25.57 34.85 -0.12
C THR B 102 -26.51 34.79 1.09
N LYS B 103 -26.59 33.64 1.73
CA LYS B 103 -27.67 33.36 2.70
C LYS B 103 -27.83 34.32 3.88
N PRO B 104 -26.78 34.56 4.68
CA PRO B 104 -27.02 35.50 5.79
C PRO B 104 -27.38 36.89 5.25
N GLN B 105 -26.41 37.51 4.58
CA GLN B 105 -26.64 38.70 3.79
C GLN B 105 -25.79 38.50 2.53
N LEU B 106 -25.99 39.33 1.52
CA LEU B 106 -25.09 39.32 0.36
C LEU B 106 -23.73 39.87 0.82
N ALA B 107 -22.65 39.16 0.54
CA ALA B 107 -21.33 39.62 0.97
C ALA B 107 -20.17 39.14 0.07
N ILE B 108 -19.14 39.97 0.01
CA ILE B 108 -17.95 39.64 -0.74
C ILE B 108 -16.80 39.51 0.25
N VAL B 109 -16.11 38.38 0.20
CA VAL B 109 -14.94 38.14 1.05
C VAL B 109 -13.63 38.31 0.28
N THR B 110 -12.69 39.09 0.83
CA THR B 110 -11.39 39.33 0.20
C THR B 110 -10.31 39.21 1.26
N GLN B 111 -9.04 39.16 0.82
CA GLN B 111 -7.91 39.14 1.76
C GLN B 111 -8.01 40.29 2.73
N TRP B 112 -7.49 40.12 3.94
CA TRP B 112 -7.40 41.25 4.85
C TRP B 112 -6.10 42.00 4.58
N CYS B 113 -6.11 43.31 4.77
CA CYS B 113 -4.87 44.06 4.62
C CYS B 113 -4.41 44.63 5.93
N GLU B 114 -3.13 44.45 6.21
CA GLU B 114 -2.53 45.12 7.34
C GLU B 114 -1.90 46.35 6.73
N GLY B 115 -2.14 47.50 7.34
CA GLY B 115 -1.59 48.73 6.83
C GLY B 115 -2.65 49.54 6.12
N SER B 116 -2.28 50.75 5.76
CA SER B 116 -3.27 51.77 5.43
C SER B 116 -3.47 51.98 3.94
N SER B 117 -4.48 52.77 3.61
CA SER B 117 -4.74 53.14 2.23
C SER B 117 -3.75 54.22 1.82
N LEU B 118 -3.65 54.46 0.52
CA LEU B 118 -2.74 55.49 0.08
C LEU B 118 -3.26 56.83 0.54
N TYR B 119 -4.59 56.93 0.61
CA TYR B 119 -5.25 58.14 1.09
C TYR B 119 -4.75 58.45 2.47
N HIS B 120 -4.74 57.43 3.30
CA HIS B 120 -4.40 57.59 4.71
C HIS B 120 -2.95 58.00 4.87
N HIS B 121 -2.03 57.32 4.18
CA HIS B 121 -0.63 57.72 4.20
C HIS B 121 -0.45 59.18 3.78
N LEU B 122 -1.04 59.55 2.65
CA LEU B 122 -0.76 60.84 2.04
C LEU B 122 -1.42 62.04 2.71
N HIS B 123 -2.62 61.88 3.27
CA HIS B 123 -3.37 63.05 3.73
C HIS B 123 -3.73 62.99 5.19
N ILE B 124 -3.43 61.86 5.84
CA ILE B 124 -3.77 61.71 7.26
C ILE B 124 -2.51 61.66 8.12
N ILE B 125 -1.70 60.63 7.92
CA ILE B 125 -0.46 60.53 8.67
C ILE B 125 0.74 61.10 7.92
N GLU B 126 0.46 61.69 6.76
CA GLU B 126 1.46 62.40 5.94
C GLU B 126 2.80 61.71 5.88
N THR B 127 2.79 60.41 5.60
CA THR B 127 3.98 59.59 5.53
C THR B 127 5.04 60.20 4.63
N LYS B 128 6.27 60.29 5.11
CA LYS B 128 7.28 60.96 4.32
C LYS B 128 8.01 59.97 3.42
N PHE B 129 7.32 59.53 2.37
CA PHE B 129 7.90 58.58 1.43
C PHE B 129 9.03 59.26 0.67
N GLU B 130 10.09 58.51 0.37
CA GLU B 130 11.11 58.97 -0.56
C GLU B 130 10.55 58.92 -1.99
N MET B 131 11.07 59.78 -2.86
CA MET B 131 10.58 59.90 -4.23
C MET B 131 10.67 58.56 -4.99
N ILE B 132 11.69 57.78 -4.73
CA ILE B 132 11.77 56.47 -5.36
C ILE B 132 10.56 55.56 -4.97
N LYS B 133 10.05 55.75 -3.75
CA LYS B 133 8.91 54.98 -3.24
C LYS B 133 7.63 55.44 -3.91
N LEU B 134 7.42 56.75 -3.92
CA LEU B 134 6.31 57.38 -4.63
C LEU B 134 6.26 56.93 -6.08
N ILE B 135 7.42 56.90 -6.74
CA ILE B 135 7.44 56.45 -8.13
C ILE B 135 7.02 54.99 -8.18
N ASP B 136 7.47 54.22 -7.20
CA ASP B 136 7.18 52.81 -7.18
C ASP B 136 5.69 52.55 -6.94
N ILE B 137 5.06 53.41 -6.14
CA ILE B 137 3.63 53.26 -5.86
C ILE B 137 2.85 53.54 -7.12
N ALA B 138 3.24 54.60 -7.82
CA ALA B 138 2.75 54.89 -9.14
C ALA B 138 2.86 53.65 -10.02
N ARG B 139 4.08 53.11 -10.08
CA ARG B 139 4.36 51.94 -10.94
CA ARG B 139 4.41 51.93 -10.90
C ARG B 139 3.50 50.73 -10.63
N GLN B 140 3.35 50.41 -9.36
CA GLN B 140 2.54 49.26 -9.03
C GLN B 140 1.09 49.54 -9.35
N THR B 141 0.59 50.72 -8.99
CA THR B 141 -0.80 51.06 -9.27
C THR B 141 -1.08 50.91 -10.77
N ALA B 142 -0.15 51.42 -11.57
CA ALA B 142 -0.22 51.23 -13.02
C ALA B 142 -0.24 49.75 -13.42
N GLN B 143 0.58 48.94 -12.73
CA GLN B 143 0.67 47.51 -13.01
C GLN B 143 -0.67 46.81 -12.80
N GLY B 144 -1.33 47.08 -11.68
CA GLY B 144 -2.64 46.55 -11.44
C GLY B 144 -3.69 47.02 -12.46
N MET B 145 -3.61 48.28 -12.85
CA MET B 145 -4.58 48.81 -13.80
C MET B 145 -4.36 48.23 -15.18
N ASP B 146 -3.10 47.96 -15.50
CA ASP B 146 -2.73 47.45 -16.81
C ASP B 146 -3.33 46.08 -16.93
N TYR B 147 -3.25 45.33 -15.83
CA TYR B 147 -3.77 43.98 -15.76
C TYR B 147 -5.29 43.94 -15.92
N LEU B 148 -6.00 44.86 -15.27
CA LEU B 148 -7.45 44.94 -15.41
C LEU B 148 -7.85 45.31 -16.84
N HIS B 149 -7.22 46.32 -17.40
CA HIS B 149 -7.65 46.79 -18.72
C HIS B 149 -7.39 45.70 -19.75
N ALA B 150 -6.34 44.92 -19.51
CA ALA B 150 -5.92 43.83 -20.39
C ALA B 150 -6.98 42.76 -20.46
N LYS B 151 -7.76 42.62 -19.39
CA LYS B 151 -8.92 41.75 -19.40
C LYS B 151 -10.22 42.55 -19.56
N SER B 152 -10.13 43.77 -20.07
CA SER B 152 -11.33 44.57 -20.39
C SER B 152 -12.21 45.03 -19.22
N ILE B 153 -11.61 45.18 -18.04
CA ILE B 153 -12.34 45.63 -16.89
C ILE B 153 -12.03 47.09 -16.72
N ILE B 154 -13.08 47.91 -16.67
CA ILE B 154 -12.93 49.30 -16.28
C ILE B 154 -13.34 49.44 -14.82
N HIS B 155 -12.45 49.98 -14.00
CA HIS B 155 -12.67 49.99 -12.57
C HIS B 155 -13.76 50.98 -12.15
N ARG B 156 -13.67 52.19 -12.72
CA ARG B 156 -14.64 53.29 -12.54
C ARG B 156 -14.70 53.97 -11.17
N ASP B 157 -13.88 53.54 -10.23
CA ASP B 157 -13.84 54.18 -8.93
C ASP B 157 -12.43 54.12 -8.36
N LEU B 158 -11.43 54.31 -9.22
CA LEU B 158 -10.04 54.38 -8.78
C LEU B 158 -9.78 55.71 -8.07
N LYS B 159 -9.16 55.63 -6.90
CA LYS B 159 -8.82 56.81 -6.10
C LYS B 159 -7.98 56.35 -4.91
N SER B 160 -7.22 57.27 -4.34
CA SER B 160 -6.38 57.04 -3.15
C SER B 160 -6.90 56.03 -2.13
N ASN B 161 -8.18 56.13 -1.81
CA ASN B 161 -8.78 55.27 -0.80
C ASN B 161 -8.86 53.82 -1.23
N ASN B 162 -8.83 53.57 -2.54
CA ASN B 162 -9.02 52.24 -3.06
C ASN B 162 -7.70 51.66 -3.49
N ILE B 163 -6.63 52.24 -2.97
CA ILE B 163 -5.27 51.79 -3.23
C ILE B 163 -4.62 51.55 -1.88
N PHE B 164 -4.38 50.28 -1.55
CA PHE B 164 -3.87 49.94 -0.23
C PHE B 164 -2.38 49.59 -0.29
N LEU B 165 -1.58 50.20 0.59
CA LEU B 165 -0.19 49.79 0.73
C LEU B 165 -0.14 48.68 1.73
N HIS B 166 -0.25 47.46 1.23
CA HIS B 166 -0.32 46.24 2.04
C HIS B 166 1.06 45.98 2.60
N GLU B 167 1.13 45.75 3.90
CA GLU B 167 2.41 45.61 4.61
C GLU B 167 3.41 46.74 4.28
N ASP B 168 2.88 47.89 3.87
CA ASP B 168 3.64 49.08 3.46
C ASP B 168 4.52 48.90 2.20
N LEU B 169 4.34 47.77 1.51
CA LEU B 169 5.28 47.35 0.45
C LEU B 169 4.64 46.98 -0.88
N THR B 170 3.33 46.82 -0.90
CA THR B 170 2.69 46.27 -2.08
C THR B 170 1.33 46.91 -2.32
N VAL B 171 1.16 47.49 -3.51
CA VAL B 171 -0.06 48.20 -3.79
C VAL B 171 -1.11 47.21 -4.18
N LYS B 172 -2.21 47.18 -3.42
CA LYS B 172 -3.36 46.40 -3.81
C LYS B 172 -4.55 47.31 -4.12
N ILE B 173 -5.00 47.34 -5.38
CA ILE B 173 -6.21 48.08 -5.76
C ILE B 173 -7.49 47.33 -5.40
N GLY B 174 -8.40 47.97 -4.67
CA GLY B 174 -9.62 47.31 -4.25
C GLY B 174 -10.91 48.00 -4.63
N ASP B 175 -11.98 47.70 -3.88
CA ASP B 175 -13.33 48.23 -4.15
C ASP B 175 -13.79 48.17 -5.59
N PHE B 176 -14.35 47.04 -6.00
CA PHE B 176 -14.78 46.88 -7.38
C PHE B 176 -16.29 47.03 -7.52
N GLY B 177 -16.86 47.76 -6.57
CA GLY B 177 -18.29 48.04 -6.57
C GLY B 177 -18.82 48.79 -7.79
N LEU B 178 -17.96 49.49 -8.54
CA LEU B 178 -18.44 50.16 -9.74
C LEU B 178 -17.83 49.55 -10.99
N ALA B 179 -16.96 48.56 -10.80
CA ALA B 179 -16.26 47.93 -11.91
C ALA B 179 -17.24 47.30 -12.91
N THR B 180 -16.82 47.27 -14.16
CA THR B 180 -17.67 46.80 -15.24
C THR B 180 -16.79 46.23 -16.34
N VAL B 181 -17.36 45.34 -17.14
CA VAL B 181 -16.64 44.78 -18.29
C VAL B 181 -17.18 45.37 -19.58
N LYS B 182 -16.29 45.89 -20.42
CA LYS B 182 -16.71 46.43 -21.72
C LYS B 182 -17.51 45.47 -22.61
N SER B 183 -18.76 45.83 -22.90
CA SER B 183 -19.59 45.05 -23.82
C SER B 183 -19.28 45.35 -25.30
N ARG B 184 -19.16 44.30 -26.11
CA ARG B 184 -18.90 44.44 -27.55
C ARG B 184 -20.00 45.25 -28.25
N TRP B 185 -21.19 45.22 -27.67
CA TRP B 185 -22.35 45.88 -28.27
C TRP B 185 -22.87 47.15 -27.55
N SER B 186 -22.99 48.22 -28.34
CA SER B 186 -23.29 49.56 -27.85
C SER B 186 -24.66 49.79 -27.21
N GLY B 187 -25.58 48.84 -27.39
CA GLY B 187 -26.94 49.00 -26.90
C GLY B 187 -27.27 48.23 -25.63
N SER B 188 -26.25 47.58 -25.06
CA SER B 188 -26.44 46.82 -23.83
C SER B 188 -26.36 47.76 -22.65
N HIS B 189 -25.76 48.92 -22.87
CA HIS B 189 -25.44 49.86 -21.81
C HIS B 189 -26.66 50.27 -20.98
N GLN B 190 -27.56 51.03 -21.58
CA GLN B 190 -28.72 51.58 -20.88
C GLN B 190 -28.34 52.60 -19.81
N PHE B 191 -29.25 52.81 -18.86
CA PHE B 191 -29.16 53.95 -17.93
C PHE B 191 -28.68 53.62 -16.51
N GLU B 192 -27.60 54.30 -16.11
CA GLU B 192 -26.99 54.16 -14.79
C GLU B 192 -26.81 55.57 -14.19
N GLN B 193 -27.33 55.78 -12.98
CA GLN B 193 -27.20 57.08 -12.32
C GLN B 193 -25.74 57.32 -11.93
N LEU B 194 -25.17 58.45 -12.37
CA LEU B 194 -23.75 58.75 -12.12
C LEU B 194 -23.44 58.73 -10.63
N SER B 195 -22.48 57.88 -10.24
CA SER B 195 -21.95 57.90 -8.87
C SER B 195 -20.41 57.78 -8.79
N GLY B 196 -19.83 58.26 -7.70
CA GLY B 196 -18.40 58.29 -7.60
C GLY B 196 -17.89 59.55 -6.93
N SER B 197 -16.60 59.57 -6.60
CA SER B 197 -15.97 60.71 -5.96
C SER B 197 -15.55 61.73 -7.03
N ILE B 198 -15.90 63.00 -6.84
CA ILE B 198 -15.76 64.00 -7.91
C ILE B 198 -14.31 64.34 -8.26
N LEU B 199 -13.45 64.36 -7.26
CA LEU B 199 -12.07 64.75 -7.46
C LEU B 199 -11.32 63.85 -8.44
N TRP B 200 -11.84 62.64 -8.67
CA TRP B 200 -11.19 61.72 -9.58
C TRP B 200 -11.95 61.49 -10.89
N MET B 201 -13.10 62.16 -11.05
CA MET B 201 -13.94 62.00 -12.24
C MET B 201 -13.48 62.83 -13.43
N ALA B 202 -13.33 62.19 -14.56
CA ALA B 202 -12.90 62.87 -15.76
C ALA B 202 -13.99 63.81 -16.26
N PRO B 203 -13.60 64.86 -16.98
CA PRO B 203 -14.61 65.83 -17.42
C PRO B 203 -15.73 65.17 -18.25
N GLU B 204 -15.36 64.28 -19.16
CA GLU B 204 -16.35 63.58 -19.96
C GLU B 204 -17.30 62.72 -19.12
N VAL B 205 -16.80 62.13 -18.03
CA VAL B 205 -17.65 61.35 -17.14
C VAL B 205 -18.65 62.26 -16.44
N ILE B 206 -18.13 63.35 -15.85
CA ILE B 206 -18.99 64.34 -15.19
C ILE B 206 -20.08 64.82 -16.14
N ARG B 207 -19.68 65.23 -17.35
CA ARG B 207 -20.62 65.75 -18.32
C ARG B 207 -21.70 64.74 -18.62
N MET B 208 -21.29 63.48 -18.78
CA MET B 208 -22.24 62.38 -18.87
C MET B 208 -23.15 62.59 -20.08
N GLN B 209 -22.53 62.94 -21.21
CA GLN B 209 -23.22 63.18 -22.49
C GLN B 209 -23.39 61.97 -23.38
N ASP B 210 -22.47 61.01 -23.31
CA ASP B 210 -22.55 59.78 -24.12
C ASP B 210 -23.45 58.77 -23.45
N LYS B 211 -23.76 57.68 -24.14
CA LYS B 211 -24.48 56.58 -23.50
C LYS B 211 -23.52 56.01 -22.48
N ASN B 212 -22.28 55.78 -22.92
CA ASN B 212 -21.21 55.32 -22.03
C ASN B 212 -19.96 56.18 -22.08
N PRO B 213 -19.84 57.12 -21.15
CA PRO B 213 -18.68 58.01 -21.04
C PRO B 213 -17.49 57.38 -20.34
N TYR B 214 -17.64 56.18 -19.79
CA TYR B 214 -16.47 55.53 -19.22
C TYR B 214 -15.62 54.88 -20.30
N SER B 215 -14.32 54.81 -20.05
CA SER B 215 -13.41 54.21 -21.00
C SER B 215 -12.17 53.83 -20.22
N PHE B 216 -11.23 53.14 -20.84
CA PHE B 216 -9.96 52.90 -20.16
C PHE B 216 -9.40 54.26 -19.80
N GLN B 217 -9.67 55.24 -20.67
CA GLN B 217 -9.10 56.56 -20.52
C GLN B 217 -9.63 57.28 -19.28
N SER B 218 -10.90 57.04 -18.92
CA SER B 218 -11.43 57.64 -17.69
C SER B 218 -10.69 57.13 -16.43
N ASP B 219 -10.43 55.83 -16.38
CA ASP B 219 -9.54 55.23 -15.37
C ASP B 219 -8.16 55.91 -15.34
N VAL B 220 -7.59 56.14 -16.51
CA VAL B 220 -6.31 56.84 -16.57
C VAL B 220 -6.38 58.21 -15.90
N TYR B 221 -7.42 58.97 -16.22
CA TYR B 221 -7.59 60.28 -15.60
C TYR B 221 -7.59 60.20 -14.06
N ALA B 222 -8.37 59.26 -13.52
CA ALA B 222 -8.37 59.04 -12.09
C ALA B 222 -6.93 58.79 -11.63
N PHE B 223 -6.23 57.90 -12.34
CA PHE B 223 -4.83 57.60 -11.98
C PHE B 223 -4.01 58.89 -12.08
N GLY B 224 -4.39 59.76 -13.02
CA GLY B 224 -3.78 61.06 -13.13
C GLY B 224 -3.90 61.84 -11.83
N ILE B 225 -5.11 61.87 -11.24
CA ILE B 225 -5.31 62.55 -9.97
C ILE B 225 -4.51 61.88 -8.86
N VAL B 226 -4.35 60.56 -8.95
CA VAL B 226 -3.50 59.86 -7.98
C VAL B 226 -2.05 60.32 -8.11
N LEU B 227 -1.55 60.47 -9.34
CA LEU B 227 -0.21 61.02 -9.51
C LEU B 227 -0.12 62.36 -8.82
N TYR B 228 -1.17 63.15 -8.98
CA TYR B 228 -1.26 64.47 -8.35
C TYR B 228 -1.08 64.35 -6.84
N GLU B 229 -1.85 63.48 -6.20
CA GLU B 229 -1.71 63.33 -4.76
C GLU B 229 -0.28 62.88 -4.42
N LEU B 230 0.26 61.99 -5.24
CA LEU B 230 1.59 61.45 -4.98
C LEU B 230 2.70 62.49 -5.14
N MET B 231 2.63 63.28 -6.21
CA MET B 231 3.66 64.26 -6.46
C MET B 231 3.45 65.61 -5.74
N THR B 232 2.29 65.81 -5.13
CA THR B 232 2.04 67.08 -4.46
C THR B 232 1.77 66.93 -2.98
N GLY B 233 1.15 65.85 -2.56
CA GLY B 233 0.84 65.70 -1.15
C GLY B 233 -0.53 66.25 -0.78
N GLN B 234 -1.23 66.83 -1.75
CA GLN B 234 -2.54 67.37 -1.48
C GLN B 234 -3.57 66.96 -2.55
N LEU B 235 -4.84 66.97 -2.17
CA LEU B 235 -5.93 66.77 -3.14
C LEU B 235 -6.02 67.98 -4.04
N PRO B 236 -6.67 67.83 -5.20
CA PRO B 236 -6.85 68.99 -6.08
C PRO B 236 -7.94 69.94 -5.57
N TYR B 237 -7.90 71.18 -6.07
CA TYR B 237 -8.89 72.20 -5.76
C TYR B 237 -9.09 72.53 -4.27
N SER B 238 -7.98 72.63 -3.53
CA SER B 238 -8.04 72.85 -2.09
C SER B 238 -8.61 74.21 -1.69
N ASN B 239 -8.65 75.15 -2.62
CA ASN B 239 -9.21 76.47 -2.32
C ASN B 239 -10.74 76.50 -2.49
N ILE B 240 -11.27 75.51 -3.20
CA ILE B 240 -12.69 75.41 -3.49
C ILE B 240 -13.35 74.36 -2.62
N ASN B 241 -14.42 74.74 -1.93
CA ASN B 241 -15.08 73.81 -1.01
C ASN B 241 -16.53 73.63 -1.38
N ASN B 242 -16.92 74.24 -2.50
CA ASN B 242 -18.26 74.12 -3.08
C ASN B 242 -18.32 72.88 -3.99
N ARG B 243 -19.02 71.85 -3.54
CA ARG B 243 -19.09 70.59 -4.26
C ARG B 243 -19.66 70.72 -5.69
N ASP B 244 -20.86 71.29 -5.78
CA ASP B 244 -21.49 71.53 -7.07
C ASP B 244 -20.64 72.46 -7.98
N GLN B 245 -19.89 73.40 -7.41
CA GLN B 245 -19.09 74.27 -8.24
C GLN B 245 -17.99 73.48 -8.97
N ILE B 246 -17.32 72.59 -8.24
CA ILE B 246 -16.28 71.72 -8.79
C ILE B 246 -16.81 70.83 -9.91
N ILE B 247 -17.95 70.18 -9.65
CA ILE B 247 -18.60 69.39 -10.71
C ILE B 247 -18.85 70.24 -11.95
N PHE B 248 -19.44 71.42 -11.75
CA PHE B 248 -19.74 72.32 -12.85
C PHE B 248 -18.50 72.88 -13.56
N MET B 249 -17.50 73.32 -12.80
CA MET B 249 -16.32 73.91 -13.43
C MET B 249 -15.39 72.90 -14.08
N VAL B 250 -15.39 71.67 -13.59
CA VAL B 250 -14.52 70.68 -14.18
C VAL B 250 -15.20 70.18 -15.45
N GLY B 251 -16.49 69.90 -15.37
CA GLY B 251 -17.21 69.45 -16.54
C GLY B 251 -17.17 70.44 -17.69
N ARG B 252 -17.00 71.71 -17.38
CA ARG B 252 -17.12 72.79 -18.34
C ARG B 252 -15.77 73.10 -18.98
N GLY B 253 -14.70 72.67 -18.31
CA GLY B 253 -13.36 72.97 -18.77
C GLY B 253 -12.70 74.13 -18.04
N TYR B 254 -13.44 74.84 -17.21
CA TYR B 254 -12.86 75.99 -16.50
C TYR B 254 -11.79 75.54 -15.51
N LEU B 255 -12.05 74.44 -14.81
CA LEU B 255 -11.22 74.02 -13.69
C LEU B 255 -10.41 72.76 -14.02
N SER B 256 -9.15 72.74 -13.58
CA SER B 256 -8.25 71.61 -13.78
C SER B 256 -7.12 71.74 -12.78
N PRO B 257 -6.46 70.62 -12.45
CA PRO B 257 -5.51 70.65 -11.32
C PRO B 257 -4.36 71.59 -11.57
N ASP B 258 -3.89 72.24 -10.51
CA ASP B 258 -2.84 73.23 -10.64
C ASP B 258 -1.53 72.50 -10.52
N LEU B 259 -0.91 72.19 -11.65
CA LEU B 259 0.27 71.35 -11.67
C LEU B 259 1.49 72.00 -11.05
N SER B 260 1.41 73.29 -10.76
CA SER B 260 2.53 74.02 -10.15
C SER B 260 2.78 73.58 -8.72
N LYS B 261 1.87 72.78 -8.17
CA LYS B 261 1.93 72.46 -6.76
C LYS B 261 2.70 71.17 -6.51
N VAL B 262 3.26 70.61 -7.58
CA VAL B 262 4.12 69.43 -7.44
C VAL B 262 5.34 69.81 -6.63
N ARG B 263 5.75 68.93 -5.73
CA ARG B 263 6.96 69.20 -4.96
C ARG B 263 8.19 69.20 -5.86
N SER B 264 9.22 69.96 -5.48
CA SER B 264 10.40 70.19 -6.33
C SER B 264 11.24 68.94 -6.65
N ASN B 265 11.16 67.91 -5.83
CA ASN B 265 11.89 66.66 -6.12
C ASN B 265 11.17 65.76 -7.12
N CYS B 266 10.09 66.24 -7.72
CA CYS B 266 9.34 65.43 -8.65
C CYS B 266 9.99 65.43 -10.02
N PRO B 267 10.47 64.26 -10.47
CA PRO B 267 11.13 64.13 -11.77
C PRO B 267 10.30 64.79 -12.84
N LYS B 268 10.94 65.50 -13.76
CA LYS B 268 10.23 66.17 -14.82
C LYS B 268 9.35 65.22 -15.63
N ALA B 269 9.82 63.97 -15.77
CA ALA B 269 9.10 62.96 -16.55
C ALA B 269 7.74 62.63 -15.91
N MET B 270 7.71 62.68 -14.58
CA MET B 270 6.48 62.44 -13.83
C MET B 270 5.47 63.57 -13.99
N LYS B 271 5.95 64.80 -13.82
CA LYS B 271 5.11 65.96 -14.06
C LYS B 271 4.49 65.89 -15.45
N ARG B 272 5.30 65.61 -16.46
CA ARG B 272 4.76 65.47 -17.82
C ARG B 272 3.76 64.35 -17.88
N LEU B 273 4.10 63.20 -17.30
CA LEU B 273 3.23 62.03 -17.33
C LEU B 273 1.91 62.29 -16.61
N MET B 274 1.97 63.04 -15.52
CA MET B 274 0.77 63.43 -14.82
C MET B 274 -0.10 64.33 -15.70
N ALA B 275 0.51 65.34 -16.32
CA ALA B 275 -0.25 66.26 -17.18
C ALA B 275 -0.85 65.53 -18.34
N GLU B 276 -0.21 64.46 -18.77
CA GLU B 276 -0.74 63.70 -19.89
C GLU B 276 -1.94 62.86 -19.49
N CYS B 277 -1.87 62.24 -18.32
CA CYS B 277 -2.97 61.43 -17.85
C CYS B 277 -4.19 62.31 -17.60
N LEU B 278 -3.93 63.60 -17.35
CA LEU B 278 -4.98 64.54 -16.96
C LEU B 278 -5.57 65.33 -18.12
N LYS B 279 -5.11 65.07 -19.35
CA LYS B 279 -5.62 65.78 -20.52
C LYS B 279 -7.14 65.76 -20.56
N LYS B 280 -7.75 66.86 -20.99
CA LYS B 280 -9.21 66.99 -20.98
C LYS B 280 -9.82 66.18 -22.11
N LYS B 281 -9.14 66.20 -23.25
CA LYS B 281 -9.55 65.41 -24.41
C LYS B 281 -9.13 63.96 -24.15
N ARG B 282 -10.07 63.10 -23.78
CA ARG B 282 -9.72 61.76 -23.32
C ARG B 282 -8.77 60.99 -24.23
N ASP B 283 -8.96 61.11 -25.54
CA ASP B 283 -8.13 60.34 -26.48
C ASP B 283 -6.66 60.77 -26.42
N GLU B 284 -6.39 61.96 -25.90
CA GLU B 284 -5.02 62.46 -25.72
C GLU B 284 -4.27 61.82 -24.53
N ARG B 285 -5.00 61.09 -23.69
CA ARG B 285 -4.41 60.40 -22.55
C ARG B 285 -3.72 59.07 -22.92
N PRO B 286 -2.57 58.79 -22.31
CA PRO B 286 -1.92 57.50 -22.58
C PRO B 286 -2.65 56.34 -21.91
N LEU B 287 -2.52 55.14 -22.45
CA LEU B 287 -3.04 53.96 -21.74
C LEU B 287 -1.97 53.28 -20.87
N PHE B 288 -2.34 52.23 -20.17
CA PHE B 288 -1.42 51.75 -19.12
C PHE B 288 -0.10 51.11 -19.54
N PRO B 289 -0.09 50.34 -20.66
CA PRO B 289 1.24 49.93 -21.14
C PRO B 289 2.14 51.14 -21.39
N GLN B 290 1.64 52.17 -22.09
CA GLN B 290 2.44 53.38 -22.32
C GLN B 290 2.84 54.07 -21.01
N ILE B 291 1.90 54.16 -20.07
CA ILE B 291 2.22 54.69 -18.74
C ILE B 291 3.29 53.86 -18.08
N LEU B 292 3.15 52.52 -18.13
CA LEU B 292 4.17 51.64 -17.53
C LEU B 292 5.56 51.87 -18.13
N ALA B 293 5.61 51.94 -19.47
CA ALA B 293 6.85 52.24 -20.18
C ALA B 293 7.45 53.57 -19.72
N SER B 294 6.63 54.61 -19.63
CA SER B 294 7.15 55.90 -19.21
C SER B 294 7.82 55.80 -17.86
N ILE B 295 7.25 55.00 -16.97
CA ILE B 295 7.81 54.94 -15.62
C ILE B 295 9.06 54.09 -15.59
N GLU B 296 9.08 53.00 -16.36
CA GLU B 296 10.29 52.17 -16.47
C GLU B 296 11.47 52.96 -17.03
N LEU B 297 11.27 53.58 -18.18
CA LEU B 297 12.23 54.49 -18.79
C LEU B 297 12.76 55.58 -17.83
N LEU B 298 11.86 56.15 -17.03
CA LEU B 298 12.26 57.08 -15.97
C LEU B 298 13.18 56.41 -14.97
N ALA B 299 12.70 55.30 -14.41
CA ALA B 299 13.46 54.52 -13.44
C ALA B 299 14.87 54.20 -13.95
N ARG B 300 14.96 53.92 -15.23
CA ARG B 300 16.21 53.59 -15.89
C ARG B 300 17.20 54.76 -15.87
N SER B 301 16.72 55.96 -15.56
CA SER B 301 17.51 57.20 -15.66
C SER B 301 18.28 57.63 -14.41
N LEU B 302 17.95 57.07 -13.25
CA LEU B 302 18.69 57.46 -12.05
C LEU B 302 19.60 56.33 -11.54
N PRO B 303 20.71 56.70 -10.88
CA PRO B 303 21.69 55.68 -10.43
C PRO B 303 21.28 54.97 -9.14
N ASP C 30 -11.96 31.68 -18.02
CA ASP C 30 -10.83 30.81 -18.33
C ASP C 30 -9.49 31.53 -18.09
N TRP C 31 -8.48 30.76 -17.69
CA TRP C 31 -7.19 31.31 -17.28
C TRP C 31 -6.07 31.00 -18.26
N GLU C 32 -6.43 30.70 -19.50
CA GLU C 32 -5.42 30.46 -20.51
C GLU C 32 -4.81 31.76 -21.02
N ILE C 33 -3.50 31.89 -20.89
CA ILE C 33 -2.76 33.03 -21.42
C ILE C 33 -2.36 32.76 -22.87
N PRO C 34 -2.86 33.62 -23.78
CA PRO C 34 -2.65 33.44 -25.23
C PRO C 34 -1.18 33.47 -25.57
N ASP C 35 -0.80 32.66 -26.55
CA ASP C 35 0.59 32.57 -26.94
C ASP C 35 1.08 33.94 -27.40
N GLY C 36 2.23 34.35 -26.90
CA GLY C 36 2.84 35.58 -27.31
C GLY C 36 3.14 36.53 -26.17
N GLN C 37 2.43 36.38 -25.05
CA GLN C 37 2.53 37.37 -23.97
C GLN C 37 3.61 37.06 -22.94
N ILE C 38 3.60 35.83 -22.42
CA ILE C 38 4.61 35.41 -21.45
C ILE C 38 6.01 35.45 -22.05
N THR C 39 6.92 36.16 -21.41
CA THR C 39 8.30 36.13 -21.87
C THR C 39 9.23 35.62 -20.76
N VAL C 40 9.75 34.43 -20.99
CA VAL C 40 10.58 33.69 -20.05
C VAL C 40 11.98 34.29 -19.89
N GLY C 41 12.59 34.10 -18.73
CA GLY C 41 13.95 34.58 -18.47
C GLY C 41 14.80 33.64 -17.64
N GLN C 42 15.49 34.18 -16.65
CA GLN C 42 16.42 33.44 -15.81
C GLN C 42 15.86 32.17 -15.14
N ARG C 43 16.40 31.00 -15.49
CA ARG C 43 16.08 29.74 -14.83
C ARG C 43 16.56 29.80 -13.36
N ILE C 44 16.01 28.94 -12.51
CA ILE C 44 16.29 28.99 -11.08
C ILE C 44 17.00 27.73 -10.59
N GLY C 50 15.85 22.10 -11.77
CA GLY C 50 15.43 23.46 -12.02
C GLY C 50 14.55 23.58 -13.26
N THR C 51 13.23 23.61 -13.05
CA THR C 51 12.26 23.67 -14.15
C THR C 51 11.37 24.92 -14.06
N VAL C 52 11.80 25.87 -13.24
CA VAL C 52 11.08 27.12 -13.02
C VAL C 52 11.91 28.34 -13.40
N TYR C 53 11.32 29.23 -14.20
CA TYR C 53 12.00 30.44 -14.64
C TYR C 53 11.31 31.71 -14.14
N LYS C 54 12.02 32.84 -14.22
CA LYS C 54 11.44 34.15 -13.94
C LYS C 54 10.95 34.76 -15.24
N GLY C 55 9.67 35.13 -15.28
CA GLY C 55 9.10 35.69 -16.49
C GLY C 55 8.50 37.07 -16.32
N LYS C 56 8.06 37.62 -17.44
CA LYS C 56 7.32 38.86 -17.44
C LYS C 56 5.99 38.54 -18.06
N TRP C 57 4.93 38.78 -17.31
CA TRP C 57 3.57 38.85 -17.82
C TRP C 57 2.82 39.71 -16.83
N HIS C 58 2.57 40.96 -17.20
CA HIS C 58 1.99 41.97 -16.33
C HIS C 58 2.80 42.10 -15.08
N GLY C 59 4.10 42.20 -15.26
CA GLY C 59 5.02 42.31 -14.15
C GLY C 59 5.78 41.02 -13.93
N ASP C 60 6.61 41.00 -12.91
CA ASP C 60 7.35 39.80 -12.57
C ASP C 60 6.40 38.65 -12.28
N VAL C 61 6.67 37.49 -12.88
CA VAL C 61 5.95 36.27 -12.56
C VAL C 61 6.94 35.13 -12.43
N ALA C 62 6.44 33.94 -12.17
CA ALA C 62 7.26 32.75 -12.18
C ALA C 62 6.58 31.81 -13.13
N VAL C 63 7.35 31.29 -14.10
CA VAL C 63 6.83 30.28 -15.02
C VAL C 63 7.47 28.95 -14.72
N LYS C 64 6.63 27.91 -14.55
CA LYS C 64 7.08 26.54 -14.41
C LYS C 64 6.76 25.80 -15.70
N MET C 65 7.81 25.42 -16.43
CA MET C 65 7.61 24.77 -17.71
C MET C 65 7.98 23.30 -17.75
N LEU C 66 7.50 22.65 -18.81
CA LEU C 66 7.82 21.27 -19.13
C LEU C 66 8.54 21.27 -20.49
N ASN C 67 9.86 21.43 -20.46
CA ASN C 67 10.67 21.76 -21.66
C ASN C 67 10.66 20.74 -22.82
N VAL C 68 9.92 19.65 -22.65
CA VAL C 68 9.81 18.61 -23.67
C VAL C 68 8.67 18.92 -24.67
N THR C 69 8.97 18.84 -25.96
CA THR C 69 7.97 19.14 -26.98
C THR C 69 7.18 17.87 -27.32
N ALA C 70 7.43 16.82 -26.57
CA ALA C 70 6.65 15.61 -26.67
C ALA C 70 5.80 15.45 -25.41
N PRO C 71 4.67 16.18 -25.34
CA PRO C 71 3.81 15.99 -24.18
C PRO C 71 3.28 14.56 -24.13
N THR C 72 3.84 13.77 -23.22
CA THR C 72 3.31 12.45 -22.91
C THR C 72 1.86 12.66 -22.58
N PRO C 73 0.97 11.78 -23.07
CA PRO C 73 -0.45 11.89 -22.70
C PRO C 73 -0.64 11.89 -21.19
N GLN C 74 0.41 11.45 -20.49
CA GLN C 74 0.46 11.46 -19.02
C GLN C 74 1.07 12.75 -18.48
N GLN C 75 1.87 13.41 -19.29
CA GLN C 75 2.43 14.71 -18.92
C GLN C 75 1.34 15.77 -19.07
N LEU C 76 0.53 15.63 -20.12
CA LEU C 76 -0.62 16.50 -20.35
C LEU C 76 -1.66 16.28 -19.25
N GLN C 77 -1.78 15.05 -18.78
CA GLN C 77 -2.71 14.78 -17.70
C GLN C 77 -2.21 15.45 -16.42
N ALA C 78 -0.89 15.42 -16.23
CA ALA C 78 -0.30 15.96 -15.01
C ALA C 78 -0.63 17.45 -14.89
N PHE C 79 -0.19 18.18 -15.92
CA PHE C 79 -0.48 19.58 -16.15
C PHE C 79 -1.97 19.93 -15.96
N LYS C 80 -2.84 19.16 -16.60
CA LYS C 80 -4.27 19.37 -16.48
C LYS C 80 -4.75 19.38 -15.03
N ASN C 81 -4.22 18.49 -14.20
CA ASN C 81 -4.67 18.38 -12.81
C ASN C 81 -4.07 19.42 -11.88
N GLU C 82 -2.78 19.71 -12.09
CA GLU C 82 -2.11 20.73 -11.29
C GLU C 82 -2.84 22.04 -11.44
N VAL C 83 -3.12 22.43 -12.69
CA VAL C 83 -3.90 23.61 -12.95
C VAL C 83 -5.27 23.51 -12.32
N GLY C 84 -5.97 22.41 -12.60
CA GLY C 84 -7.29 22.19 -12.03
C GLY C 84 -7.29 22.30 -10.52
N VAL C 85 -6.18 21.96 -9.88
CA VAL C 85 -6.10 22.15 -8.43
C VAL C 85 -5.89 23.63 -8.11
N LEU C 86 -4.80 24.19 -8.62
CA LEU C 86 -4.53 25.63 -8.52
C LEU C 86 -5.73 26.59 -8.73
N ARG C 87 -6.59 26.32 -9.72
CA ARG C 87 -7.73 27.20 -10.00
C ARG C 87 -8.69 27.30 -8.83
N LYS C 88 -8.52 26.45 -7.83
CA LYS C 88 -9.46 26.40 -6.73
C LYS C 88 -8.93 27.23 -5.59
N THR C 89 -7.75 27.80 -5.78
CA THR C 89 -7.09 28.45 -4.66
C THR C 89 -7.06 29.95 -4.76
N ARG C 90 -7.50 30.59 -3.68
CA ARG C 90 -7.48 32.03 -3.54
C ARG C 90 -7.34 32.27 -2.06
N HIS C 91 -6.10 32.20 -1.59
CA HIS C 91 -5.81 32.39 -0.17
C HIS C 91 -4.41 32.96 -0.08
N VAL C 92 -4.23 33.89 0.86
CA VAL C 92 -3.01 34.67 0.97
C VAL C 92 -1.77 33.83 1.35
N ASN C 93 -2.00 32.58 1.79
CA ASN C 93 -0.92 31.67 2.16
C ASN C 93 -0.70 30.55 1.15
N ILE C 94 -1.39 30.63 0.03
CA ILE C 94 -1.16 29.73 -1.08
C ILE C 94 -0.62 30.56 -2.22
N LEU C 95 0.51 30.15 -2.78
CA LEU C 95 1.10 30.78 -3.96
C LEU C 95 0.02 31.14 -4.97
N LEU C 96 0.00 32.40 -5.40
CA LEU C 96 -1.08 32.87 -6.25
C LEU C 96 -0.95 32.33 -7.67
N PHE C 97 -1.86 31.43 -8.06
CA PHE C 97 -1.91 30.98 -9.44
C PHE C 97 -2.47 32.12 -10.29
N MET C 98 -1.80 32.44 -11.39
CA MET C 98 -2.24 33.50 -12.31
C MET C 98 -2.76 32.99 -13.66
N GLY C 99 -2.27 31.85 -14.14
CA GLY C 99 -2.75 31.33 -15.41
C GLY C 99 -1.86 30.24 -15.99
N TYR C 100 -2.26 29.68 -17.13
CA TYR C 100 -1.48 28.64 -17.81
C TYR C 100 -1.35 28.90 -19.31
N SER C 101 -0.32 28.32 -19.91
CA SER C 101 -0.08 28.42 -21.35
C SER C 101 0.22 27.04 -21.92
N THR C 102 -0.25 26.78 -23.13
CA THR C 102 -0.02 25.48 -23.78
C THR C 102 0.78 25.59 -25.06
N LYS C 103 0.83 26.78 -25.67
CA LYS C 103 1.23 26.86 -27.08
C LYS C 103 2.69 27.13 -27.44
N PRO C 104 3.46 27.82 -26.60
CA PRO C 104 4.88 27.58 -26.88
C PRO C 104 5.33 26.28 -26.21
N GLN C 105 4.61 25.88 -25.16
CA GLN C 105 5.05 24.83 -24.26
C GLN C 105 4.06 24.77 -23.11
N LEU C 106 4.07 23.66 -22.36
CA LEU C 106 3.20 23.57 -21.19
C LEU C 106 3.83 24.36 -20.06
N ALA C 107 3.05 25.27 -19.49
CA ALA C 107 3.59 26.19 -18.50
C ALA C 107 2.54 26.70 -17.51
N ILE C 108 2.97 26.87 -16.27
CA ILE C 108 2.11 27.41 -15.22
C ILE C 108 2.65 28.75 -14.68
N VAL C 109 1.83 29.80 -14.77
CA VAL C 109 2.20 31.13 -14.30
C VAL C 109 1.64 31.41 -12.91
N THR C 110 2.52 31.81 -12.01
CA THR C 110 2.11 32.15 -10.66
C THR C 110 2.87 33.41 -10.28
N GLN C 111 2.41 34.10 -9.24
CA GLN C 111 3.15 35.24 -8.73
C GLN C 111 4.64 34.94 -8.56
N TRP C 112 5.47 35.97 -8.66
CA TRP C 112 6.89 35.86 -8.37
C TRP C 112 7.19 36.31 -6.94
N CYS C 113 7.71 35.40 -6.13
CA CYS C 113 7.99 35.75 -4.75
C CYS C 113 9.43 36.15 -4.51
N GLU C 114 9.61 37.29 -3.87
CA GLU C 114 10.94 37.76 -3.52
C GLU C 114 11.19 37.20 -2.14
N GLY C 115 12.42 36.76 -1.88
CA GLY C 115 12.76 36.18 -0.60
C GLY C 115 13.20 34.74 -0.78
N SER C 116 13.15 33.95 0.28
CA SER C 116 13.66 32.58 0.26
C SER C 116 12.67 31.58 0.85
N SER C 117 12.81 30.30 0.47
CA SER C 117 11.99 29.23 1.06
C SER C 117 12.37 28.97 2.51
N LEU C 118 11.46 28.34 3.24
CA LEU C 118 11.75 27.99 4.62
C LEU C 118 12.94 27.02 4.74
N TYR C 119 13.09 26.11 3.78
CA TYR C 119 14.29 25.30 3.75
C TYR C 119 15.55 26.19 3.76
N HIS C 120 15.63 27.10 2.81
CA HIS C 120 16.85 27.89 2.67
C HIS C 120 17.20 28.65 3.95
N HIS C 121 16.16 29.09 4.67
CA HIS C 121 16.35 29.91 5.87
C HIS C 121 16.89 29.08 7.03
N LEU C 122 16.24 27.95 7.28
CA LEU C 122 16.54 27.10 8.42
C LEU C 122 17.85 26.37 8.23
N HIS C 123 18.09 25.91 7.01
CA HIS C 123 19.14 24.95 6.76
C HIS C 123 20.36 25.49 6.01
N ILE C 124 20.22 26.63 5.34
CA ILE C 124 21.33 27.15 4.55
C ILE C 124 21.93 28.40 5.14
N ILE C 125 21.13 29.45 5.29
CA ILE C 125 21.68 30.68 5.81
C ILE C 125 21.48 30.72 7.31
N GLU C 126 20.81 29.71 7.84
CA GLU C 126 20.63 29.57 9.28
C GLU C 126 20.14 30.87 9.91
N THR C 127 19.14 31.48 9.27
CA THR C 127 18.48 32.66 9.80
C THR C 127 18.04 32.38 11.24
N LYS C 128 18.33 33.31 12.14
CA LYS C 128 18.03 33.11 13.56
C LYS C 128 16.71 33.76 13.96
N PHE C 129 15.62 33.15 13.50
CA PHE C 129 14.27 33.57 13.83
C PHE C 129 14.08 33.56 15.34
N GLU C 130 13.26 34.49 15.84
CA GLU C 130 12.86 34.45 17.23
C GLU C 130 11.70 33.49 17.34
N MET C 131 11.38 33.06 18.55
CA MET C 131 10.38 32.03 18.72
C MET C 131 9.01 32.48 18.23
N ILE C 132 8.65 33.73 18.46
CA ILE C 132 7.38 34.27 17.95
C ILE C 132 7.26 34.16 16.42
N LYS C 133 8.36 34.44 15.73
CA LYS C 133 8.41 34.36 14.26
C LYS C 133 8.31 32.89 13.78
N LEU C 134 9.01 31.98 14.46
CA LEU C 134 8.80 30.55 14.22
C LEU C 134 7.32 30.15 14.37
N ILE C 135 6.69 30.57 15.45
CA ILE C 135 5.32 30.20 15.66
C ILE C 135 4.46 30.85 14.59
N ASP C 136 4.91 32.00 14.12
CA ASP C 136 4.10 32.69 13.15
C ASP C 136 4.20 31.95 11.82
N ILE C 137 5.39 31.49 11.49
CA ILE C 137 5.55 30.68 10.28
C ILE C 137 4.73 29.40 10.37
N ALA C 138 4.74 28.78 11.55
CA ALA C 138 3.95 27.57 11.74
C ALA C 138 2.47 27.91 11.53
N ARG C 139 2.05 29.01 12.13
CA ARG C 139 0.64 29.41 12.09
C ARG C 139 0.16 29.63 10.68
N GLN C 140 0.89 30.43 9.91
CA GLN C 140 0.47 30.74 8.56
C GLN C 140 0.47 29.48 7.71
N THR C 141 1.47 28.62 7.92
CA THR C 141 1.54 27.38 7.17
C THR C 141 0.27 26.61 7.43
N ALA C 142 -0.11 26.54 8.70
CA ALA C 142 -1.32 25.84 9.09
C ALA C 142 -2.54 26.49 8.45
N GLN C 143 -2.53 27.82 8.38
CA GLN C 143 -3.65 28.57 7.80
C GLN C 143 -3.89 28.13 6.35
N GLY C 144 -2.82 27.91 5.62
CA GLY C 144 -2.92 27.58 4.22
C GLY C 144 -3.32 26.14 4.03
N MET C 145 -2.81 25.32 4.94
CA MET C 145 -3.14 23.91 4.90
C MET C 145 -4.61 23.73 5.22
N ASP C 146 -5.05 24.45 6.24
CA ASP C 146 -6.45 24.50 6.60
C ASP C 146 -7.31 24.82 5.40
N TYR C 147 -6.91 25.84 4.66
CA TYR C 147 -7.64 26.26 3.49
C TYR C 147 -7.70 25.17 2.44
N LEU C 148 -6.56 24.55 2.14
CA LEU C 148 -6.49 23.51 1.13
C LEU C 148 -7.42 22.36 1.50
N HIS C 149 -7.38 21.99 2.77
CA HIS C 149 -8.17 20.88 3.21
C HIS C 149 -9.66 21.16 3.12
N ALA C 150 -10.08 22.32 3.61
CA ALA C 150 -11.49 22.71 3.51
C ALA C 150 -11.99 22.64 2.07
N LYS C 151 -11.08 22.70 1.10
CA LYS C 151 -11.48 22.59 -0.29
C LYS C 151 -11.17 21.22 -0.84
N SER C 152 -11.00 20.25 0.06
CA SER C 152 -10.71 18.86 -0.33
C SER C 152 -9.46 18.66 -1.20
N ILE C 153 -8.45 19.50 -1.00
CA ILE C 153 -7.20 19.37 -1.71
C ILE C 153 -6.19 18.73 -0.77
N ILE C 154 -5.59 17.62 -1.21
CA ILE C 154 -4.50 17.02 -0.46
C ILE C 154 -3.21 17.40 -1.15
N HIS C 155 -2.32 18.09 -0.45
CA HIS C 155 -1.12 18.63 -1.08
C HIS C 155 -0.08 17.57 -1.49
N ARG C 156 0.12 16.56 -0.64
CA ARG C 156 0.98 15.38 -0.89
C ARG C 156 2.47 15.62 -1.14
N ASP C 157 2.95 16.83 -0.93
CA ASP C 157 4.37 17.10 -1.12
C ASP C 157 4.75 18.32 -0.32
N LEU C 158 4.18 18.43 0.87
CA LEU C 158 4.45 19.57 1.72
C LEU C 158 5.76 19.39 2.44
N LYS C 159 6.69 20.32 2.23
CA LYS C 159 7.97 20.31 2.89
C LYS C 159 8.54 21.73 2.90
N SER C 160 9.52 21.96 3.77
CA SER C 160 10.32 23.18 3.83
C SER C 160 10.55 23.87 2.49
N ASN C 161 11.02 23.11 1.51
CA ASN C 161 11.31 23.68 0.21
C ASN C 161 10.12 24.33 -0.42
N ASN C 162 8.94 23.83 -0.09
CA ASN C 162 7.72 24.27 -0.75
C ASN C 162 6.94 25.35 0.00
N ILE C 163 7.57 25.86 1.06
CA ILE C 163 7.02 26.92 1.86
C ILE C 163 7.91 28.13 1.67
N PHE C 164 7.43 29.12 0.93
CA PHE C 164 8.23 30.29 0.64
CA PHE C 164 8.22 30.30 0.63
C PHE C 164 7.87 31.45 1.58
N LEU C 165 8.87 32.06 2.18
CA LEU C 165 8.62 33.22 3.03
C LEU C 165 8.64 34.45 2.14
N HIS C 166 7.46 34.85 1.68
CA HIS C 166 7.35 35.98 0.78
C HIS C 166 7.69 37.26 1.50
N GLU C 167 8.57 38.05 0.89
CA GLU C 167 9.08 39.28 1.49
C GLU C 167 9.62 39.06 2.92
N ASP C 168 10.05 37.83 3.20
CA ASP C 168 10.50 37.38 4.54
C ASP C 168 9.43 37.42 5.65
N LEU C 169 8.14 37.50 5.28
CA LEU C 169 7.11 37.67 6.31
C LEU C 169 5.78 36.95 6.07
N THR C 170 5.43 36.71 4.82
CA THR C 170 4.20 35.95 4.53
C THR C 170 4.55 34.60 3.92
N VAL C 171 3.94 33.54 4.47
CA VAL C 171 4.11 32.18 3.97
C VAL C 171 3.27 31.95 2.71
N LYS C 172 3.93 31.47 1.66
CA LYS C 172 3.25 31.09 0.44
C LYS C 172 3.57 29.63 0.15
N ILE C 173 2.61 28.74 0.42
CA ILE C 173 2.75 27.31 0.13
C ILE C 173 2.66 27.07 -1.38
N GLY C 174 3.73 26.52 -1.95
CA GLY C 174 3.85 26.37 -3.39
C GLY C 174 3.93 24.94 -3.88
N ASP C 175 4.61 24.75 -5.01
CA ASP C 175 4.71 23.45 -5.70
C ASP C 175 3.53 22.47 -5.58
N PHE C 176 2.57 22.54 -6.50
CA PHE C 176 1.38 21.69 -6.39
C PHE C 176 1.42 20.52 -7.36
N GLY C 177 2.62 20.10 -7.69
CA GLY C 177 2.80 19.08 -8.71
C GLY C 177 2.37 17.67 -8.30
N LEU C 178 2.06 17.45 -7.04
CA LEU C 178 1.56 16.14 -6.61
C LEU C 178 0.15 16.26 -6.12
N ALA C 179 -0.28 17.48 -5.86
CA ALA C 179 -1.59 17.73 -5.26
C ALA C 179 -2.71 17.09 -6.05
N THR C 180 -3.74 16.71 -5.30
CA THR C 180 -4.89 16.03 -5.82
C THR C 180 -6.09 16.53 -5.05
N VAL C 181 -7.28 16.41 -5.64
CA VAL C 181 -8.53 16.60 -4.94
C VAL C 181 -9.04 15.25 -4.40
N LYS C 182 -9.29 15.19 -3.09
CA LYS C 182 -9.74 13.96 -2.41
C LYS C 182 -11.09 13.45 -2.94
N SER C 183 -11.07 12.23 -3.47
CA SER C 183 -12.25 11.59 -4.04
C SER C 183 -13.32 11.29 -2.98
N PHE C 191 -3.76 3.14 -9.39
CA PHE C 191 -2.33 3.00 -9.16
C PHE C 191 -1.54 4.29 -9.39
N GLU C 192 -0.59 4.56 -8.50
CA GLU C 192 0.36 5.67 -8.62
C GLU C 192 1.69 5.23 -8.03
N GLN C 193 2.77 5.28 -8.80
CA GLN C 193 4.08 4.96 -8.24
C GLN C 193 4.49 6.03 -7.21
N LEU C 194 4.87 5.58 -6.02
CA LEU C 194 5.26 6.50 -4.94
C LEU C 194 6.38 7.46 -5.36
N SER C 195 6.25 8.71 -4.92
CA SER C 195 7.05 9.81 -5.42
C SER C 195 7.07 10.86 -4.32
N GLY C 196 8.25 11.41 -4.01
CA GLY C 196 8.33 12.42 -2.97
C GLY C 196 9.65 12.42 -2.25
N SER C 197 9.70 13.14 -1.14
CA SER C 197 10.93 13.27 -0.38
C SER C 197 10.75 12.55 0.94
N ILE C 198 11.60 11.57 1.19
CA ILE C 198 11.37 10.61 2.26
C ILE C 198 11.17 11.22 3.65
N LEU C 199 11.91 12.27 3.97
CA LEU C 199 11.88 12.81 5.32
C LEU C 199 10.52 13.34 5.78
N TRP C 200 9.62 13.64 4.83
CA TRP C 200 8.33 14.25 5.16
C TRP C 200 7.18 13.27 5.01
N MET C 201 7.50 12.06 4.56
CA MET C 201 6.48 11.04 4.32
C MET C 201 6.02 10.35 5.59
N ALA C 202 4.70 10.25 5.78
CA ALA C 202 4.12 9.47 6.88
C ALA C 202 4.35 7.97 6.69
N PRO C 203 4.44 7.22 7.80
CA PRO C 203 4.78 5.80 7.66
C PRO C 203 3.75 5.05 6.83
N GLU C 204 2.49 5.50 6.80
CA GLU C 204 1.51 4.84 5.92
C GLU C 204 1.73 5.20 4.45
N VAL C 205 2.37 6.34 4.21
CA VAL C 205 2.66 6.77 2.84
C VAL C 205 3.77 5.87 2.33
N ILE C 206 4.89 5.85 3.05
CA ILE C 206 6.00 4.93 2.75
C ILE C 206 5.53 3.48 2.51
N ARG C 207 4.73 2.96 3.42
CA ARG C 207 4.27 1.57 3.37
C ARG C 207 3.51 1.24 2.10
N MET C 208 2.72 2.20 1.63
CA MET C 208 1.94 2.05 0.41
C MET C 208 1.04 0.80 0.41
N GLN C 209 0.65 0.35 1.60
CA GLN C 209 -0.12 -0.89 1.78
C GLN C 209 -1.61 -0.64 1.97
N ASP C 210 -1.98 0.58 2.38
CA ASP C 210 -3.38 0.93 2.56
C ASP C 210 -4.02 1.21 1.21
N LYS C 211 -5.35 1.07 1.15
CA LYS C 211 -6.12 1.31 -0.05
C LYS C 211 -6.04 2.80 -0.41
N ASN C 212 -5.95 3.62 0.62
CA ASN C 212 -5.81 5.06 0.44
C ASN C 212 -4.69 5.56 1.29
N PRO C 213 -3.45 5.40 0.79
CA PRO C 213 -2.31 5.77 1.64
C PRO C 213 -2.17 7.27 1.85
N TYR C 214 -2.72 8.11 0.97
CA TYR C 214 -2.72 9.57 1.23
C TYR C 214 -4.04 10.06 1.85
N SER C 215 -3.92 11.01 2.77
CA SER C 215 -5.08 11.46 3.53
C SER C 215 -4.79 12.84 4.06
N PHE C 216 -5.81 13.53 4.55
CA PHE C 216 -5.54 14.81 5.17
C PHE C 216 -4.46 14.65 6.22
N GLN C 217 -4.50 13.50 6.90
CA GLN C 217 -3.64 13.24 8.04
C GLN C 217 -2.18 13.09 7.61
N SER C 218 -1.96 12.58 6.40
CA SER C 218 -0.61 12.46 5.85
C SER C 218 0.05 13.83 5.68
N ASP C 219 -0.72 14.80 5.16
CA ASP C 219 -0.30 16.20 5.09
C ASP C 219 0.04 16.76 6.46
N VAL C 220 -0.73 16.36 7.47
CA VAL C 220 -0.46 16.77 8.84
C VAL C 220 0.89 16.24 9.33
N TYR C 221 1.20 14.99 8.96
CA TYR C 221 2.49 14.42 9.29
C TYR C 221 3.60 15.28 8.68
N ALA C 222 3.53 15.50 7.37
CA ALA C 222 4.43 16.42 6.68
C ALA C 222 4.58 17.71 7.50
N PHE C 223 3.44 18.32 7.81
CA PHE C 223 3.42 19.50 8.67
C PHE C 223 4.22 19.30 9.97
N GLY C 224 4.04 18.17 10.65
CA GLY C 224 4.77 17.87 11.87
C GLY C 224 6.29 17.87 11.66
N ILE C 225 6.73 17.26 10.57
CA ILE C 225 8.13 17.36 10.23
C ILE C 225 8.55 18.82 10.07
N VAL C 226 7.73 19.63 9.40
CA VAL C 226 8.04 21.04 9.25
C VAL C 226 8.15 21.67 10.63
N LEU C 227 7.18 21.35 11.50
CA LEU C 227 7.27 21.81 12.89
C LEU C 227 8.61 21.45 13.49
N TYR C 228 8.98 20.19 13.32
CA TYR C 228 10.29 19.69 13.75
C TYR C 228 11.43 20.60 13.28
N GLU C 229 11.53 20.82 11.98
CA GLU C 229 12.58 21.67 11.46
C GLU C 229 12.57 23.02 12.12
N LEU C 230 11.37 23.60 12.25
CA LEU C 230 11.22 24.91 12.87
C LEU C 230 11.74 24.92 14.30
N MET C 231 11.36 23.92 15.10
CA MET C 231 11.71 23.91 16.52
C MET C 231 13.08 23.30 16.88
N THR C 232 13.80 22.74 15.91
CA THR C 232 15.16 22.24 16.15
C THR C 232 16.16 22.89 15.23
N GLY C 233 15.67 23.43 14.11
CA GLY C 233 16.56 23.97 13.10
C GLY C 233 17.35 22.87 12.41
N GLN C 234 16.95 21.62 12.61
CA GLN C 234 17.57 20.50 11.90
C GLN C 234 16.56 19.74 11.07
N LEU C 235 17.06 18.90 10.18
CA LEU C 235 16.23 17.89 9.55
C LEU C 235 16.15 16.69 10.50
N PRO C 236 15.12 15.86 10.33
CA PRO C 236 15.05 14.63 11.14
C PRO C 236 16.11 13.61 10.73
N TYR C 237 16.43 12.68 11.62
CA TYR C 237 17.24 11.50 11.29
C TYR C 237 18.65 11.84 10.85
N SER C 238 19.23 12.88 11.46
CA SER C 238 20.52 13.37 11.02
C SER C 238 21.62 12.32 11.24
N ASN C 239 21.44 11.49 12.27
CA ASN C 239 22.41 10.44 12.61
C ASN C 239 22.31 9.22 11.70
N ILE C 240 21.46 9.28 10.68
CA ILE C 240 21.28 8.19 9.75
C ILE C 240 21.39 8.67 8.30
N ASN C 241 22.34 8.14 7.54
CA ASN C 241 22.58 8.63 6.18
C ASN C 241 22.29 7.64 5.09
N ASN C 242 21.41 6.68 5.35
CA ASN C 242 21.03 5.70 4.35
C ASN C 242 19.56 5.94 4.00
N ARG C 243 19.28 6.32 2.76
CA ARG C 243 17.90 6.58 2.35
C ARG C 243 17.01 5.34 2.54
N ASP C 244 17.47 4.19 2.06
CA ASP C 244 16.68 2.97 2.13
C ASP C 244 16.45 2.50 3.57
N GLN C 245 17.41 2.76 4.43
CA GLN C 245 17.22 2.48 5.86
C GLN C 245 16.10 3.35 6.47
N ILE C 246 16.15 4.66 6.24
CA ILE C 246 15.09 5.57 6.68
C ILE C 246 13.72 5.15 6.13
N ILE C 247 13.63 4.89 4.83
CA ILE C 247 12.39 4.39 4.23
C ILE C 247 11.87 3.19 5.02
N PHE C 248 12.66 2.12 5.03
CA PHE C 248 12.27 0.88 5.68
C PHE C 248 11.94 1.05 7.19
N MET C 249 12.81 1.71 7.92
CA MET C 249 12.65 1.82 9.37
C MET C 249 11.50 2.73 9.84
N VAL C 250 11.20 3.78 9.08
CA VAL C 250 10.05 4.63 9.42
C VAL C 250 8.74 3.92 9.06
N GLY C 251 8.76 3.16 7.97
CA GLY C 251 7.63 2.38 7.53
C GLY C 251 7.28 1.24 8.48
N ARG C 252 8.29 0.48 8.87
CA ARG C 252 8.16 -0.61 9.82
C ARG C 252 7.61 -0.09 11.15
N GLY C 253 7.82 1.18 11.40
CA GLY C 253 7.47 1.79 12.67
C GLY C 253 8.61 1.93 13.67
N TYR C 254 9.84 1.61 13.26
CA TYR C 254 10.96 1.58 14.21
C TYR C 254 11.59 2.94 14.47
N LEU C 255 11.59 3.79 13.44
CA LEU C 255 12.34 5.03 13.49
C LEU C 255 11.40 6.22 13.53
N SER C 256 11.83 7.30 14.18
CA SER C 256 10.95 8.43 14.51
C SER C 256 11.83 9.63 14.90
N PRO C 257 11.38 10.86 14.59
CA PRO C 257 12.24 12.02 14.89
C PRO C 257 12.66 12.11 16.35
N ASP C 258 13.88 12.54 16.60
CA ASP C 258 14.41 12.63 17.96
C ASP C 258 14.08 13.98 18.61
N LEU C 259 13.07 13.93 19.46
CA LEU C 259 12.51 15.13 20.04
C LEU C 259 13.42 15.76 21.08
N SER C 260 14.52 15.12 21.43
CA SER C 260 15.46 15.77 22.34
C SER C 260 16.09 17.03 21.72
N LYS C 261 16.12 17.10 20.38
CA LYS C 261 16.85 18.15 19.66
C LYS C 261 16.16 19.52 19.62
N VAL C 262 14.88 19.57 20.01
CA VAL C 262 14.15 20.85 20.03
C VAL C 262 14.82 21.88 20.92
N ARG C 263 14.79 23.14 20.49
CA ARG C 263 15.42 24.23 21.24
C ARG C 263 14.80 24.34 22.62
N SER C 264 15.62 24.70 23.60
CA SER C 264 15.17 24.86 24.99
C SER C 264 14.05 25.89 25.18
N ASN C 265 13.88 26.80 24.21
CA ASN C 265 12.88 27.86 24.30
C ASN C 265 11.58 27.57 23.55
N CYS C 266 11.42 26.33 23.11
CA CYS C 266 10.17 25.90 22.51
C CYS C 266 9.15 25.58 23.61
N PRO C 267 7.99 26.25 23.59
CA PRO C 267 6.87 26.01 24.51
C PRO C 267 6.48 24.53 24.63
N LYS C 268 6.19 24.10 25.84
CA LYS C 268 5.68 22.75 26.08
C LYS C 268 4.52 22.42 25.14
N ALA C 269 3.69 23.42 24.86
CA ALA C 269 2.47 23.24 24.07
C ALA C 269 2.75 22.99 22.60
N MET C 270 3.85 23.56 22.12
CA MET C 270 4.23 23.40 20.72
C MET C 270 4.82 22.02 20.55
N LYS C 271 5.70 21.66 21.49
CA LYS C 271 6.34 20.35 21.57
C LYS C 271 5.29 19.24 21.62
N ARG C 272 4.23 19.46 22.39
CA ARG C 272 3.11 18.53 22.43
C ARG C 272 2.45 18.42 21.05
N LEU C 273 2.26 19.56 20.38
CA LEU C 273 1.56 19.58 19.10
C LEU C 273 2.36 18.87 18.03
N MET C 274 3.68 19.01 18.10
CA MET C 274 4.57 18.29 17.22
C MET C 274 4.35 16.79 17.40
N ALA C 275 4.34 16.34 18.65
CA ALA C 275 4.05 14.96 18.98
C ALA C 275 2.76 14.44 18.33
N GLU C 276 1.65 15.14 18.55
CA GLU C 276 0.37 14.70 18.02
C GLU C 276 0.37 14.64 16.49
N CYS C 277 1.13 15.53 15.87
CA CYS C 277 1.15 15.58 14.41
C CYS C 277 1.98 14.47 13.83
N LEU C 278 2.97 14.02 14.58
CA LEU C 278 3.91 13.01 14.10
C LEU C 278 3.48 11.59 14.43
N LYS C 279 2.30 11.45 15.02
CA LYS C 279 1.84 10.16 15.49
C LYS C 279 1.82 9.07 14.41
N LYS C 280 2.34 7.90 14.76
CA LYS C 280 2.53 6.85 13.77
C LYS C 280 1.19 6.39 13.30
N LYS C 281 0.22 6.36 14.21
CA LYS C 281 -1.11 5.89 13.86
C LYS C 281 -1.91 7.03 13.25
N ARG C 282 -2.14 6.91 11.95
CA ARG C 282 -2.78 7.93 11.12
C ARG C 282 -3.93 8.66 11.80
N ASP C 283 -4.90 7.88 12.25
CA ASP C 283 -6.16 8.41 12.77
C ASP C 283 -6.01 9.04 14.16
N GLU C 284 -4.80 9.05 14.72
CA GLU C 284 -4.57 9.63 16.04
C GLU C 284 -4.05 11.05 15.92
N ARG C 285 -3.87 11.51 14.68
CA ARG C 285 -3.33 12.83 14.38
C ARG C 285 -4.44 13.88 14.33
N PRO C 286 -4.13 15.14 14.71
CA PRO C 286 -5.18 16.17 14.65
C PRO C 286 -5.46 16.63 13.22
N LEU C 287 -6.61 17.26 12.99
CA LEU C 287 -6.84 17.88 11.69
C LEU C 287 -6.57 19.39 11.76
N PHE C 288 -6.54 20.08 10.62
CA PHE C 288 -5.96 21.43 10.66
C PHE C 288 -6.74 22.48 11.45
N PRO C 289 -8.08 22.42 11.42
CA PRO C 289 -8.84 23.20 12.40
C PRO C 289 -8.26 23.11 13.82
N GLN C 290 -8.07 21.91 14.35
CA GLN C 290 -7.53 21.80 15.72
C GLN C 290 -6.08 22.30 15.84
N ILE C 291 -5.25 22.01 14.85
CA ILE C 291 -3.87 22.52 14.85
C ILE C 291 -3.82 24.04 14.90
N LEU C 292 -4.55 24.70 14.00
CA LEU C 292 -4.66 26.17 13.99
C LEU C 292 -5.05 26.73 15.34
N ALA C 293 -6.13 26.18 15.90
CA ALA C 293 -6.60 26.49 17.25
C ALA C 293 -5.49 26.43 18.31
N SER C 294 -4.77 25.32 18.37
CA SER C 294 -3.68 25.14 19.33
C SER C 294 -2.59 26.19 19.15
N ILE C 295 -2.24 26.48 17.90
CA ILE C 295 -1.15 27.41 17.64
C ILE C 295 -1.54 28.85 17.94
N GLU C 296 -2.75 29.23 17.52
CA GLU C 296 -3.29 30.56 17.81
C GLU C 296 -3.42 30.74 19.33
N LEU C 297 -3.97 29.73 20.01
CA LEU C 297 -4.02 29.72 21.47
C LEU C 297 -2.63 29.92 22.09
N LEU C 298 -1.72 29.02 21.77
CA LEU C 298 -0.37 29.08 22.30
C LEU C 298 0.31 30.43 22.03
N ALA C 299 0.15 30.94 20.82
CA ALA C 299 0.87 32.12 20.41
C ALA C 299 0.62 33.31 21.36
N ARG C 300 -0.53 33.30 22.01
CA ARG C 300 -0.89 34.34 22.98
C ARG C 300 -0.02 34.33 24.25
N SER C 301 0.73 33.27 24.48
CA SER C 301 1.69 33.22 25.58
C SER C 301 3.12 33.26 25.03
N ASP D 6 30.48 27.24 -19.97
CA ASP D 6 31.60 27.97 -19.41
C ASP D 6 32.91 27.61 -20.12
N ASP D 7 33.34 26.36 -19.94
CA ASP D 7 34.55 25.84 -20.57
C ASP D 7 34.32 24.39 -20.95
N PHE D 8 33.13 23.90 -20.65
CA PHE D 8 32.74 22.56 -21.08
C PHE D 8 31.65 22.65 -22.11
N GLU D 9 31.88 22.02 -23.26
CA GLU D 9 30.86 21.94 -24.28
C GLU D 9 30.12 20.61 -24.09
N LYS D 10 28.80 20.69 -24.08
CA LYS D 10 27.97 19.50 -23.95
C LYS D 10 27.98 18.72 -25.25
N ILE D 11 28.19 17.41 -25.16
CA ILE D 11 28.20 16.57 -26.36
C ILE D 11 26.93 15.75 -26.40
N SER D 12 26.53 15.24 -25.25
CA SER D 12 25.33 14.43 -25.18
C SER D 12 24.94 14.25 -23.72
N GLU D 13 23.80 13.62 -23.49
CA GLU D 13 23.47 13.25 -22.12
C GLU D 13 23.64 11.74 -21.98
N LEU D 14 24.45 11.34 -20.99
CA LEU D 14 24.75 9.93 -20.75
C LEU D 14 23.63 9.25 -19.95
N GLY D 15 22.84 10.07 -19.24
CA GLY D 15 21.65 9.62 -18.53
C GLY D 15 21.53 10.22 -17.15
N ALA D 16 20.47 9.89 -16.41
CA ALA D 16 20.25 10.46 -15.08
C ALA D 16 19.55 9.51 -14.10
N GLY D 17 19.84 9.66 -12.82
CA GLY D 17 19.23 8.78 -11.84
C GLY D 17 19.14 9.42 -10.48
N ASN D 18 18.01 9.19 -9.81
CA ASN D 18 17.67 9.89 -8.59
C ASN D 18 18.22 11.33 -8.57
N GLY D 19 19.06 11.69 -7.62
CA GLY D 19 19.40 13.11 -7.54
C GLY D 19 20.52 13.62 -8.43
N GLY D 20 20.76 12.99 -9.59
CA GLY D 20 21.89 13.33 -10.43
C GLY D 20 21.83 13.06 -11.93
N VAL D 21 22.58 13.86 -12.69
CA VAL D 21 22.59 13.79 -14.16
C VAL D 21 24.01 13.67 -14.66
N VAL D 22 24.23 12.98 -15.77
CA VAL D 22 25.60 12.86 -16.32
C VAL D 22 25.71 13.26 -17.80
N PHE D 23 26.61 14.19 -18.09
CA PHE D 23 26.88 14.61 -19.47
C PHE D 23 28.26 14.21 -19.93
N LYS D 24 28.36 13.77 -21.17
CA LYS D 24 29.66 13.66 -21.84
C LYS D 24 30.03 15.06 -22.34
N VAL D 25 31.17 15.57 -21.91
CA VAL D 25 31.57 16.93 -22.28
C VAL D 25 32.99 16.95 -22.83
N SER D 26 33.37 18.07 -23.44
CA SER D 26 34.78 18.31 -23.75
C SER D 26 35.22 19.63 -23.14
N HIS D 27 36.40 19.61 -22.53
CA HIS D 27 37.05 20.82 -22.05
C HIS D 27 37.39 21.59 -23.32
N LYS D 28 36.88 22.82 -23.42
CA LYS D 28 36.92 23.60 -24.66
C LYS D 28 38.34 23.76 -25.23
N PRO D 29 39.30 24.31 -24.45
CA PRO D 29 40.64 24.42 -25.04
C PRO D 29 41.36 23.07 -25.21
N SER D 30 41.16 22.16 -24.27
CA SER D 30 41.84 20.86 -24.27
C SER D 30 41.40 19.98 -25.42
N GLY D 31 40.08 19.77 -25.50
CA GLY D 31 39.54 18.70 -26.32
C GLY D 31 39.58 17.41 -25.53
N LEU D 32 39.70 17.56 -24.22
CA LEU D 32 39.69 16.41 -23.33
C LEU D 32 38.23 15.99 -23.08
N VAL D 33 37.86 14.81 -23.56
CA VAL D 33 36.53 14.26 -23.33
C VAL D 33 36.43 13.64 -21.93
N MET D 34 35.35 13.98 -21.23
CA MET D 34 35.12 13.41 -19.90
C MET D 34 33.64 13.26 -19.58
N ALA D 35 33.36 12.66 -18.43
CA ALA D 35 31.99 12.53 -17.98
C ALA D 35 31.81 13.49 -16.83
N ARG D 36 30.82 14.36 -16.96
CA ARG D 36 30.51 15.31 -15.91
C ARG D 36 29.19 14.94 -15.26
N LYS D 37 29.24 14.72 -13.96
CA LYS D 37 28.05 14.40 -13.22
C LYS D 37 27.68 15.61 -12.43
N LEU D 38 26.42 16.00 -12.53
CA LEU D 38 25.83 17.05 -11.70
C LEU D 38 24.97 16.38 -10.64
N ILE D 39 25.29 16.60 -9.37
CA ILE D 39 24.47 16.15 -8.26
C ILE D 39 23.79 17.36 -7.65
N HIS D 40 22.46 17.37 -7.63
CA HIS D 40 21.68 18.53 -7.13
C HIS D 40 21.65 18.61 -5.59
N LEU D 41 22.28 19.64 -5.03
CA LEU D 41 22.37 19.82 -3.59
C LEU D 41 22.20 21.27 -3.10
N GLU D 42 21.33 21.44 -2.11
CA GLU D 42 21.18 22.72 -1.45
C GLU D 42 21.76 22.60 -0.06
N ILE D 43 23.00 23.05 0.09
CA ILE D 43 23.77 22.80 1.30
C ILE D 43 24.46 24.07 1.77
N LYS D 44 24.77 24.15 3.05
CA LYS D 44 25.59 25.25 3.57
C LYS D 44 26.92 25.30 2.81
N PRO D 45 27.46 26.51 2.63
CA PRO D 45 28.74 26.65 1.93
C PRO D 45 29.93 25.96 2.62
N ALA D 46 29.94 25.83 3.94
CA ALA D 46 31.06 25.14 4.60
C ALA D 46 30.97 23.67 4.26
N ILE D 47 29.75 23.23 3.96
CA ILE D 47 29.48 21.84 3.71
C ILE D 47 29.78 21.45 2.25
N ARG D 48 29.53 22.37 1.32
CA ARG D 48 29.97 22.13 -0.06
C ARG D 48 31.49 22.15 -0.18
N ASN D 49 32.13 22.98 0.63
CA ASN D 49 33.58 23.01 0.63
C ASN D 49 34.14 21.71 1.20
N GLN D 50 33.53 21.23 2.28
CA GLN D 50 33.94 19.95 2.87
C GLN D 50 33.80 18.78 1.89
N ILE D 51 32.69 18.73 1.16
CA ILE D 51 32.47 17.71 0.15
C ILE D 51 33.52 17.80 -0.94
N ILE D 52 33.78 19.00 -1.43
CA ILE D 52 34.74 19.15 -2.53
C ILE D 52 36.13 18.77 -2.08
N ARG D 53 36.50 19.18 -0.88
CA ARG D 53 37.78 18.81 -0.30
C ARG D 53 37.89 17.29 -0.20
N GLU D 54 36.84 16.65 0.28
CA GLU D 54 36.85 15.22 0.51
C GLU D 54 36.91 14.45 -0.79
N LEU D 55 36.39 15.02 -1.87
CA LEU D 55 36.39 14.35 -3.15
C LEU D 55 37.82 14.28 -3.69
N GLN D 56 38.67 15.17 -3.18
CA GLN D 56 40.05 15.24 -3.64
C GLN D 56 40.85 13.98 -3.37
N VAL D 57 40.41 13.16 -2.42
CA VAL D 57 41.14 11.91 -2.17
C VAL D 57 41.00 10.94 -3.37
N LEU D 58 40.09 11.25 -4.29
CA LEU D 58 39.96 10.47 -5.52
C LEU D 58 41.20 10.58 -6.39
N HIS D 59 41.96 11.65 -6.20
CA HIS D 59 43.21 11.80 -6.91
C HIS D 59 44.19 10.70 -6.48
N GLU D 60 43.96 10.13 -5.30
CA GLU D 60 44.83 9.10 -4.77
C GLU D 60 44.35 7.74 -5.23
N CYS D 61 43.34 7.71 -6.08
CA CYS D 61 42.83 6.42 -6.53
C CYS D 61 43.41 6.00 -7.86
N ASN D 62 44.18 4.93 -7.84
CA ASN D 62 44.79 4.43 -9.06
C ASN D 62 44.62 2.93 -9.17
N SER D 63 43.71 2.52 -10.05
CA SER D 63 43.38 1.13 -10.23
C SER D 63 42.61 0.98 -11.52
N PRO D 64 42.96 -0.05 -12.31
CA PRO D 64 42.24 -0.35 -13.55
C PRO D 64 40.87 -0.94 -13.26
N TYR D 65 40.44 -0.89 -12.02
CA TYR D 65 39.14 -1.40 -11.65
C TYR D 65 38.31 -0.27 -11.06
N ILE D 66 38.92 0.90 -10.97
CA ILE D 66 38.25 2.11 -10.51
C ILE D 66 38.27 3.13 -11.67
N VAL D 67 37.09 3.65 -12.00
CA VAL D 67 36.94 4.79 -12.91
C VAL D 67 37.87 5.94 -12.49
N GLY D 68 38.57 6.52 -13.45
CA GLY D 68 39.41 7.68 -13.15
C GLY D 68 38.67 8.94 -12.77
N PHE D 69 39.34 9.82 -12.02
CA PHE D 69 38.75 11.08 -11.55
C PHE D 69 39.61 12.28 -12.01
N TYR D 70 38.95 13.29 -12.58
CA TYR D 70 39.62 14.51 -13.05
C TYR D 70 39.53 15.68 -12.06
N GLY D 71 38.34 15.91 -11.52
CA GLY D 71 38.18 17.01 -10.60
C GLY D 71 36.76 17.19 -10.13
N ALA D 72 36.61 18.02 -9.10
CA ALA D 72 35.29 18.33 -8.55
C ALA D 72 35.25 19.79 -8.14
N PHE D 73 34.05 20.36 -8.20
CA PHE D 73 33.82 21.77 -7.84
C PHE D 73 32.31 22.03 -7.70
N TYR D 74 31.97 23.22 -7.18
CA TYR D 74 30.57 23.63 -6.94
C TYR D 74 30.20 24.81 -7.81
N SER D 75 28.94 24.87 -8.23
CA SER D 75 28.45 25.93 -9.10
C SER D 75 26.95 25.80 -9.31
N ASP D 76 26.20 26.85 -8.99
CA ASP D 76 24.76 26.91 -9.27
C ASP D 76 23.95 25.89 -8.49
N GLY D 77 24.28 25.68 -7.22
CA GLY D 77 23.52 24.78 -6.39
C GLY D 77 23.70 23.30 -6.72
N GLU D 78 24.86 22.98 -7.30
CA GLU D 78 25.15 21.60 -7.63
C GLU D 78 26.64 21.30 -7.68
N ILE D 79 26.97 20.08 -7.28
CA ILE D 79 28.32 19.54 -7.23
C ILE D 79 28.62 18.88 -8.55
N SER D 80 29.71 19.28 -9.20
CA SER D 80 30.15 18.62 -10.43
C SER D 80 31.29 17.68 -10.09
N ILE D 81 31.18 16.44 -10.56
CA ILE D 81 32.29 15.50 -10.48
C ILE D 81 32.74 15.14 -11.89
N CYS D 82 33.88 15.68 -12.31
CA CYS D 82 34.46 15.39 -13.61
C CYS D 82 35.28 14.11 -13.57
N MET D 83 34.92 13.14 -14.39
CA MET D 83 35.49 11.81 -14.26
C MET D 83 35.71 11.17 -15.63
N GLU D 84 36.57 10.15 -15.66
CA GLU D 84 36.85 9.39 -16.87
C GLU D 84 35.57 8.98 -17.61
N HIS D 85 35.44 9.41 -18.87
CA HIS D 85 34.39 8.92 -19.75
C HIS D 85 34.57 7.44 -20.11
N MET D 86 33.52 6.65 -19.90
CA MET D 86 33.49 5.24 -20.30
C MET D 86 32.51 5.07 -21.47
N ASP D 87 33.05 4.78 -22.65
CA ASP D 87 32.22 4.81 -23.84
C ASP D 87 31.25 3.64 -23.94
N GLY D 88 31.31 2.71 -23.00
CA GLY D 88 30.41 1.58 -22.97
C GLY D 88 29.22 1.78 -22.03
N GLY D 89 29.26 2.87 -21.26
CA GLY D 89 28.19 3.17 -20.31
C GLY D 89 28.14 2.16 -19.17
N SER D 90 26.99 2.08 -18.50
CA SER D 90 26.89 1.17 -17.35
C SER D 90 26.38 -0.22 -17.75
N LEU D 91 26.61 -1.22 -16.89
CA LEU D 91 26.06 -2.54 -17.19
C LEU D 91 24.54 -2.50 -17.15
N ASP D 92 23.99 -1.60 -16.33
CA ASP D 92 22.57 -1.32 -16.38
C ASP D 92 22.15 -1.02 -17.83
N GLN D 93 22.87 -0.08 -18.47
CA GLN D 93 22.60 0.30 -19.86
C GLN D 93 22.85 -0.85 -20.82
N VAL D 94 23.93 -1.58 -20.59
CA VAL D 94 24.26 -2.69 -21.46
C VAL D 94 23.23 -3.81 -21.35
N LEU D 95 22.89 -4.17 -20.11
CA LEU D 95 21.89 -5.18 -19.84
C LEU D 95 20.63 -5.00 -20.68
N LYS D 96 20.11 -3.77 -20.73
CA LYS D 96 18.92 -3.46 -21.54
C LYS D 96 18.99 -3.98 -22.99
N LYS D 97 20.14 -3.83 -23.63
CA LYS D 97 20.28 -4.20 -25.04
C LYS D 97 20.66 -5.66 -25.27
N ALA D 98 21.24 -6.31 -24.26
CA ALA D 98 21.61 -7.72 -24.40
C ALA D 98 20.56 -8.69 -23.90
N GLY D 99 19.63 -8.22 -23.08
CA GLY D 99 18.61 -9.07 -22.49
C GLY D 99 19.16 -9.75 -21.25
N ARG D 100 20.04 -10.72 -21.46
CA ARG D 100 20.81 -11.31 -20.38
C ARG D 100 22.28 -11.14 -20.76
N ILE D 101 23.16 -11.24 -19.76
CA ILE D 101 24.59 -11.17 -20.00
C ILE D 101 25.21 -12.54 -19.79
N PRO D 102 25.94 -13.04 -20.81
CA PRO D 102 26.52 -14.38 -20.71
C PRO D 102 27.33 -14.60 -19.43
N GLU D 103 27.09 -15.74 -18.79
CA GLU D 103 27.81 -16.15 -17.58
C GLU D 103 29.30 -15.88 -17.65
N GLN D 104 29.92 -16.29 -18.75
CA GLN D 104 31.34 -16.12 -18.97
C GLN D 104 31.77 -14.64 -18.82
N ILE D 105 30.93 -13.75 -19.32
CA ILE D 105 31.15 -12.32 -19.18
C ILE D 105 30.95 -11.85 -17.73
N LEU D 106 29.99 -12.46 -17.04
CA LEU D 106 29.75 -12.16 -15.63
C LEU D 106 30.94 -12.60 -14.78
N GLY D 107 31.68 -13.60 -15.26
CA GLY D 107 32.92 -13.98 -14.62
C GLY D 107 33.91 -12.81 -14.54
N LYS D 108 34.09 -12.14 -15.67
CA LYS D 108 34.99 -10.98 -15.74
C LYS D 108 34.50 -9.78 -14.91
N VAL D 109 33.20 -9.55 -14.94
CA VAL D 109 32.61 -8.52 -14.11
C VAL D 109 32.86 -8.83 -12.65
N SER D 110 32.56 -10.07 -12.25
CA SER D 110 32.79 -10.53 -10.88
C SER D 110 34.21 -10.27 -10.40
N ILE D 111 35.18 -10.72 -11.19
CA ILE D 111 36.59 -10.43 -10.87
C ILE D 111 36.84 -8.93 -10.70
N ALA D 112 36.46 -8.15 -11.70
CA ALA D 112 36.62 -6.70 -11.64
C ALA D 112 36.02 -6.12 -10.36
N VAL D 113 34.76 -6.44 -10.10
CA VAL D 113 34.12 -5.97 -8.88
C VAL D 113 34.86 -6.42 -7.62
N ILE D 114 35.26 -7.68 -7.55
CA ILE D 114 36.02 -8.16 -6.39
C ILE D 114 37.38 -7.45 -6.28
N LYS D 115 38.13 -7.45 -7.38
CA LYS D 115 39.39 -6.76 -7.46
C LYS D 115 39.23 -5.29 -7.05
N GLY D 116 38.21 -4.64 -7.63
CA GLY D 116 37.92 -3.25 -7.34
C GLY D 116 37.59 -2.98 -5.87
N LEU D 117 36.71 -3.81 -5.31
CA LEU D 117 36.32 -3.66 -3.92
C LEU D 117 37.49 -3.94 -2.99
N THR D 118 38.42 -4.78 -3.44
CA THR D 118 39.60 -5.12 -2.64
C THR D 118 40.57 -3.95 -2.64
N TYR D 119 40.82 -3.41 -3.83
CA TYR D 119 41.65 -2.24 -3.96
C TYR D 119 41.14 -1.08 -3.09
N LEU D 120 39.84 -0.80 -3.16
CA LEU D 120 39.24 0.26 -2.36
C LEU D 120 39.45 0.00 -0.86
N ARG D 121 39.23 -1.25 -0.44
CA ARG D 121 39.38 -1.64 0.95
C ARG D 121 40.83 -1.50 1.43
N GLU D 122 41.75 -2.21 0.77
CA GLU D 122 43.13 -2.28 1.24
C GLU D 122 43.89 -0.97 1.11
N LYS D 123 43.74 -0.29 -0.01
CA LYS D 123 44.55 0.89 -0.28
C LYS D 123 43.98 2.20 0.24
N HIS D 124 42.68 2.25 0.50
CA HIS D 124 42.05 3.50 0.94
C HIS D 124 41.11 3.39 2.13
N LYS D 125 40.82 2.15 2.54
CA LYS D 125 40.00 1.93 3.73
C LYS D 125 38.61 2.53 3.53
N ILE D 126 38.03 2.25 2.36
CA ILE D 126 36.70 2.72 2.08
C ILE D 126 35.91 1.62 1.42
N MET D 127 34.65 1.46 1.82
CA MET D 127 33.77 0.54 1.11
C MET D 127 32.94 1.31 0.09
N HIS D 128 32.51 0.59 -0.93
CA HIS D 128 31.83 1.17 -2.04
C HIS D 128 30.49 1.79 -1.63
N ARG D 129 29.71 0.99 -0.91
CA ARG D 129 28.37 1.36 -0.42
C ARG D 129 27.28 1.36 -1.48
N ASP D 130 27.63 1.30 -2.75
CA ASP D 130 26.62 1.44 -3.79
C ASP D 130 26.84 0.63 -5.06
N VAL D 131 27.05 -0.67 -4.89
CA VAL D 131 27.23 -1.58 -6.01
C VAL D 131 25.90 -1.97 -6.61
N LYS D 132 25.73 -1.72 -7.91
CA LYS D 132 24.56 -2.15 -8.67
C LYS D 132 24.99 -2.05 -10.12
N PRO D 133 24.23 -2.66 -11.05
CA PRO D 133 24.70 -2.64 -12.44
C PRO D 133 25.00 -1.24 -12.99
N SER D 134 24.24 -0.21 -12.60
CA SER D 134 24.46 1.16 -13.11
C SER D 134 25.75 1.80 -12.60
N ASN D 135 26.35 1.22 -11.56
CA ASN D 135 27.62 1.75 -11.06
C ASN D 135 28.81 0.87 -11.40
N ILE D 136 28.58 -0.11 -12.26
CA ILE D 136 29.65 -0.81 -12.92
C ILE D 136 29.69 -0.33 -14.37
N LEU D 137 30.68 0.51 -14.66
CA LEU D 137 30.85 1.08 -15.99
C LEU D 137 31.80 0.22 -16.83
N VAL D 138 31.60 0.19 -18.15
CA VAL D 138 32.52 -0.53 -19.04
C VAL D 138 32.92 0.32 -20.26
N ASN D 139 33.96 -0.14 -20.97
CA ASN D 139 34.42 0.55 -22.19
C ASN D 139 34.85 -0.38 -23.35
N SER D 140 35.26 0.22 -24.46
CA SER D 140 35.57 -0.55 -25.67
C SER D 140 36.98 -1.16 -25.65
N ARG D 141 37.80 -0.73 -24.68
CA ARG D 141 39.09 -1.35 -24.45
C ARG D 141 38.90 -2.57 -23.54
N GLY D 142 37.67 -2.74 -23.06
CA GLY D 142 37.28 -3.93 -22.34
C GLY D 142 37.48 -3.88 -20.84
N GLU D 143 37.82 -2.72 -20.31
CA GLU D 143 37.99 -2.59 -18.88
C GLU D 143 36.59 -2.50 -18.23
N ILE D 144 36.53 -2.85 -16.95
CA ILE D 144 35.30 -2.88 -16.18
C ILE D 144 35.60 -2.17 -14.89
N LYS D 145 34.92 -1.07 -14.62
CA LYS D 145 35.30 -0.26 -13.48
C LYS D 145 34.14 0.11 -12.56
N LEU D 146 34.44 0.21 -11.28
CA LEU D 146 33.45 0.59 -10.27
C LEU D 146 33.40 2.11 -10.16
N CYS D 147 32.17 2.64 -10.10
CA CYS D 147 31.95 4.07 -9.98
C CYS D 147 31.08 4.38 -8.78
N ASP D 148 30.89 5.67 -8.49
CA ASP D 148 29.89 6.16 -7.53
C ASP D 148 30.00 5.57 -6.10
N PHE D 149 31.22 5.28 -5.65
CA PHE D 149 31.46 4.71 -4.33
C PHE D 149 31.62 5.80 -3.25
N GLY D 150 31.31 5.45 -2.00
CA GLY D 150 31.27 6.42 -0.93
C GLY D 150 32.61 6.93 -0.45
N VAL D 151 33.24 7.79 -1.25
CA VAL D 151 34.54 8.33 -0.85
C VAL D 151 34.44 9.51 0.10
N SER D 152 33.50 10.43 -0.18
CA SER D 152 33.24 11.56 0.71
C SER D 152 32.17 11.19 1.73
N GLY D 153 32.56 11.13 3.00
CA GLY D 153 31.61 10.86 4.06
C GLY D 153 30.54 11.95 4.17
N GLN D 154 30.92 13.20 3.91
CA GLN D 154 29.99 14.31 3.94
C GLN D 154 29.02 14.30 2.76
N LEU D 155 29.46 13.78 1.62
CA LEU D 155 28.54 13.68 0.49
C LEU D 155 27.48 12.61 0.80
N ILE D 156 27.91 11.52 1.45
CA ILE D 156 27.00 10.49 1.94
C ILE D 156 25.90 11.16 2.77
N ASP D 157 26.30 11.88 3.82
CA ASP D 157 25.37 12.60 4.70
C ASP D 157 24.39 13.50 3.94
N SER D 158 24.91 14.31 3.03
CA SER D 158 24.09 15.27 2.30
C SER D 158 23.12 14.63 1.31
N MET D 159 23.44 13.42 0.85
CA MET D 159 22.54 12.72 -0.05
C MET D 159 21.38 12.01 0.64
N ALA D 160 21.34 12.02 1.97
CA ALA D 160 20.25 11.35 2.69
C ALA D 160 18.89 12.02 2.44
N ASN D 161 18.89 13.34 2.55
CA ASN D 161 17.71 14.13 2.23
C ASN D 161 17.38 13.91 0.74
N SER D 162 16.68 12.83 0.42
CA SER D 162 16.51 12.49 -0.98
C SER D 162 15.09 12.09 -1.32
N PHE D 163 14.85 11.90 -2.61
CA PHE D 163 13.58 11.33 -3.07
C PHE D 163 13.61 9.81 -2.92
N VAL D 164 12.40 9.24 -2.86
CA VAL D 164 12.25 7.79 -2.80
C VAL D 164 12.73 7.21 -4.09
N GLY D 165 13.23 5.98 -4.02
CA GLY D 165 13.71 5.31 -5.20
C GLY D 165 12.59 4.45 -5.74
N THR D 166 12.94 3.51 -6.61
CA THR D 166 11.95 2.57 -7.09
C THR D 166 12.43 1.16 -6.77
N ARG D 167 13.70 1.05 -6.37
CA ARG D 167 14.30 -0.23 -5.95
C ARG D 167 15.57 -0.05 -5.12
N SER D 168 16.19 -1.17 -4.77
CA SER D 168 17.26 -1.13 -3.78
C SER D 168 18.17 -2.38 -3.89
N TYR D 169 19.47 -2.17 -3.69
CA TYR D 169 20.45 -3.27 -3.63
C TYR D 169 21.10 -3.25 -2.27
N MET D 170 20.37 -2.75 -1.27
CA MET D 170 20.86 -2.59 0.09
C MET D 170 20.87 -3.90 0.86
N SER D 171 22.00 -4.23 1.48
CA SER D 171 22.08 -5.46 2.27
C SER D 171 21.11 -5.37 3.43
N PRO D 172 20.53 -6.51 3.80
CA PRO D 172 19.60 -6.57 4.94
C PRO D 172 20.17 -5.95 6.22
N GLU D 173 21.46 -6.06 6.48
CA GLU D 173 21.98 -5.56 7.75
C GLU D 173 22.06 -4.04 7.75
N ARG D 174 22.29 -3.46 6.58
CA ARG D 174 22.33 -2.02 6.46
C ARG D 174 20.91 -1.52 6.61
N LEU D 175 19.96 -2.26 6.06
CA LEU D 175 18.56 -1.88 6.14
C LEU D 175 18.09 -1.82 7.59
N GLN D 176 18.46 -2.81 8.39
CA GLN D 176 18.03 -2.87 9.78
C GLN D 176 18.95 -2.10 10.71
N GLY D 177 19.94 -1.44 10.14
CA GLY D 177 20.82 -0.57 10.91
C GLY D 177 21.86 -1.22 11.80
N THR D 178 22.01 -2.55 11.73
CA THR D 178 23.06 -3.22 12.52
C THR D 178 24.42 -2.93 11.91
N HIS D 179 25.44 -3.57 12.45
CA HIS D 179 26.78 -3.36 11.96
C HIS D 179 26.85 -3.81 10.50
N TYR D 180 27.72 -3.14 9.74
CA TYR D 180 27.96 -3.47 8.34
C TYR D 180 29.37 -3.11 7.93
N SER D 181 29.83 -3.70 6.84
CA SER D 181 31.14 -3.44 6.28
C SER D 181 31.10 -3.92 4.86
N VAL D 182 32.27 -4.13 4.28
CA VAL D 182 32.38 -4.65 2.90
C VAL D 182 31.52 -5.89 2.65
N GLN D 183 31.06 -6.53 3.72
CA GLN D 183 30.14 -7.65 3.58
C GLN D 183 28.87 -7.20 2.87
N SER D 184 28.44 -5.96 3.16
CA SER D 184 27.27 -5.37 2.51
C SER D 184 27.47 -5.28 1.01
N ASP D 185 28.68 -4.93 0.59
CA ASP D 185 28.95 -4.77 -0.83
C ASP D 185 28.93 -6.08 -1.60
N ILE D 186 29.35 -7.17 -0.95
CA ILE D 186 29.29 -8.51 -1.56
C ILE D 186 27.83 -8.88 -1.83
N TRP D 187 26.94 -8.51 -0.90
CA TRP D 187 25.52 -8.80 -1.04
C TRP D 187 25.00 -8.14 -2.29
N SER D 188 25.44 -6.89 -2.51
CA SER D 188 24.88 -6.13 -3.62
C SER D 188 25.44 -6.65 -4.93
N MET D 189 26.72 -6.99 -4.95
CA MET D 189 27.32 -7.56 -6.16
C MET D 189 26.54 -8.79 -6.56
N GLY D 190 26.35 -9.67 -5.57
CA GLY D 190 25.55 -10.88 -5.75
C GLY D 190 24.16 -10.62 -6.29
N LEU D 191 23.50 -9.60 -5.78
CA LEU D 191 22.15 -9.29 -6.22
C LEU D 191 22.18 -8.79 -7.64
N SER D 192 23.19 -7.98 -7.96
CA SER D 192 23.36 -7.45 -9.30
C SER D 192 23.71 -8.57 -10.28
N LEU D 193 24.61 -9.47 -9.91
CA LEU D 193 24.92 -10.66 -10.74
C LEU D 193 23.69 -11.48 -11.20
N VAL D 194 22.79 -11.76 -10.27
CA VAL D 194 21.51 -12.39 -10.60
C VAL D 194 20.66 -11.54 -11.56
N GLU D 195 20.59 -10.24 -11.34
CA GLU D 195 19.85 -9.37 -12.26
C GLU D 195 20.42 -9.54 -13.67
N MET D 196 21.73 -9.32 -13.80
CA MET D 196 22.35 -9.32 -15.11
C MET D 196 22.28 -10.69 -15.79
N ALA D 197 22.32 -11.78 -15.03
CA ALA D 197 22.26 -13.11 -15.64
C ALA D 197 20.86 -13.46 -16.15
N VAL D 198 19.85 -13.10 -15.37
CA VAL D 198 18.48 -13.46 -15.67
C VAL D 198 17.82 -12.38 -16.51
N GLY D 199 18.24 -11.13 -16.29
CA GLY D 199 17.74 -10.01 -17.07
C GLY D 199 16.53 -9.36 -16.45
N ARG D 200 16.33 -9.63 -15.17
CA ARG D 200 15.22 -9.08 -14.43
C ARG D 200 15.68 -8.79 -13.01
N TYR D 201 15.33 -7.62 -12.50
CA TYR D 201 15.61 -7.32 -11.10
C TYR D 201 15.04 -8.45 -10.23
N PRO D 202 15.91 -9.16 -9.51
CA PRO D 202 15.53 -10.44 -8.91
C PRO D 202 14.70 -10.32 -7.64
N ILE D 203 14.05 -9.17 -7.44
CA ILE D 203 13.17 -9.01 -6.29
C ILE D 203 11.80 -8.42 -6.66
N PRO D 204 10.73 -9.17 -6.37
CA PRO D 204 10.78 -10.52 -5.80
C PRO D 204 11.08 -11.57 -6.89
N PRO D 205 11.35 -12.83 -6.48
CA PRO D 205 11.66 -13.88 -7.45
C PRO D 205 10.48 -14.12 -8.36
N PRO D 206 10.76 -14.49 -9.62
CA PRO D 206 9.77 -14.64 -10.69
C PRO D 206 8.67 -15.68 -10.41
N ASP D 207 7.47 -15.42 -10.93
CA ASP D 207 6.34 -16.36 -10.88
C ASP D 207 6.61 -17.58 -11.75
N ALA D 208 5.71 -18.56 -11.70
CA ALA D 208 5.81 -19.71 -12.56
C ALA D 208 5.74 -19.28 -14.02
N LYS D 209 4.75 -18.45 -14.34
CA LYS D 209 4.52 -17.94 -15.70
C LYS D 209 5.63 -16.97 -16.14
N GLU D 210 5.85 -15.96 -15.33
CA GLU D 210 6.86 -14.93 -15.54
C GLU D 210 8.27 -15.48 -15.79
N LEU D 211 8.53 -16.70 -15.33
CA LEU D 211 9.83 -17.33 -15.42
C LEU D 211 10.04 -17.99 -16.78
N GLU D 212 9.01 -18.71 -17.23
CA GLU D 212 9.08 -19.54 -18.44
C GLU D 212 9.37 -18.71 -19.69
N LEU D 213 9.01 -17.43 -19.65
CA LEU D 213 9.26 -16.50 -20.76
C LEU D 213 10.76 -16.32 -20.99
N MET D 214 11.54 -16.42 -19.91
CA MET D 214 12.99 -16.22 -20.00
C MET D 214 13.73 -17.49 -19.58
N PRO D 247 4.34 -2.43 -10.93
CA PRO D 247 5.44 -3.09 -10.22
C PRO D 247 5.16 -3.20 -8.73
N MET D 248 6.24 -3.29 -7.96
CA MET D 248 6.13 -3.48 -6.53
C MET D 248 6.71 -2.27 -5.80
N ALA D 249 5.93 -1.73 -4.87
CA ALA D 249 6.34 -0.61 -4.05
C ALA D 249 7.70 -0.85 -3.39
N ILE D 250 8.52 0.19 -3.27
CA ILE D 250 9.84 -0.01 -2.71
C ILE D 250 9.81 -0.53 -1.28
N PHE D 251 8.84 -0.09 -0.48
CA PHE D 251 8.74 -0.60 0.89
C PHE D 251 8.54 -2.11 0.90
N GLU D 252 7.68 -2.63 0.03
CA GLU D 252 7.56 -4.08 -0.10
C GLU D 252 8.94 -4.72 -0.36
N LEU D 253 9.72 -4.15 -1.29
CA LEU D 253 11.04 -4.69 -1.67
C LEU D 253 12.03 -4.67 -0.51
N LEU D 254 12.00 -3.58 0.25
CA LEU D 254 12.86 -3.49 1.41
C LEU D 254 12.49 -4.61 2.39
N ASP D 255 11.18 -4.87 2.50
CA ASP D 255 10.68 -5.84 3.45
C ASP D 255 10.98 -7.23 2.94
N TYR D 256 10.96 -7.43 1.63
CA TYR D 256 11.35 -8.72 1.09
C TYR D 256 12.82 -9.00 1.47
N ILE D 257 13.71 -8.09 1.09
CA ILE D 257 15.12 -8.18 1.42
C ILE D 257 15.40 -8.56 2.89
N VAL D 258 14.62 -8.03 3.81
CA VAL D 258 14.90 -8.24 5.22
C VAL D 258 14.28 -9.54 5.76
N ASN D 259 13.14 -9.95 5.22
CA ASN D 259 12.37 -11.06 5.82
C ASN D 259 12.14 -12.30 4.92
N GLU D 260 12.51 -12.21 3.65
CA GLU D 260 12.35 -13.38 2.79
C GLU D 260 13.71 -13.98 2.47
N PRO D 261 13.71 -15.19 1.90
CA PRO D 261 14.99 -15.75 1.46
C PRO D 261 15.56 -15.03 0.24
N PRO D 262 16.90 -15.01 0.14
CA PRO D 262 17.61 -14.37 -0.97
C PRO D 262 17.27 -15.02 -2.29
N PRO D 263 17.35 -14.24 -3.38
CA PRO D 263 17.13 -14.84 -4.71
C PRO D 263 18.26 -15.81 -5.10
N LYS D 264 18.07 -16.51 -6.20
CA LYS D 264 19.09 -17.40 -6.69
C LYS D 264 18.96 -17.52 -8.19
N LEU D 265 19.98 -18.06 -8.84
CA LEU D 265 19.90 -18.35 -10.26
C LEU D 265 18.99 -19.56 -10.37
N PRO D 266 18.49 -19.84 -11.58
CA PRO D 266 17.89 -21.17 -11.78
C PRO D 266 19.02 -22.18 -11.99
N SER D 267 18.70 -23.47 -11.97
CA SER D 267 19.73 -24.48 -12.21
C SER D 267 19.73 -24.89 -13.68
N GLY D 268 20.72 -25.71 -14.07
CA GLY D 268 20.80 -26.23 -15.42
C GLY D 268 21.29 -25.28 -16.49
N VAL D 269 20.69 -24.10 -16.59
CA VAL D 269 21.08 -23.10 -17.58
C VAL D 269 22.29 -22.27 -17.10
N PHE D 270 22.65 -22.40 -15.82
CA PHE D 270 23.89 -21.80 -15.32
C PHE D 270 24.81 -22.84 -14.71
N SER D 271 26.11 -22.62 -14.88
CA SER D 271 27.12 -23.43 -14.24
C SER D 271 26.84 -23.62 -12.74
N LEU D 272 27.16 -24.79 -12.20
CA LEU D 272 26.97 -25.02 -10.77
C LEU D 272 27.87 -24.09 -9.97
N GLU D 273 29.10 -23.90 -10.42
CA GLU D 273 30.02 -22.99 -9.73
C GLU D 273 29.43 -21.58 -9.65
N PHE D 274 28.90 -21.08 -10.77
CA PHE D 274 28.23 -19.79 -10.75
C PHE D 274 27.13 -19.73 -9.66
N GLN D 275 26.23 -20.71 -9.67
CA GLN D 275 25.16 -20.76 -8.68
C GLN D 275 25.72 -20.79 -7.27
N ASP D 276 26.78 -21.56 -7.07
CA ASP D 276 27.41 -21.58 -5.76
C ASP D 276 27.97 -20.21 -5.38
N PHE D 277 28.68 -19.57 -6.32
CA PHE D 277 29.26 -18.24 -6.11
C PHE D 277 28.20 -17.21 -5.67
N VAL D 278 27.14 -17.12 -6.45
CA VAL D 278 26.06 -16.16 -6.25
C VAL D 278 25.42 -16.38 -4.88
N ASN D 279 25.16 -17.64 -4.55
CA ASN D 279 24.56 -17.97 -3.27
C ASN D 279 25.40 -17.57 -2.08
N LYS D 280 26.72 -17.61 -2.23
CA LYS D 280 27.60 -17.32 -1.10
C LYS D 280 27.67 -15.82 -0.89
N CYS D 281 27.33 -15.08 -1.95
CA CYS D 281 27.21 -13.63 -1.88
C CYS D 281 25.87 -13.24 -1.25
N LEU D 282 24.85 -14.02 -1.51
CA LEU D 282 23.52 -13.62 -1.06
C LEU D 282 23.04 -14.19 0.28
N ILE D 283 23.96 -14.64 1.12
CA ILE D 283 23.56 -15.15 2.43
C ILE D 283 23.18 -13.99 3.32
N LYS D 284 22.01 -14.05 3.97
CA LYS D 284 21.52 -12.91 4.77
C LYS D 284 22.40 -12.53 5.97
N ASN D 285 23.05 -13.50 6.58
CA ASN D 285 23.94 -13.21 7.67
C ASN D 285 25.27 -12.79 7.09
N PRO D 286 25.67 -11.53 7.31
CA PRO D 286 26.96 -11.05 6.79
C PRO D 286 28.09 -11.90 7.32
N ALA D 287 27.90 -12.45 8.52
CA ALA D 287 28.92 -13.24 9.20
C ALA D 287 29.04 -14.67 8.68
N GLU D 288 28.00 -15.16 7.99
CA GLU D 288 28.09 -16.47 7.33
C GLU D 288 28.24 -16.29 5.82
N ARG D 289 28.33 -15.04 5.39
CA ARG D 289 28.36 -14.68 3.97
C ARG D 289 29.83 -14.73 3.57
N ALA D 290 30.11 -14.90 2.28
CA ALA D 290 31.49 -14.95 1.81
C ALA D 290 32.20 -13.62 2.07
N ASP D 291 33.53 -13.65 2.23
CA ASP D 291 34.26 -12.38 2.23
C ASP D 291 35.11 -12.20 0.97
N LEU D 292 35.83 -11.09 0.90
CA LEU D 292 36.63 -10.80 -0.28
C LEU D 292 37.74 -11.82 -0.55
N LYS D 293 38.46 -12.21 0.49
CA LYS D 293 39.49 -13.24 0.35
C LYS D 293 38.90 -14.56 -0.15
N GLN D 294 37.74 -14.94 0.38
CA GLN D 294 37.15 -16.23 0.01
C GLN D 294 36.55 -16.26 -1.40
N LEU D 295 36.10 -15.12 -1.88
CA LEU D 295 35.48 -15.07 -3.19
C LEU D 295 36.56 -15.09 -4.24
N MET D 296 37.63 -14.39 -3.93
CA MET D 296 38.78 -14.29 -4.81
C MET D 296 39.29 -15.65 -5.24
N VAL D 297 39.19 -16.65 -4.37
CA VAL D 297 39.67 -18.01 -4.69
C VAL D 297 38.54 -19.03 -4.91
N HIS D 298 37.32 -18.56 -5.05
CA HIS D 298 36.20 -19.47 -5.31
C HIS D 298 36.42 -20.20 -6.62
N ALA D 299 35.75 -21.33 -6.80
CA ALA D 299 35.84 -22.11 -8.04
C ALA D 299 35.41 -21.31 -9.29
N PHE D 300 34.29 -20.59 -9.20
CA PHE D 300 33.80 -19.80 -10.33
C PHE D 300 34.79 -18.73 -10.71
N ILE D 301 35.57 -18.26 -9.75
CA ILE D 301 36.50 -17.17 -10.00
C ILE D 301 37.79 -17.71 -10.59
N LYS D 302 38.33 -18.77 -9.99
CA LYS D 302 39.53 -19.44 -10.47
C LYS D 302 39.36 -19.79 -11.93
N ARG D 303 38.16 -20.27 -12.26
CA ARG D 303 37.87 -20.69 -13.61
C ARG D 303 37.88 -19.52 -14.59
N SER D 304 37.03 -18.53 -14.36
CA SER D 304 36.91 -17.40 -15.27
C SER D 304 38.22 -16.65 -15.47
N ASP D 305 39.04 -16.61 -14.42
CA ASP D 305 40.34 -15.97 -14.47
C ASP D 305 41.24 -16.70 -15.48
N ALA D 306 41.07 -18.02 -15.56
CA ALA D 306 41.80 -18.81 -16.53
C ALA D 306 41.24 -18.56 -17.91
N GLU D 307 39.91 -18.53 -18.02
CA GLU D 307 39.24 -18.29 -19.30
C GLU D 307 39.73 -17.03 -20.01
N GLU D 308 39.92 -17.13 -21.32
CA GLU D 308 40.23 -15.97 -22.14
C GLU D 308 38.98 -15.60 -22.96
N VAL D 309 38.43 -14.42 -22.69
CA VAL D 309 37.18 -14.02 -23.34
C VAL D 309 37.31 -12.73 -24.15
N ASP D 310 36.63 -12.70 -25.29
CA ASP D 310 36.62 -11.52 -26.15
C ASP D 310 35.63 -10.52 -25.57
N PHE D 311 35.99 -9.91 -24.44
CA PHE D 311 35.03 -9.04 -23.77
C PHE D 311 34.71 -7.80 -24.60
N ALA D 312 35.74 -7.04 -24.94
CA ALA D 312 35.56 -5.84 -25.75
C ALA D 312 34.81 -6.14 -27.06
N GLY D 313 35.06 -7.29 -27.66
CA GLY D 313 34.37 -7.67 -28.86
C GLY D 313 32.90 -7.92 -28.58
N TRP D 314 32.63 -8.57 -27.45
CA TRP D 314 31.25 -8.88 -27.09
C TRP D 314 30.45 -7.60 -26.92
N LEU D 315 31.06 -6.63 -26.24
CA LEU D 315 30.42 -5.35 -25.93
C LEU D 315 30.09 -4.54 -27.18
N CYS D 316 31.11 -4.24 -27.99
CA CYS D 316 30.92 -3.48 -29.21
C CYS D 316 29.85 -4.13 -30.07
N SER D 317 29.86 -5.46 -30.08
CA SER D 317 28.81 -6.26 -30.72
C SER D 317 27.42 -5.90 -30.19
N THR D 318 27.30 -5.79 -28.87
CA THR D 318 26.01 -5.57 -28.20
C THR D 318 25.48 -4.16 -28.43
N ILE D 319 26.39 -3.20 -28.58
CA ILE D 319 26.01 -1.80 -28.73
C ILE D 319 26.44 -1.15 -30.06
N GLY D 320 27.31 -0.15 -29.95
CA GLY D 320 27.54 0.83 -31.01
C GLY D 320 28.98 1.23 -31.28
N LEU D 321 29.73 0.27 -31.80
CA LEU D 321 30.93 0.58 -32.57
C LEU D 321 30.87 -0.29 -33.81
N ASN D 322 30.04 -1.33 -33.74
CA ASN D 322 29.78 -2.23 -34.85
C ASN D 322 28.65 -1.76 -35.75
N GLU E 2 -44.45 -35.13 11.26
CA GLU E 2 -43.24 -35.92 11.46
C GLU E 2 -42.57 -36.24 10.14
N LEU E 3 -41.43 -35.58 9.88
CA LEU E 3 -40.81 -35.65 8.57
C LEU E 3 -39.40 -36.23 8.58
N LYS E 4 -38.94 -36.62 7.39
CA LYS E 4 -37.63 -37.27 7.23
C LYS E 4 -37.19 -37.15 5.78
N ASP E 5 -35.88 -37.16 5.55
CA ASP E 5 -35.31 -36.79 4.24
C ASP E 5 -35.98 -37.44 3.03
N ASP E 6 -36.36 -38.70 3.17
CA ASP E 6 -36.96 -39.44 2.05
C ASP E 6 -38.37 -38.98 1.71
N ASP E 7 -39.04 -38.36 2.70
CA ASP E 7 -40.42 -37.87 2.52
C ASP E 7 -40.53 -36.87 1.35
N PHE E 8 -39.42 -36.27 0.95
CA PHE E 8 -39.44 -35.17 -0.02
C PHE E 8 -38.80 -35.52 -1.37
N GLU E 9 -39.06 -34.70 -2.37
CA GLU E 9 -38.43 -34.82 -3.69
C GLU E 9 -38.34 -33.44 -4.32
N LYS E 10 -37.14 -33.06 -4.77
CA LYS E 10 -36.89 -31.71 -5.25
C LYS E 10 -37.73 -31.31 -6.44
N ILE E 11 -38.11 -30.04 -6.47
CA ILE E 11 -38.81 -29.46 -7.59
C ILE E 11 -37.89 -28.40 -8.22
N SER E 12 -37.47 -27.43 -7.41
CA SER E 12 -36.53 -26.40 -7.87
C SER E 12 -35.78 -25.80 -6.69
N GLU E 13 -34.67 -25.14 -6.97
CA GLU E 13 -33.91 -24.43 -5.94
C GLU E 13 -34.36 -22.97 -5.85
N LEU E 14 -34.89 -22.60 -4.68
CA LEU E 14 -35.46 -21.27 -4.48
C LEU E 14 -34.38 -20.22 -4.24
N GLY E 15 -33.19 -20.68 -3.87
CA GLY E 15 -32.06 -19.79 -3.68
C GLY E 15 -31.24 -20.14 -2.47
N ALA E 16 -30.21 -19.35 -2.21
CA ALA E 16 -29.29 -19.61 -1.11
C ALA E 16 -28.66 -18.34 -0.55
N GLY E 17 -28.53 -18.31 0.78
CA GLY E 17 -27.83 -17.24 1.47
C GLY E 17 -26.58 -17.71 2.20
N ASN E 18 -26.29 -17.03 3.31
CA ASN E 18 -25.08 -17.29 4.09
C ASN E 18 -25.29 -18.36 5.14
N GLY E 19 -25.19 -19.63 4.74
CA GLY E 19 -25.28 -20.71 5.69
C GLY E 19 -26.48 -21.61 5.51
N GLY E 20 -27.33 -21.27 4.54
CA GLY E 20 -28.52 -22.06 4.25
C GLY E 20 -28.82 -22.10 2.76
N VAL E 21 -29.71 -23.01 2.40
CA VAL E 21 -30.19 -23.09 1.03
C VAL E 21 -31.65 -23.51 1.10
N VAL E 22 -32.49 -22.91 0.24
CA VAL E 22 -33.92 -23.24 0.24
C VAL E 22 -34.43 -23.91 -1.02
N PHE E 23 -35.11 -25.05 -0.83
CA PHE E 23 -35.65 -25.82 -1.94
C PHE E 23 -37.17 -25.85 -1.98
N LYS E 24 -37.73 -25.66 -3.17
CA LYS E 24 -39.14 -25.91 -3.39
C LYS E 24 -39.24 -27.41 -3.61
N VAL E 25 -39.93 -28.09 -2.69
CA VAL E 25 -39.99 -29.55 -2.68
C VAL E 25 -41.42 -30.09 -2.62
N SER E 26 -41.58 -31.36 -2.96
CA SER E 26 -42.87 -32.02 -2.80
C SER E 26 -42.86 -33.02 -1.67
N HIS E 27 -43.64 -32.77 -0.63
CA HIS E 27 -43.88 -33.77 0.41
C HIS E 27 -44.64 -34.88 -0.29
N LYS E 28 -44.07 -36.08 -0.31
CA LYS E 28 -44.67 -37.19 -1.07
C LYS E 28 -46.04 -37.62 -0.56
N PRO E 29 -46.15 -37.97 0.74
CA PRO E 29 -47.45 -38.43 1.26
C PRO E 29 -48.59 -37.42 1.05
N SER E 30 -48.53 -36.30 1.75
CA SER E 30 -49.59 -35.27 1.69
C SER E 30 -49.83 -34.68 0.30
N GLY E 31 -48.78 -34.62 -0.53
CA GLY E 31 -48.86 -34.06 -1.87
C GLY E 31 -48.63 -32.56 -1.94
N LEU E 32 -48.45 -31.94 -0.78
CA LEU E 32 -48.24 -30.49 -0.65
C LEU E 32 -46.86 -30.03 -1.11
N VAL E 33 -46.83 -28.92 -1.85
CA VAL E 33 -45.56 -28.25 -2.13
C VAL E 33 -45.21 -27.42 -0.89
N MET E 34 -43.96 -27.48 -0.47
CA MET E 34 -43.53 -26.69 0.69
C MET E 34 -42.21 -26.04 0.41
N ALA E 35 -41.69 -25.33 1.40
CA ALA E 35 -40.31 -24.86 1.35
C ALA E 35 -39.46 -25.63 2.36
N ARG E 36 -38.49 -26.37 1.84
CA ARG E 36 -37.53 -27.01 2.69
C ARG E 36 -36.31 -26.10 2.72
N LYS E 37 -35.96 -25.65 3.90
CA LYS E 37 -34.71 -24.95 4.06
C LYS E 37 -33.76 -25.90 4.78
N LEU E 38 -32.51 -25.90 4.37
CA LEU E 38 -31.50 -26.68 5.08
C LEU E 38 -30.43 -25.76 5.63
N ILE E 39 -30.24 -25.76 6.95
CA ILE E 39 -29.12 -25.03 7.53
C ILE E 39 -27.98 -25.98 7.87
N HIS E 40 -26.81 -25.68 7.29
CA HIS E 40 -25.60 -26.48 7.50
C HIS E 40 -25.05 -26.28 8.90
N LEU E 41 -25.19 -27.28 9.75
CA LEU E 41 -24.63 -27.21 11.09
C LEU E 41 -23.84 -28.46 11.45
N GLU E 42 -22.68 -28.26 12.05
CA GLU E 42 -21.91 -29.37 12.61
C GLU E 42 -21.96 -29.23 14.13
N ILE E 43 -22.94 -29.90 14.73
CA ILE E 43 -23.21 -29.73 16.15
C ILE E 43 -23.39 -31.07 16.89
N LYS E 44 -23.19 -31.04 18.22
CA LYS E 44 -23.43 -32.19 19.08
C LYS E 44 -24.86 -32.69 18.89
N PRO E 45 -25.08 -34.02 19.01
CA PRO E 45 -26.44 -34.52 18.85
C PRO E 45 -27.36 -33.96 19.93
N ALA E 46 -26.83 -33.79 21.13
CA ALA E 46 -27.58 -33.22 22.26
C ALA E 46 -28.16 -31.85 21.90
N ILE E 47 -27.35 -31.05 21.21
CA ILE E 47 -27.72 -29.69 20.82
C ILE E 47 -28.54 -29.67 19.52
N ARG E 48 -28.30 -30.64 18.65
CA ARG E 48 -29.11 -30.82 17.47
C ARG E 48 -30.54 -31.09 17.90
N ASN E 49 -30.69 -31.95 18.89
CA ASN E 49 -32.00 -32.35 19.36
C ASN E 49 -32.78 -31.19 19.98
N GLN E 50 -32.12 -30.44 20.87
CA GLN E 50 -32.72 -29.27 21.51
C GLN E 50 -33.16 -28.20 20.51
N ILE E 51 -32.39 -28.02 19.45
CA ILE E 51 -32.76 -27.06 18.42
C ILE E 51 -34.08 -27.48 17.80
N ILE E 52 -34.20 -28.77 17.48
CA ILE E 52 -35.43 -29.28 16.87
C ILE E 52 -36.61 -29.17 17.82
N ARG E 53 -36.33 -29.37 19.10
CA ARG E 53 -37.30 -29.15 20.15
C ARG E 53 -37.80 -27.73 19.98
N GLU E 54 -36.94 -26.77 20.30
CA GLU E 54 -37.32 -25.36 20.36
C GLU E 54 -38.05 -24.83 19.12
N LEU E 55 -37.80 -25.46 17.97
CA LEU E 55 -38.49 -25.07 16.74
C LEU E 55 -39.97 -25.47 16.74
N GLN E 56 -40.34 -26.44 17.58
CA GLN E 56 -41.71 -26.97 17.61
C GLN E 56 -42.73 -25.87 17.92
N VAL E 57 -42.27 -24.85 18.63
CA VAL E 57 -43.07 -23.68 18.94
C VAL E 57 -43.68 -23.00 17.69
N LEU E 58 -43.16 -23.33 16.52
CA LEU E 58 -43.68 -22.72 15.31
C LEU E 58 -44.98 -23.37 14.80
N HIS E 59 -45.30 -24.56 15.29
CA HIS E 59 -46.59 -25.18 14.98
C HIS E 59 -47.68 -24.29 15.54
N GLU E 60 -47.41 -23.74 16.72
CA GLU E 60 -48.31 -22.82 17.40
C GLU E 60 -48.13 -21.38 16.94
N CYS E 61 -47.72 -21.19 15.68
CA CYS E 61 -47.48 -19.84 15.16
C CYS E 61 -48.39 -19.43 14.01
N ASN E 62 -49.71 -19.46 14.23
CA ASN E 62 -50.63 -19.01 13.20
C ASN E 62 -50.78 -17.49 13.23
N SER E 63 -50.49 -16.87 12.10
CA SER E 63 -50.76 -15.46 11.87
C SER E 63 -50.79 -15.26 10.36
N PRO E 64 -51.52 -14.26 9.88
CA PRO E 64 -51.43 -14.04 8.44
C PRO E 64 -50.16 -13.29 8.05
N TYR E 65 -49.38 -12.85 9.05
CA TYR E 65 -48.15 -12.12 8.77
C TYR E 65 -46.92 -12.96 9.10
N ILE E 66 -47.15 -14.20 9.52
CA ILE E 66 -46.07 -15.16 9.76
C ILE E 66 -46.11 -16.31 8.77
N VAL E 67 -44.94 -16.71 8.26
CA VAL E 67 -44.87 -17.83 7.33
C VAL E 67 -45.29 -19.11 8.07
N GLY E 68 -46.09 -19.94 7.41
CA GLY E 68 -46.61 -21.14 8.04
C GLY E 68 -45.55 -22.21 8.26
N PHE E 69 -45.67 -22.92 9.39
CA PHE E 69 -44.72 -23.98 9.71
C PHE E 69 -45.29 -25.39 9.58
N TYR E 70 -44.55 -26.26 8.88
CA TYR E 70 -44.92 -27.67 8.81
C TYR E 70 -44.14 -28.54 9.82
N GLY E 71 -42.83 -28.65 9.64
CA GLY E 71 -42.04 -29.41 10.61
C GLY E 71 -40.55 -29.24 10.45
N ALA E 72 -39.80 -29.79 11.41
CA ALA E 72 -38.34 -29.73 11.37
C ALA E 72 -37.67 -31.08 11.69
N PHE E 73 -36.56 -31.36 11.02
CA PHE E 73 -35.80 -32.59 11.32
C PHE E 73 -34.26 -32.46 11.09
N TYR E 74 -33.57 -33.61 11.03
CA TYR E 74 -32.12 -33.62 10.89
C TYR E 74 -31.61 -34.74 10.00
N SER E 75 -30.89 -34.38 8.94
CA SER E 75 -30.25 -35.36 8.06
C SER E 75 -28.71 -35.27 8.13
N ASP E 76 -28.04 -35.43 6.99
CA ASP E 76 -26.58 -35.45 6.98
C ASP E 76 -25.98 -34.08 7.18
N GLY E 77 -25.72 -33.72 8.43
CA GLY E 77 -25.12 -32.43 8.76
C GLY E 77 -26.04 -31.21 8.71
N GLU E 78 -27.34 -31.42 8.47
CA GLU E 78 -28.23 -30.29 8.25
C GLU E 78 -29.57 -30.34 8.96
N ILE E 79 -29.88 -29.23 9.63
CA ILE E 79 -31.22 -29.01 10.15
C ILE E 79 -32.14 -28.62 9.00
N SER E 80 -33.26 -29.34 8.88
CA SER E 80 -34.26 -29.04 7.86
C SER E 80 -35.47 -28.38 8.48
N ILE E 81 -35.73 -27.14 8.08
CA ILE E 81 -36.96 -26.44 8.45
C ILE E 81 -37.93 -26.42 7.29
N CYS E 82 -39.11 -27.00 7.52
CA CYS E 82 -40.12 -27.12 6.49
C CYS E 82 -41.26 -26.15 6.74
N MET E 83 -41.56 -25.35 5.74
CA MET E 83 -42.47 -24.23 5.93
C MET E 83 -43.35 -23.92 4.73
N GLU E 84 -44.27 -22.98 4.92
CA GLU E 84 -45.19 -22.55 3.88
C GLU E 84 -44.44 -22.01 2.67
N HIS E 85 -44.61 -22.65 1.53
CA HIS E 85 -44.06 -22.11 0.29
C HIS E 85 -44.75 -20.79 -0.07
N MET E 86 -43.96 -19.81 -0.47
CA MET E 86 -44.52 -18.51 -0.83
C MET E 86 -44.19 -18.22 -2.28
N ASP E 87 -45.16 -18.37 -3.17
CA ASP E 87 -44.92 -18.30 -4.61
C ASP E 87 -44.54 -16.92 -5.19
N GLY E 88 -44.51 -15.89 -4.34
CA GLY E 88 -44.10 -14.56 -4.76
C GLY E 88 -42.62 -14.30 -4.53
N GLY E 89 -42.04 -15.00 -3.56
CA GLY E 89 -40.62 -14.85 -3.29
C GLY E 89 -40.34 -13.89 -2.16
N SER E 90 -39.10 -13.45 -2.07
CA SER E 90 -38.74 -12.49 -1.04
C SER E 90 -38.90 -11.09 -1.64
N LEU E 91 -39.07 -10.10 -0.76
CA LEU E 91 -39.08 -8.72 -1.25
C LEU E 91 -37.72 -8.37 -1.86
N ASP E 92 -36.68 -9.11 -1.44
CA ASP E 92 -35.37 -9.01 -2.05
C ASP E 92 -35.47 -9.22 -3.57
N GLN E 93 -36.08 -10.34 -3.96
CA GLN E 93 -36.18 -10.68 -5.38
C GLN E 93 -37.08 -9.72 -6.13
N VAL E 94 -38.24 -9.44 -5.55
CA VAL E 94 -39.20 -8.48 -6.10
C VAL E 94 -38.55 -7.12 -6.36
N LEU E 95 -37.68 -6.69 -5.47
CA LEU E 95 -37.00 -5.40 -5.61
C LEU E 95 -36.02 -5.38 -6.78
N LYS E 96 -35.39 -6.52 -7.06
CA LYS E 96 -34.47 -6.59 -8.18
C LYS E 96 -35.25 -6.53 -9.49
N LYS E 97 -36.32 -7.32 -9.57
CA LYS E 97 -37.18 -7.35 -10.75
C LYS E 97 -37.88 -6.00 -10.99
N ALA E 98 -38.29 -5.33 -9.91
CA ALA E 98 -39.09 -4.10 -9.99
C ALA E 98 -38.32 -2.78 -9.92
N GLY E 99 -37.07 -2.82 -9.49
CA GLY E 99 -36.23 -1.63 -9.51
C GLY E 99 -36.44 -0.65 -8.37
N ARG E 100 -37.69 -0.23 -8.17
CA ARG E 100 -38.08 0.58 -7.02
C ARG E 100 -39.49 0.19 -6.59
N ILE E 101 -39.71 -0.04 -5.30
CA ILE E 101 -41.07 -0.29 -4.84
C ILE E 101 -41.79 1.01 -4.42
N PRO E 102 -43.02 1.22 -4.95
CA PRO E 102 -43.92 2.37 -4.74
C PRO E 102 -44.31 2.58 -3.29
N GLU E 103 -44.24 3.84 -2.85
CA GLU E 103 -44.55 4.23 -1.47
C GLU E 103 -45.81 3.53 -0.93
N GLN E 104 -46.91 3.60 -1.68
CA GLN E 104 -48.15 3.02 -1.19
C GLN E 104 -48.01 1.52 -0.92
N ILE E 105 -47.29 0.82 -1.80
CA ILE E 105 -47.02 -0.61 -1.58
C ILE E 105 -46.20 -0.80 -0.30
N LEU E 106 -45.15 0.01 -0.17
CA LEU E 106 -44.32 0.01 1.03
C LEU E 106 -45.14 0.18 2.32
N GLY E 107 -46.13 1.05 2.25
CA GLY E 107 -47.01 1.28 3.37
C GLY E 107 -47.69 0.02 3.80
N LYS E 108 -48.13 -0.79 2.83
CA LYS E 108 -48.81 -2.04 3.15
C LYS E 108 -47.83 -3.00 3.83
N VAL E 109 -46.60 -3.02 3.29
CA VAL E 109 -45.53 -3.84 3.83
C VAL E 109 -45.28 -3.46 5.27
N SER E 110 -44.98 -2.19 5.49
CA SER E 110 -44.78 -1.68 6.84
C SER E 110 -45.90 -2.11 7.79
N ILE E 111 -47.15 -2.08 7.33
CA ILE E 111 -48.23 -2.59 8.16
C ILE E 111 -47.99 -4.07 8.47
N ALA E 112 -47.77 -4.85 7.43
CA ALA E 112 -47.58 -6.28 7.57
C ALA E 112 -46.47 -6.59 8.55
N VAL E 113 -45.37 -5.85 8.43
CA VAL E 113 -44.19 -6.09 9.26
C VAL E 113 -44.48 -5.73 10.70
N ILE E 114 -45.17 -4.62 10.91
CA ILE E 114 -45.48 -4.17 12.26
C ILE E 114 -46.44 -5.15 12.93
N LYS E 115 -47.39 -5.67 12.15
CA LYS E 115 -48.33 -6.63 12.70
C LYS E 115 -47.61 -7.89 13.12
N GLY E 116 -46.67 -8.32 12.28
CA GLY E 116 -45.97 -9.58 12.47
C GLY E 116 -45.06 -9.52 13.67
N LEU E 117 -44.39 -8.38 13.82
CA LEU E 117 -43.53 -8.13 14.98
C LEU E 117 -44.35 -8.04 16.26
N THR E 118 -45.51 -7.39 16.21
CA THR E 118 -46.43 -7.34 17.35
C THR E 118 -46.94 -8.74 17.72
N TYR E 119 -47.31 -9.53 16.72
CA TYR E 119 -47.77 -10.89 16.98
C TYR E 119 -46.70 -11.69 17.70
N LEU E 120 -45.49 -11.65 17.16
CA LEU E 120 -44.39 -12.41 17.75
C LEU E 120 -44.17 -11.96 19.20
N ARG E 121 -43.94 -10.65 19.39
CA ARG E 121 -43.68 -10.12 20.72
C ARG E 121 -44.78 -10.46 21.71
N GLU E 122 -46.04 -10.37 21.29
CA GLU E 122 -47.12 -10.54 22.24
C GLU E 122 -47.51 -11.98 22.52
N LYS E 123 -47.76 -12.74 21.46
CA LYS E 123 -48.22 -14.12 21.62
C LYS E 123 -47.10 -15.14 21.87
N HIS E 124 -45.85 -14.73 21.64
CA HIS E 124 -44.70 -15.64 21.77
C HIS E 124 -43.46 -15.03 22.42
N LYS E 125 -43.52 -13.74 22.73
CA LYS E 125 -42.48 -13.09 23.54
C LYS E 125 -41.06 -13.20 22.92
N ILE E 126 -40.99 -13.33 21.60
CA ILE E 126 -39.72 -13.33 20.88
C ILE E 126 -39.64 -12.18 19.87
N MET E 127 -38.46 -11.58 19.75
CA MET E 127 -38.21 -10.59 18.70
C MET E 127 -37.75 -11.27 17.41
N HIS E 128 -37.57 -10.51 16.35
CA HIS E 128 -37.22 -11.14 15.06
C HIS E 128 -35.72 -11.41 14.90
N ARG E 129 -34.89 -10.48 15.36
CA ARG E 129 -33.44 -10.52 15.21
C ARG E 129 -32.94 -10.32 13.77
N ASP E 130 -33.72 -10.67 12.76
CA ASP E 130 -33.24 -10.66 11.38
C ASP E 130 -34.22 -10.13 10.30
N VAL E 131 -34.74 -8.93 10.50
CA VAL E 131 -35.63 -8.33 9.50
C VAL E 131 -34.84 -7.72 8.33
N LYS E 132 -35.25 -8.05 7.10
CA LYS E 132 -34.64 -7.50 5.90
C LYS E 132 -35.47 -7.99 4.74
N PRO E 133 -35.33 -7.37 3.56
CA PRO E 133 -36.19 -7.74 2.41
C PRO E 133 -36.20 -9.22 2.10
N SER E 134 -35.05 -9.91 2.17
CA SER E 134 -35.00 -11.34 1.84
C SER E 134 -35.79 -12.18 2.81
N ASN E 135 -36.04 -11.66 4.00
CA ASN E 135 -36.85 -12.36 4.99
C ASN E 135 -38.29 -11.86 5.08
N ILE E 136 -38.69 -11.05 4.10
CA ILE E 136 -40.09 -10.68 4.00
C ILE E 136 -40.60 -11.32 2.74
N LEU E 137 -41.53 -12.27 2.89
CA LEU E 137 -42.03 -13.07 1.78
C LEU E 137 -43.48 -12.74 1.36
N VAL E 138 -43.74 -12.82 0.07
CA VAL E 138 -45.06 -12.45 -0.47
C VAL E 138 -45.62 -13.60 -1.31
N ASN E 139 -46.93 -13.56 -1.58
CA ASN E 139 -47.55 -14.55 -2.47
C ASN E 139 -48.53 -13.94 -3.48
N SER E 140 -48.98 -14.74 -4.43
CA SER E 140 -49.78 -14.26 -5.56
C SER E 140 -51.14 -13.66 -5.16
N ARG E 141 -51.63 -14.02 -3.96
CA ARG E 141 -52.84 -13.42 -3.43
C ARG E 141 -52.55 -12.14 -2.61
N GLY E 142 -51.28 -11.75 -2.56
CA GLY E 142 -50.89 -10.51 -1.94
C GLY E 142 -50.62 -10.54 -0.44
N GLU E 143 -50.74 -11.70 0.17
CA GLU E 143 -50.42 -11.81 1.59
C GLU E 143 -48.94 -11.50 1.77
N ILE E 144 -48.60 -10.94 2.94
CA ILE E 144 -47.21 -10.57 3.23
C ILE E 144 -46.77 -11.11 4.59
N LYS E 145 -45.68 -11.88 4.62
CA LYS E 145 -45.30 -12.61 5.82
C LYS E 145 -43.82 -12.49 6.16
N LEU E 146 -43.51 -12.60 7.45
CA LEU E 146 -42.15 -12.54 7.95
C LEU E 146 -41.61 -13.95 8.11
N CYS E 147 -40.31 -14.15 7.87
CA CYS E 147 -39.71 -15.44 8.16
CA CYS E 147 -39.68 -15.44 8.08
C CYS E 147 -38.29 -15.29 8.71
N ASP E 148 -37.68 -16.42 9.02
CA ASP E 148 -36.31 -16.50 9.53
C ASP E 148 -36.08 -15.80 10.87
N PHE E 149 -37.05 -15.91 11.79
CA PHE E 149 -36.98 -15.20 13.07
C PHE E 149 -36.41 -16.02 14.26
N GLY E 150 -35.84 -15.30 15.22
CA GLY E 150 -35.12 -15.93 16.31
C GLY E 150 -35.97 -16.69 17.31
N VAL E 151 -36.61 -17.76 16.85
CA VAL E 151 -37.45 -18.55 17.76
C VAL E 151 -36.64 -19.48 18.65
N SER E 152 -35.89 -20.38 18.03
CA SER E 152 -35.05 -21.31 18.76
C SER E 152 -33.80 -20.58 19.28
N GLY E 153 -33.76 -20.33 20.58
CA GLY E 153 -32.67 -19.61 21.20
C GLY E 153 -31.34 -20.29 20.96
N GLN E 154 -31.39 -21.61 20.79
CA GLN E 154 -30.19 -22.41 20.56
C GLN E 154 -29.74 -22.33 19.11
N LEU E 155 -30.68 -22.32 18.17
CA LEU E 155 -30.35 -22.13 16.76
C LEU E 155 -29.67 -20.76 16.52
N ILE E 156 -30.05 -19.75 17.31
CA ILE E 156 -29.39 -18.44 17.25
C ILE E 156 -27.92 -18.63 17.66
N ASP E 157 -27.73 -19.46 18.68
CA ASP E 157 -26.43 -19.64 19.30
C ASP E 157 -25.50 -20.42 18.36
N SER E 158 -26.04 -21.45 17.75
CA SER E 158 -25.25 -22.35 16.95
C SER E 158 -24.94 -21.76 15.59
N MET E 159 -25.62 -20.66 15.27
CA MET E 159 -25.37 -20.00 13.99
C MET E 159 -24.26 -18.94 14.04
N ALA E 160 -23.81 -18.59 15.25
CA ALA E 160 -22.82 -17.52 15.42
C ALA E 160 -21.46 -17.83 14.81
N ASN E 161 -21.05 -19.08 14.91
CA ASN E 161 -19.87 -19.56 14.20
C ASN E 161 -20.22 -19.52 12.73
N SER E 162 -19.80 -18.45 12.05
CA SER E 162 -20.30 -18.15 10.72
C SER E 162 -19.22 -17.75 9.73
N PHE E 163 -19.62 -17.73 8.47
CA PHE E 163 -18.81 -17.13 7.42
C PHE E 163 -19.11 -15.63 7.31
N VAL E 164 -18.23 -14.90 6.62
CA VAL E 164 -18.36 -13.45 6.49
C VAL E 164 -19.47 -13.09 5.50
N GLY E 165 -20.44 -12.30 5.95
CA GLY E 165 -21.48 -11.78 5.07
C GLY E 165 -20.98 -10.61 4.23
N THR E 166 -21.85 -10.03 3.40
CA THR E 166 -21.44 -8.88 2.58
C THR E 166 -22.10 -7.57 2.99
N ARG E 167 -23.36 -7.64 3.42
CA ARG E 167 -24.05 -6.47 3.92
C ARG E 167 -24.76 -6.79 5.22
N SER E 168 -25.20 -5.75 5.91
CA SER E 168 -25.80 -5.94 7.22
C SER E 168 -26.99 -5.04 7.44
N TYR E 169 -27.98 -5.53 8.19
CA TYR E 169 -29.10 -4.70 8.60
C TYR E 169 -29.18 -4.56 10.12
N MET E 170 -28.09 -4.87 10.80
CA MET E 170 -28.04 -4.91 12.26
C MET E 170 -28.13 -3.50 12.84
N SER E 171 -28.78 -3.37 13.98
CA SER E 171 -28.92 -2.05 14.59
C SER E 171 -27.55 -1.66 15.14
N PRO E 172 -27.26 -0.36 15.18
CA PRO E 172 -25.99 0.12 15.72
C PRO E 172 -25.75 -0.37 17.14
N GLU E 173 -26.75 -0.30 18.01
CA GLU E 173 -26.57 -0.78 19.38
C GLU E 173 -26.36 -2.30 19.48
N ARG E 174 -26.77 -3.05 18.46
CA ARG E 174 -26.58 -4.49 18.51
C ARG E 174 -25.16 -4.83 18.06
N LEU E 175 -24.58 -3.95 17.26
CA LEU E 175 -23.22 -4.14 16.78
C LEU E 175 -22.25 -3.94 17.94
N GLN E 176 -22.71 -3.31 19.01
CA GLN E 176 -21.86 -3.05 20.16
C GLN E 176 -22.27 -3.82 21.41
N GLY E 177 -23.15 -4.79 21.24
CA GLY E 177 -23.66 -5.57 22.36
C GLY E 177 -24.12 -4.74 23.55
N THR E 178 -24.85 -3.64 23.28
CA THR E 178 -25.40 -2.80 24.34
C THR E 178 -26.89 -3.02 24.53
N HIS E 179 -27.71 -2.05 24.14
CA HIS E 179 -29.16 -2.20 24.19
C HIS E 179 -29.56 -3.44 23.39
N TYR E 180 -30.75 -3.99 23.64
CA TYR E 180 -31.15 -5.20 22.93
C TYR E 180 -32.63 -5.54 23.10
N SER E 181 -33.45 -5.13 22.12
CA SER E 181 -34.88 -5.42 22.15
C SER E 181 -35.47 -5.35 20.78
N VAL E 182 -36.80 -5.30 20.73
CA VAL E 182 -37.51 -5.19 19.46
C VAL E 182 -37.16 -3.89 18.72
N GLN E 183 -36.69 -2.88 19.45
CA GLN E 183 -36.23 -1.62 18.88
C GLN E 183 -35.22 -1.85 17.77
N SER E 184 -34.43 -2.92 17.90
CA SER E 184 -33.50 -3.35 16.87
C SER E 184 -34.17 -3.75 15.57
N ASP E 185 -35.30 -4.46 15.68
CA ASP E 185 -36.02 -4.87 14.48
C ASP E 185 -36.61 -3.68 13.75
N ILE E 186 -37.07 -2.69 14.52
CA ILE E 186 -37.61 -1.47 13.94
C ILE E 186 -36.55 -0.74 13.10
N TRP E 187 -35.33 -0.71 13.61
CA TRP E 187 -34.20 -0.20 12.86
C TRP E 187 -34.04 -0.95 11.53
N SER E 188 -34.03 -2.28 11.62
CA SER E 188 -33.80 -3.08 10.43
C SER E 188 -34.92 -2.84 9.46
N MET E 189 -36.11 -2.59 9.99
CA MET E 189 -37.25 -2.32 9.12
C MET E 189 -37.10 -1.01 8.40
N GLY E 190 -36.68 0.01 9.14
CA GLY E 190 -36.39 1.30 8.55
C GLY E 190 -35.48 1.16 7.36
N LEU E 191 -34.32 0.54 7.60
CA LEU E 191 -33.30 0.35 6.59
C LEU E 191 -33.82 -0.38 5.35
N SER E 192 -34.56 -1.46 5.56
CA SER E 192 -35.16 -2.20 4.46
C SER E 192 -36.13 -1.33 3.66
N LEU E 193 -36.94 -0.54 4.36
CA LEU E 193 -37.85 0.42 3.71
C LEU E 193 -37.14 1.43 2.82
N VAL E 194 -36.02 1.97 3.28
CA VAL E 194 -35.25 2.89 2.44
C VAL E 194 -34.69 2.15 1.24
N GLU E 195 -34.13 0.97 1.48
CA GLU E 195 -33.56 0.20 0.37
C GLU E 195 -34.60 -0.03 -0.72
N MET E 196 -35.74 -0.61 -0.35
CA MET E 196 -36.81 -0.91 -1.31
C MET E 196 -37.37 0.33 -1.99
N ALA E 197 -37.43 1.42 -1.25
CA ALA E 197 -37.95 2.68 -1.76
C ALA E 197 -37.01 3.34 -2.76
N VAL E 198 -35.71 3.10 -2.61
CA VAL E 198 -34.68 3.74 -3.44
C VAL E 198 -34.11 2.78 -4.50
N GLY E 199 -34.20 1.48 -4.23
CA GLY E 199 -33.70 0.47 -5.15
C GLY E 199 -32.20 0.24 -5.05
N ARG E 200 -31.68 0.39 -3.84
CA ARG E 200 -30.26 0.27 -3.59
C ARG E 200 -30.06 0.16 -2.09
N TYR E 201 -29.20 -0.79 -1.67
CA TYR E 201 -28.76 -0.85 -0.29
C TYR E 201 -28.27 0.54 0.14
N PRO E 202 -28.81 1.07 1.24
CA PRO E 202 -28.68 2.48 1.59
C PRO E 202 -27.42 2.89 2.38
N ILE E 203 -26.41 2.02 2.38
CA ILE E 203 -25.17 2.30 3.13
C ILE E 203 -23.96 2.01 2.25
N PRO E 204 -23.13 3.04 2.00
CA PRO E 204 -23.33 4.43 2.39
C PRO E 204 -24.28 5.15 1.41
N PRO E 205 -24.72 6.39 1.73
CA PRO E 205 -25.66 7.14 0.89
C PRO E 205 -25.03 7.56 -0.43
N PRO E 206 -25.83 7.70 -1.49
CA PRO E 206 -25.29 8.09 -2.80
C PRO E 206 -24.78 9.53 -2.81
N ASP E 207 -23.81 9.83 -3.66
CA ASP E 207 -23.41 11.21 -3.91
C ASP E 207 -24.53 11.86 -4.73
N ALA E 208 -24.62 13.18 -4.68
CA ALA E 208 -25.70 13.91 -5.36
C ALA E 208 -25.82 13.62 -6.86
N LYS E 209 -24.68 13.39 -7.53
CA LYS E 209 -24.67 13.13 -8.97
C LYS E 209 -25.35 11.81 -9.30
N GLU E 210 -24.99 10.78 -8.54
CA GLU E 210 -25.58 9.45 -8.69
C GLU E 210 -27.07 9.48 -8.34
N LEU E 211 -27.45 10.44 -7.49
CA LEU E 211 -28.82 10.56 -7.01
C LEU E 211 -29.80 11.08 -8.09
N GLU E 212 -29.31 11.88 -9.03
CA GLU E 212 -30.15 12.33 -10.14
C GLU E 212 -30.64 11.12 -10.94
N LEU E 213 -29.75 10.16 -11.10
CA LEU E 213 -30.01 8.99 -11.96
C LEU E 213 -31.08 8.04 -11.42
N MET E 214 -31.82 8.51 -10.41
CA MET E 214 -32.94 7.76 -9.88
C MET E 214 -34.12 8.70 -9.63
N PRO E 247 -17.10 -1.64 -4.40
CA PRO E 247 -18.10 -1.65 -3.31
C PRO E 247 -17.44 -1.78 -1.95
N MET E 248 -18.20 -1.48 -0.90
CA MET E 248 -17.70 -1.50 0.46
C MET E 248 -17.54 -2.92 1.04
N ALA E 249 -16.47 -3.13 1.78
CA ALA E 249 -16.31 -4.38 2.53
C ALA E 249 -17.31 -4.33 3.69
N ILE E 250 -17.73 -5.50 4.18
CA ILE E 250 -18.66 -5.48 5.32
C ILE E 250 -18.18 -4.68 6.57
N PHE E 251 -16.89 -4.72 6.91
CA PHE E 251 -16.44 -4.01 8.11
C PHE E 251 -16.61 -2.52 7.95
N GLU E 252 -16.44 -2.04 6.72
CA GLU E 252 -16.62 -0.63 6.46
C GLU E 252 -18.08 -0.29 6.70
N LEU E 253 -18.97 -1.13 6.17
CA LEU E 253 -20.42 -0.99 6.39
C LEU E 253 -20.80 -0.93 7.86
N LEU E 254 -20.39 -1.93 8.63
CA LEU E 254 -20.68 -1.93 10.07
C LEU E 254 -20.15 -0.67 10.73
N ASP E 255 -18.92 -0.26 10.37
CA ASP E 255 -18.32 0.95 10.94
C ASP E 255 -19.18 2.16 10.63
N TYR E 256 -19.58 2.29 9.37
CA TYR E 256 -20.45 3.37 8.94
C TYR E 256 -21.77 3.46 9.71
N ILE E 257 -22.47 2.33 9.86
CA ILE E 257 -23.69 2.27 10.63
C ILE E 257 -23.50 2.73 12.08
N VAL E 258 -22.42 2.30 12.71
CA VAL E 258 -22.21 2.65 14.11
C VAL E 258 -21.85 4.12 14.28
N ASN E 259 -21.01 4.61 13.38
CA ASN E 259 -20.35 5.89 13.57
C ASN E 259 -20.87 7.02 12.71
N GLU E 260 -21.38 6.68 11.53
CA GLU E 260 -21.91 7.73 10.68
C GLU E 260 -23.43 7.90 10.90
N PRO E 261 -24.00 9.02 10.41
CA PRO E 261 -25.45 9.23 10.61
C PRO E 261 -26.38 8.39 9.70
N PRO E 262 -27.60 8.09 10.19
CA PRO E 262 -28.56 7.19 9.50
C PRO E 262 -29.03 7.71 8.15
N PRO E 263 -29.14 6.81 7.15
CA PRO E 263 -29.62 7.21 5.82
C PRO E 263 -31.07 7.71 5.89
N LYS E 264 -31.53 8.39 4.86
CA LYS E 264 -32.87 8.95 4.87
C LYS E 264 -33.41 8.93 3.47
N LEU E 265 -34.72 9.01 3.33
CA LEU E 265 -35.32 9.07 2.01
C LEU E 265 -34.92 10.40 1.39
N PRO E 266 -34.81 10.46 0.06
CA PRO E 266 -34.51 11.73 -0.60
C PRO E 266 -35.68 12.69 -0.37
N SER E 267 -35.50 13.98 -0.66
CA SER E 267 -36.61 14.91 -0.51
C SER E 267 -37.33 15.16 -1.84
N GLY E 268 -38.63 15.42 -1.75
CA GLY E 268 -39.40 15.86 -2.90
C GLY E 268 -39.94 14.79 -3.82
N VAL E 269 -39.84 13.53 -3.40
CA VAL E 269 -40.35 12.41 -4.19
C VAL E 269 -41.04 11.43 -3.24
N PHE E 270 -40.87 11.67 -1.95
CA PHE E 270 -41.63 10.90 -0.96
C PHE E 270 -42.43 11.79 0.01
N SER E 271 -43.65 11.34 0.30
CA SER E 271 -44.52 11.90 1.32
C SER E 271 -43.73 12.22 2.59
N LEU E 272 -44.04 13.37 3.19
CA LEU E 272 -43.41 13.80 4.43
C LEU E 272 -43.76 12.84 5.55
N GLU E 273 -44.93 12.22 5.47
CA GLU E 273 -45.31 11.24 6.47
C GLU E 273 -44.43 9.99 6.35
N PHE E 274 -44.16 9.56 5.12
CA PHE E 274 -43.25 8.46 4.88
C PHE E 274 -41.85 8.80 5.41
N GLN E 275 -41.32 9.94 4.98
CA GLN E 275 -39.99 10.38 5.41
C GLN E 275 -39.87 10.43 6.92
N ASP E 276 -40.92 10.91 7.59
CA ASP E 276 -40.88 11.02 9.04
C ASP E 276 -40.99 9.63 9.66
N PHE E 277 -41.75 8.74 9.01
CA PHE E 277 -41.83 7.35 9.44
C PHE E 277 -40.45 6.66 9.47
N VAL E 278 -39.72 6.65 8.36
CA VAL E 278 -38.38 6.07 8.34
C VAL E 278 -37.43 6.73 9.35
N ASN E 279 -37.50 8.06 9.48
CA ASN E 279 -36.61 8.76 10.40
C ASN E 279 -36.78 8.30 11.86
N LYS E 280 -38.04 8.17 12.30
CA LYS E 280 -38.34 7.66 13.65
C LYS E 280 -37.90 6.19 13.84
N CYS E 281 -37.66 5.49 12.73
CA CYS E 281 -37.20 4.10 12.74
C CYS E 281 -35.69 4.01 12.76
N LEU E 282 -35.04 5.07 12.29
CA LEU E 282 -33.60 5.06 12.10
C LEU E 282 -32.86 5.95 13.11
N ILE E 283 -33.60 6.52 14.04
CA ILE E 283 -32.99 7.20 15.16
C ILE E 283 -32.03 6.22 15.83
N LYS E 284 -30.80 6.66 16.11
CA LYS E 284 -29.77 5.74 16.58
C LYS E 284 -29.93 5.28 18.03
N ASN E 285 -30.28 6.19 18.93
CA ASN E 285 -30.56 5.80 20.31
C ASN E 285 -31.85 5.02 20.33
N PRO E 286 -31.79 3.73 20.72
CA PRO E 286 -32.96 2.87 20.81
C PRO E 286 -34.07 3.49 21.66
N ALA E 287 -33.70 4.22 22.71
CA ALA E 287 -34.67 4.83 23.59
C ALA E 287 -35.49 5.92 22.90
N GLU E 288 -34.85 6.65 21.96
CA GLU E 288 -35.49 7.74 21.22
C GLU E 288 -36.12 7.25 19.91
N ARG E 289 -35.81 6.03 19.52
CA ARG E 289 -36.41 5.41 18.36
C ARG E 289 -37.86 5.09 18.68
N ALA E 290 -38.73 5.13 17.68
CA ALA E 290 -40.16 4.81 17.84
C ALA E 290 -40.36 3.35 18.22
N ASP E 291 -41.42 3.03 18.95
CA ASP E 291 -41.74 1.62 19.19
C ASP E 291 -42.94 1.19 18.38
N LEU E 292 -43.35 -0.06 18.54
CA LEU E 292 -44.44 -0.63 17.74
C LEU E 292 -45.79 0.09 17.90
N LYS E 293 -46.28 0.21 19.13
CA LYS E 293 -47.58 0.85 19.37
C LYS E 293 -47.54 2.28 18.85
N GLN E 294 -46.40 2.91 19.02
CA GLN E 294 -46.15 4.24 18.52
C GLN E 294 -46.24 4.30 16.99
N LEU E 295 -45.52 3.40 16.32
CA LEU E 295 -45.53 3.35 14.85
C LEU E 295 -46.88 2.98 14.27
N MET E 296 -47.65 2.20 15.01
CA MET E 296 -48.95 1.78 14.54
C MET E 296 -49.94 2.95 14.38
N VAL E 297 -49.74 4.02 15.14
CA VAL E 297 -50.63 5.17 15.09
C VAL E 297 -49.97 6.38 14.43
N HIS E 298 -48.85 6.14 13.76
CA HIS E 298 -48.12 7.20 13.09
C HIS E 298 -48.92 7.64 11.89
N ALA E 299 -48.79 8.91 11.50
CA ALA E 299 -49.54 9.44 10.36
C ALA E 299 -49.50 8.50 9.16
N PHE E 300 -48.28 8.28 8.65
CA PHE E 300 -48.00 7.36 7.54
C PHE E 300 -48.79 6.04 7.60
N ILE E 301 -48.81 5.41 8.78
CA ILE E 301 -49.52 4.14 8.94
C ILE E 301 -51.05 4.32 8.91
N LYS E 302 -51.56 5.36 9.58
CA LYS E 302 -53.00 5.65 9.60
C LYS E 302 -53.48 5.80 8.17
N ARG E 303 -52.73 6.58 7.41
CA ARG E 303 -53.02 6.82 6.01
C ARG E 303 -52.97 5.56 5.13
N SER E 304 -51.89 4.80 5.24
CA SER E 304 -51.74 3.61 4.42
C SER E 304 -52.83 2.58 4.68
N ASP E 305 -53.25 2.46 5.93
CA ASP E 305 -54.22 1.43 6.30
C ASP E 305 -55.56 1.71 5.65
N ALA E 306 -55.82 2.98 5.38
CA ALA E 306 -57.10 3.46 4.86
C ALA E 306 -57.16 3.34 3.34
N GLU E 307 -55.99 3.36 2.73
CA GLU E 307 -55.91 3.33 1.29
C GLU E 307 -56.33 1.98 0.74
N GLU E 308 -56.97 2.00 -0.43
CA GLU E 308 -57.19 0.78 -1.17
C GLU E 308 -56.03 0.74 -2.15
N VAL E 309 -55.07 -0.15 -1.85
CA VAL E 309 -53.92 -0.36 -2.72
C VAL E 309 -53.98 -1.77 -3.25
N ASP E 310 -53.83 -1.92 -4.56
CA ASP E 310 -53.92 -3.20 -5.24
C ASP E 310 -52.57 -3.95 -5.18
N PHE E 311 -52.24 -4.48 -4.01
CA PHE E 311 -50.92 -5.09 -3.84
C PHE E 311 -50.72 -6.35 -4.70
N ALA E 312 -51.67 -7.28 -4.62
CA ALA E 312 -51.54 -8.55 -5.35
C ALA E 312 -51.48 -8.35 -6.85
N GLY E 313 -52.21 -7.37 -7.36
CA GLY E 313 -52.16 -7.06 -8.77
C GLY E 313 -50.87 -6.36 -9.13
N TRP E 314 -50.29 -5.62 -8.19
CA TRP E 314 -49.00 -4.98 -8.44
C TRP E 314 -47.92 -6.06 -8.55
N LEU E 315 -48.10 -7.11 -7.77
CA LEU E 315 -47.13 -8.17 -7.63
C LEU E 315 -47.18 -9.06 -8.86
N CYS E 316 -48.35 -9.15 -9.47
CA CYS E 316 -48.49 -9.84 -10.74
C CYS E 316 -47.95 -8.96 -11.85
N SER E 317 -48.19 -7.65 -11.73
CA SER E 317 -47.76 -6.66 -12.72
C SER E 317 -46.26 -6.72 -12.97
N THR E 318 -45.47 -6.86 -11.92
CA THR E 318 -44.03 -6.79 -12.08
C THR E 318 -43.40 -8.11 -12.51
N ILE E 319 -44.18 -8.98 -13.15
CA ILE E 319 -43.68 -10.34 -13.43
C ILE E 319 -43.91 -10.86 -14.87
N ASP F 30 3.91 -35.77 -14.22
CA ASP F 30 2.75 -34.87 -14.28
C ASP F 30 1.53 -35.42 -13.51
N TRP F 31 0.84 -34.53 -12.80
CA TRP F 31 -0.15 -34.93 -11.80
C TRP F 31 -1.60 -35.01 -12.29
N GLU F 32 -1.80 -34.86 -13.60
CA GLU F 32 -3.14 -35.06 -14.16
C GLU F 32 -3.51 -36.54 -14.22
N ILE F 33 -4.69 -36.86 -13.71
CA ILE F 33 -5.18 -38.23 -13.68
C ILE F 33 -6.17 -38.44 -14.83
N PRO F 34 -5.80 -39.27 -15.81
CA PRO F 34 -6.67 -39.63 -16.95
C PRO F 34 -8.06 -40.12 -16.55
N ASP F 35 -9.08 -39.74 -17.32
CA ASP F 35 -10.45 -40.15 -17.07
C ASP F 35 -10.57 -41.67 -16.91
N GLY F 36 -11.48 -42.11 -16.05
CA GLY F 36 -11.75 -43.53 -15.88
C GLY F 36 -11.07 -44.19 -14.68
N GLN F 37 -9.99 -43.57 -14.19
CA GLN F 37 -9.18 -44.17 -13.13
C GLN F 37 -9.74 -43.94 -11.71
N ILE F 38 -10.23 -42.73 -11.43
CA ILE F 38 -10.78 -42.46 -10.11
C ILE F 38 -12.18 -43.05 -10.00
N THR F 39 -12.50 -43.66 -8.87
CA THR F 39 -13.80 -44.28 -8.61
C THR F 39 -14.47 -43.62 -7.42
N VAL F 40 -15.32 -42.63 -7.67
CA VAL F 40 -15.97 -41.88 -6.59
C VAL F 40 -16.95 -42.73 -5.76
N GLY F 41 -16.86 -42.62 -4.43
CA GLY F 41 -17.76 -43.34 -3.54
C GLY F 41 -18.55 -42.40 -2.66
N GLN F 42 -18.57 -42.62 -1.36
CA GLN F 42 -19.50 -41.88 -0.52
C GLN F 42 -19.11 -40.42 -0.22
N ARG F 43 -20.12 -39.58 -0.06
CA ARG F 43 -19.93 -38.17 0.25
C ARG F 43 -19.54 -37.97 1.71
N ILE F 44 -18.67 -37.00 1.96
CA ILE F 44 -18.40 -36.54 3.32
C ILE F 44 -18.89 -35.11 3.44
N THR F 51 -17.23 -29.91 -2.93
CA THR F 51 -17.63 -30.91 -1.93
C THR F 51 -16.86 -32.27 -1.99
N VAL F 52 -16.66 -32.89 -0.83
CA VAL F 52 -15.69 -33.98 -0.69
C VAL F 52 -16.27 -35.40 -0.66
N TYR F 53 -15.72 -36.27 -1.51
CA TYR F 53 -16.12 -37.68 -1.58
C TYR F 53 -14.95 -38.63 -1.33
N LYS F 54 -15.25 -39.81 -0.81
CA LYS F 54 -14.27 -40.87 -0.61
C LYS F 54 -14.20 -41.75 -1.85
N GLY F 55 -13.00 -42.00 -2.38
CA GLY F 55 -12.86 -42.68 -3.65
C GLY F 55 -11.76 -43.72 -3.68
N LYS F 56 -11.51 -44.29 -4.86
CA LYS F 56 -10.47 -45.29 -5.06
C LYS F 56 -9.57 -44.85 -6.18
N TRP F 57 -8.27 -44.79 -5.89
CA TRP F 57 -7.26 -44.58 -6.94
C TRP F 57 -5.86 -44.95 -6.39
N HIS F 58 -5.44 -46.19 -6.62
CA HIS F 58 -4.26 -46.74 -5.96
C HIS F 58 -4.44 -46.67 -4.44
N GLY F 59 -5.52 -47.28 -3.95
CA GLY F 59 -5.87 -47.22 -2.55
C GLY F 59 -6.98 -46.20 -2.26
N ASP F 60 -7.43 -46.13 -1.01
CA ASP F 60 -8.39 -45.12 -0.61
C ASP F 60 -7.86 -43.69 -0.77
N VAL F 61 -8.66 -42.81 -1.40
CA VAL F 61 -8.33 -41.38 -1.46
C VAL F 61 -9.52 -40.50 -1.06
N ALA F 62 -9.26 -39.22 -0.92
CA ALA F 62 -10.32 -38.23 -0.83
C ALA F 62 -10.38 -37.52 -2.18
N VAL F 63 -11.59 -37.32 -2.71
CA VAL F 63 -11.76 -36.50 -3.92
C VAL F 63 -12.62 -35.28 -3.64
N LYS F 64 -12.03 -34.09 -3.77
CA LYS F 64 -12.76 -32.85 -3.58
C LYS F 64 -13.23 -32.34 -4.93
N MET F 65 -14.54 -32.16 -5.07
CA MET F 65 -15.12 -31.90 -6.37
C MET F 65 -15.90 -30.61 -6.53
N LEU F 66 -15.81 -30.08 -7.74
CA LEU F 66 -16.59 -28.93 -8.17
C LEU F 66 -17.69 -29.46 -9.09
N ASN F 67 -18.73 -30.03 -8.50
CA ASN F 67 -19.78 -30.70 -9.26
C ASN F 67 -20.80 -29.75 -9.89
N VAL F 68 -20.32 -28.89 -10.78
CA VAL F 68 -21.20 -28.12 -11.64
C VAL F 68 -20.83 -28.43 -13.08
N THR F 69 -21.84 -28.73 -13.88
CA THR F 69 -21.63 -29.07 -15.28
C THR F 69 -20.83 -27.98 -15.98
N ALA F 70 -21.08 -26.73 -15.60
CA ALA F 70 -20.41 -25.60 -16.22
C ALA F 70 -19.25 -25.08 -15.37
N PRO F 71 -18.01 -25.33 -15.79
CA PRO F 71 -16.89 -24.68 -15.11
C PRO F 71 -16.76 -23.24 -15.58
N THR F 72 -17.19 -22.32 -14.73
CA THR F 72 -17.05 -20.89 -14.98
C THR F 72 -15.58 -20.51 -14.88
N PRO F 73 -15.15 -19.48 -15.61
CA PRO F 73 -13.73 -19.11 -15.56
C PRO F 73 -13.19 -18.77 -14.16
N GLN F 74 -14.04 -18.31 -13.25
CA GLN F 74 -13.62 -18.03 -11.87
C GLN F 74 -13.38 -19.32 -11.09
N GLN F 75 -14.24 -20.31 -11.28
CA GLN F 75 -14.09 -21.62 -10.66
C GLN F 75 -12.92 -22.37 -11.28
N LEU F 76 -12.62 -22.08 -12.52
CA LEU F 76 -11.52 -22.72 -13.19
C LEU F 76 -10.22 -22.13 -12.69
N GLN F 77 -10.13 -20.80 -12.68
CA GLN F 77 -8.92 -20.16 -12.18
C GLN F 77 -8.64 -20.54 -10.73
N ALA F 78 -9.71 -20.78 -9.96
CA ALA F 78 -9.57 -21.17 -8.56
C ALA F 78 -8.99 -22.57 -8.42
N PHE F 79 -9.45 -23.46 -9.29
CA PHE F 79 -8.98 -24.83 -9.32
C PHE F 79 -7.50 -24.87 -9.69
N LYS F 80 -7.14 -24.18 -10.77
CA LYS F 80 -5.74 -24.09 -11.16
C LYS F 80 -4.89 -23.60 -10.01
N ASN F 81 -5.41 -22.63 -9.26
CA ASN F 81 -4.68 -22.00 -8.17
C ASN F 81 -4.46 -22.98 -7.06
N GLU F 82 -5.50 -23.74 -6.71
CA GLU F 82 -5.39 -24.69 -5.63
C GLU F 82 -4.48 -25.86 -5.99
N VAL F 83 -4.55 -26.34 -7.22
CA VAL F 83 -3.67 -27.39 -7.68
C VAL F 83 -2.24 -26.89 -7.75
N GLY F 84 -2.08 -25.58 -7.96
CA GLY F 84 -0.75 -25.01 -8.08
C GLY F 84 -0.06 -24.96 -6.75
N VAL F 85 -0.84 -24.72 -5.70
CA VAL F 85 -0.35 -24.58 -4.34
C VAL F 85 -0.06 -25.96 -3.74
N LEU F 86 -0.98 -26.89 -3.94
CA LEU F 86 -0.78 -28.25 -3.48
C LEU F 86 0.50 -28.90 -4.05
N ARG F 87 0.70 -28.78 -5.36
CA ARG F 87 1.91 -29.23 -6.04
C ARG F 87 3.21 -28.87 -5.35
N LYS F 88 3.18 -27.83 -4.54
CA LYS F 88 4.39 -27.34 -3.89
C LYS F 88 4.64 -27.99 -2.53
N THR F 89 3.72 -28.81 -2.07
CA THR F 89 3.79 -29.31 -0.71
C THR F 89 4.21 -30.77 -0.66
N ARG F 90 5.20 -31.06 0.18
CA ARG F 90 5.70 -32.41 0.43
C ARG F 90 6.14 -32.54 1.87
N HIS F 91 5.18 -32.72 2.79
CA HIS F 91 5.48 -32.64 4.21
C HIS F 91 4.42 -33.43 4.99
N VAL F 92 4.87 -34.08 6.06
CA VAL F 92 4.04 -35.03 6.79
C VAL F 92 2.84 -34.38 7.48
N ASN F 93 2.94 -33.09 7.76
CA ASN F 93 1.84 -32.37 8.40
C ASN F 93 0.91 -31.66 7.42
N ILE F 94 1.20 -31.80 6.13
CA ILE F 94 0.32 -31.26 5.09
C ILE F 94 -0.31 -32.42 4.36
N LEU F 95 -1.64 -32.40 4.22
CA LEU F 95 -2.39 -33.44 3.52
C LEU F 95 -1.73 -33.73 2.19
N LEU F 96 -1.63 -35.00 1.82
CA LEU F 96 -0.84 -35.35 0.64
C LEU F 96 -1.64 -35.15 -0.67
N PHE F 97 -1.21 -34.19 -1.48
CA PHE F 97 -1.80 -34.00 -2.80
C PHE F 97 -1.32 -35.19 -3.65
N MET F 98 -2.22 -35.73 -4.48
CA MET F 98 -1.89 -36.92 -5.26
C MET F 98 -2.07 -36.71 -6.75
N GLY F 99 -3.10 -35.97 -7.11
CA GLY F 99 -3.33 -35.61 -8.50
C GLY F 99 -4.58 -34.79 -8.66
N TYR F 100 -4.85 -34.34 -9.89
CA TYR F 100 -6.12 -33.68 -10.21
C TYR F 100 -6.72 -34.28 -11.46
N SER F 101 -8.02 -34.04 -11.64
CA SER F 101 -8.73 -34.52 -12.81
C SER F 101 -9.47 -33.40 -13.53
N THR F 102 -9.73 -33.59 -14.82
CA THR F 102 -10.54 -32.66 -15.63
C THR F 102 -11.90 -33.24 -16.05
N LYS F 103 -11.87 -34.41 -16.70
CA LYS F 103 -13.07 -35.14 -17.04
C LYS F 103 -13.26 -36.25 -16.00
N PRO F 104 -14.50 -36.45 -15.53
CA PRO F 104 -15.71 -35.75 -15.97
C PRO F 104 -15.77 -34.34 -15.38
N GLN F 105 -15.23 -34.18 -14.18
CA GLN F 105 -15.29 -32.92 -13.47
C GLN F 105 -13.92 -32.51 -12.97
N LEU F 106 -13.79 -31.22 -12.64
CA LEU F 106 -12.63 -30.74 -11.91
C LEU F 106 -12.62 -31.44 -10.55
N ALA F 107 -11.46 -31.98 -10.18
CA ALA F 107 -11.35 -32.70 -8.92
C ALA F 107 -9.91 -32.73 -8.44
N ILE F 108 -9.71 -32.56 -7.14
CA ILE F 108 -8.38 -32.73 -6.54
C ILE F 108 -8.37 -34.01 -5.71
N VAL F 109 -7.34 -34.83 -5.92
CA VAL F 109 -7.19 -36.07 -5.17
C VAL F 109 -6.14 -35.94 -4.10
N THR F 110 -6.54 -36.16 -2.85
CA THR F 110 -5.59 -36.18 -1.76
C THR F 110 -5.70 -37.53 -1.08
N GLN F 111 -4.67 -37.87 -0.31
CA GLN F 111 -4.71 -39.03 0.55
C GLN F 111 -5.99 -39.11 1.40
N TRP F 112 -6.43 -40.33 1.68
CA TRP F 112 -7.56 -40.49 2.56
C TRP F 112 -7.04 -40.40 3.98
N CYS F 113 -7.84 -39.82 4.87
CA CYS F 113 -7.44 -39.69 6.26
CA CYS F 113 -7.44 -39.72 6.27
C CYS F 113 -8.39 -40.44 7.19
N GLU F 114 -7.91 -41.50 7.80
CA GLU F 114 -8.76 -42.15 8.78
C GLU F 114 -8.58 -41.42 10.11
N GLY F 115 -9.68 -40.82 10.57
CA GLY F 115 -9.64 -40.00 11.77
C GLY F 115 -10.30 -38.66 11.51
N SER F 116 -10.89 -38.10 12.55
CA SER F 116 -11.71 -36.89 12.42
C SER F 116 -10.89 -35.60 12.39
N SER F 117 -11.55 -34.51 12.00
CA SER F 117 -10.93 -33.18 12.07
C SER F 117 -10.78 -32.73 13.50
N LEU F 118 -9.85 -31.81 13.72
CA LEU F 118 -9.61 -31.29 15.06
C LEU F 118 -10.88 -30.66 15.62
N TYR F 119 -11.69 -30.08 14.74
CA TYR F 119 -12.98 -29.52 15.12
C TYR F 119 -13.83 -30.59 15.76
N HIS F 120 -14.09 -31.64 15.01
CA HIS F 120 -14.91 -32.73 15.48
C HIS F 120 -14.49 -33.27 16.87
N HIS F 121 -13.20 -33.49 17.07
CA HIS F 121 -12.70 -33.94 18.37
C HIS F 121 -12.99 -32.97 19.53
N LEU F 122 -12.60 -31.71 19.39
CA LEU F 122 -12.72 -30.77 20.49
C LEU F 122 -14.15 -30.39 20.83
N HIS F 123 -15.02 -30.44 19.83
CA HIS F 123 -16.30 -29.75 19.93
C HIS F 123 -17.55 -30.61 19.74
N ILE F 124 -17.39 -31.79 19.12
CA ILE F 124 -18.54 -32.65 18.82
C ILE F 124 -18.57 -33.84 19.75
N ILE F 125 -17.45 -34.55 19.82
CA ILE F 125 -17.37 -35.75 20.64
C ILE F 125 -16.57 -35.48 21.91
N GLU F 126 -16.10 -34.25 22.07
CA GLU F 126 -15.43 -33.78 23.29
C GLU F 126 -14.31 -34.71 23.81
N THR F 127 -13.56 -35.28 22.86
CA THR F 127 -12.44 -36.14 23.17
C THR F 127 -11.57 -35.56 24.29
N LYS F 128 -11.31 -36.36 25.31
CA LYS F 128 -10.52 -35.86 26.41
C LYS F 128 -9.04 -36.16 26.20
N PHE F 129 -8.37 -35.24 25.52
CA PHE F 129 -6.94 -35.29 25.36
C PHE F 129 -6.27 -34.87 26.64
N GLU F 130 -5.17 -35.52 26.98
CA GLU F 130 -4.30 -35.04 28.03
C GLU F 130 -3.53 -33.87 27.46
N MET F 131 -3.00 -33.02 28.35
CA MET F 131 -2.30 -31.80 27.97
C MET F 131 -1.10 -32.02 27.08
N ILE F 132 -0.36 -33.09 27.36
CA ILE F 132 0.88 -33.38 26.64
C ILE F 132 0.60 -33.64 25.16
N LYS F 133 -0.60 -34.15 24.90
CA LYS F 133 -1.05 -34.50 23.57
C LYS F 133 -1.54 -33.26 22.86
N LEU F 134 -2.34 -32.46 23.55
CA LEU F 134 -2.73 -31.13 23.09
C LEU F 134 -1.51 -30.32 22.64
N ILE F 135 -0.41 -30.45 23.36
CA ILE F 135 0.76 -29.68 22.99
C ILE F 135 1.34 -30.25 21.72
N ASP F 136 1.30 -31.56 21.58
CA ASP F 136 1.79 -32.24 20.38
C ASP F 136 0.99 -31.80 19.15
N ILE F 137 -0.34 -31.71 19.30
CA ILE F 137 -1.21 -31.19 18.26
C ILE F 137 -0.88 -29.73 17.88
N ALA F 138 -0.72 -28.87 18.88
CA ALA F 138 -0.24 -27.54 18.59
C ALA F 138 1.12 -27.56 17.86
N ARG F 139 2.04 -28.41 18.32
CA ARG F 139 3.39 -28.48 17.74
C ARG F 139 3.42 -28.88 16.27
N GLN F 140 2.59 -29.85 15.92
CA GLN F 140 2.56 -30.39 14.57
C GLN F 140 1.85 -29.45 13.62
N THR F 141 0.84 -28.76 14.12
CA THR F 141 0.18 -27.78 13.27
C THR F 141 1.19 -26.69 12.95
N ALA F 142 1.91 -26.23 13.97
CA ALA F 142 2.93 -25.23 13.77
C ALA F 142 4.01 -25.77 12.83
N GLN F 143 4.37 -27.03 13.00
CA GLN F 143 5.33 -27.68 12.11
C GLN F 143 4.97 -27.54 10.63
N GLY F 144 3.69 -27.69 10.32
CA GLY F 144 3.21 -27.65 8.96
C GLY F 144 3.01 -26.23 8.49
N MET F 145 2.59 -25.38 9.40
CA MET F 145 2.49 -23.97 9.08
C MET F 145 3.87 -23.39 8.79
N ASP F 146 4.86 -23.82 9.59
CA ASP F 146 6.25 -23.41 9.41
C ASP F 146 6.74 -23.81 8.03
N TYR F 147 6.38 -25.02 7.64
CA TYR F 147 6.65 -25.51 6.29
C TYR F 147 5.99 -24.69 5.19
N LEU F 148 4.70 -24.43 5.33
CA LEU F 148 3.97 -23.71 4.28
C LEU F 148 4.55 -22.33 4.05
N HIS F 149 4.81 -21.58 5.12
CA HIS F 149 5.36 -20.25 4.93
C HIS F 149 6.77 -20.32 4.38
N ALA F 150 7.48 -21.38 4.76
CA ALA F 150 8.80 -21.63 4.23
C ALA F 150 8.73 -21.80 2.71
N LYS F 151 7.58 -22.23 2.22
CA LYS F 151 7.41 -22.34 0.77
C LYS F 151 6.51 -21.23 0.21
N SER F 152 6.41 -20.13 0.94
CA SER F 152 5.70 -18.92 0.49
C SER F 152 4.23 -19.15 0.23
N ILE F 153 3.59 -19.98 1.05
CA ILE F 153 2.18 -20.23 0.92
C ILE F 153 1.49 -19.67 2.12
N ILE F 154 0.48 -18.83 1.89
CA ILE F 154 -0.37 -18.39 2.97
C ILE F 154 -1.63 -19.19 2.83
N HIS F 155 -2.00 -19.87 3.89
CA HIS F 155 -3.09 -20.84 3.81
C HIS F 155 -4.45 -20.15 3.82
N ARG F 156 -4.57 -19.13 4.67
CA ARG F 156 -5.73 -18.22 4.75
C ARG F 156 -7.05 -18.81 5.19
N ASP F 157 -7.09 -20.09 5.52
CA ASP F 157 -8.33 -20.65 6.05
C ASP F 157 -8.06 -21.67 7.17
N LEU F 158 -7.05 -21.37 7.97
CA LEU F 158 -6.67 -22.24 9.05
C LEU F 158 -7.71 -22.17 10.15
N LYS F 159 -8.45 -23.26 10.30
CA LYS F 159 -9.34 -23.44 11.43
C LYS F 159 -9.32 -24.93 11.84
N SER F 160 -9.85 -25.25 13.02
CA SER F 160 -9.86 -26.62 13.50
C SER F 160 -10.56 -27.61 12.56
N ASN F 161 -11.47 -27.12 11.76
CA ASN F 161 -12.11 -27.97 10.75
C ASN F 161 -11.12 -28.51 9.74
N ASN F 162 -10.04 -27.77 9.52
CA ASN F 162 -9.15 -28.08 8.42
C ASN F 162 -7.88 -28.74 8.90
N ILE F 163 -7.84 -29.06 10.18
CA ILE F 163 -6.75 -29.82 10.79
C ILE F 163 -7.25 -31.22 11.12
N PHE F 164 -6.76 -32.21 10.38
CA PHE F 164 -7.21 -33.58 10.58
C PHE F 164 -6.24 -34.41 11.42
N LEU F 165 -6.79 -35.06 12.43
CA LEU F 165 -6.01 -35.95 13.25
C LEU F 165 -5.99 -37.32 12.60
N HIS F 166 -4.99 -37.52 11.74
CA HIS F 166 -4.87 -38.73 10.97
C HIS F 166 -4.40 -39.84 11.89
N GLU F 167 -5.19 -40.91 12.00
CA GLU F 167 -4.89 -42.03 12.89
C GLU F 167 -4.82 -41.66 14.38
N ASP F 168 -5.48 -40.57 14.76
CA ASP F 168 -5.46 -40.08 16.14
C ASP F 168 -4.05 -39.76 16.68
N LEU F 169 -3.10 -39.46 15.78
CA LEU F 169 -1.75 -39.07 16.19
C LEU F 169 -1.09 -38.00 15.30
N THR F 170 -0.95 -38.26 14.00
CA THR F 170 -0.32 -37.30 13.08
C THR F 170 -1.31 -36.27 12.57
N VAL F 171 -0.86 -35.01 12.54
CA VAL F 171 -1.70 -33.89 12.16
C VAL F 171 -1.57 -33.61 10.66
N LYS F 172 -2.70 -33.56 9.96
CA LYS F 172 -2.68 -33.19 8.54
C LYS F 172 -3.51 -31.91 8.28
N ILE F 173 -2.83 -30.80 7.98
CA ILE F 173 -3.51 -29.56 7.56
C ILE F 173 -4.05 -29.71 6.14
N GLY F 174 -5.34 -29.45 5.95
CA GLY F 174 -5.94 -29.59 4.65
C GLY F 174 -6.76 -28.38 4.21
N ASP F 175 -7.67 -28.62 3.27
CA ASP F 175 -8.48 -27.58 2.64
C ASP F 175 -7.71 -26.33 2.20
N PHE F 176 -7.10 -26.42 1.02
CA PHE F 176 -6.26 -25.34 0.50
C PHE F 176 -7.04 -24.50 -0.50
N GLY F 177 -8.36 -24.50 -0.34
CA GLY F 177 -9.24 -23.79 -1.22
C GLY F 177 -9.04 -22.28 -1.28
N LEU F 178 -8.50 -21.69 -0.20
CA LEU F 178 -8.27 -20.26 -0.18
C LEU F 178 -6.78 -19.91 -0.18
N ALA F 179 -5.95 -20.93 -0.35
CA ALA F 179 -4.51 -20.74 -0.17
C ALA F 179 -3.96 -19.94 -1.33
N THR F 180 -2.81 -19.32 -1.13
CA THR F 180 -2.22 -18.55 -2.19
C THR F 180 -0.71 -18.57 -2.01
N VAL F 181 0.02 -18.48 -3.13
CA VAL F 181 1.41 -18.10 -3.07
C VAL F 181 1.46 -16.58 -2.98
N LYS F 182 2.36 -16.05 -2.16
CA LYS F 182 2.51 -14.62 -1.95
C LYS F 182 2.70 -13.78 -3.24
N SER F 183 1.69 -12.97 -3.56
CA SER F 183 1.75 -12.00 -4.66
C SER F 183 0.41 -11.27 -4.79
N GLN F 193 -12.91 -10.39 -2.82
CA GLN F 193 -13.80 -10.02 -1.73
C GLN F 193 -13.61 -10.92 -0.50
N LEU F 194 -13.86 -10.36 0.68
CA LEU F 194 -13.56 -11.06 1.95
C LEU F 194 -14.36 -12.35 2.18
N SER F 195 -13.63 -13.46 2.34
CA SER F 195 -14.22 -14.79 2.41
C SER F 195 -13.60 -15.59 3.56
N GLY F 196 -14.39 -16.43 4.23
CA GLY F 196 -13.86 -17.27 5.30
C GLY F 196 -14.64 -17.28 6.61
N SER F 197 -14.03 -17.79 7.69
CA SER F 197 -14.73 -17.89 8.97
C SER F 197 -14.21 -16.88 9.97
N ILE F 198 -15.12 -16.10 10.52
CA ILE F 198 -14.77 -14.89 11.26
C ILE F 198 -14.06 -15.20 12.55
N LEU F 199 -14.37 -16.36 13.14
CA LEU F 199 -13.78 -16.76 14.41
C LEU F 199 -12.27 -16.78 14.37
N TRP F 200 -11.71 -17.17 13.23
CA TRP F 200 -10.27 -17.31 13.10
C TRP F 200 -9.62 -16.15 12.34
N MET F 201 -10.45 -15.20 11.89
CA MET F 201 -9.96 -14.04 11.14
C MET F 201 -9.31 -12.97 12.02
N ALA F 202 -8.12 -12.53 11.62
CA ALA F 202 -7.35 -11.52 12.33
C ALA F 202 -7.95 -10.17 12.05
N PRO F 203 -7.90 -9.27 13.04
CA PRO F 203 -8.52 -7.93 12.96
C PRO F 203 -8.23 -7.19 11.64
N GLU F 204 -6.99 -7.19 11.16
CA GLU F 204 -6.67 -6.55 9.90
C GLU F 204 -7.31 -7.25 8.69
N VAL F 205 -7.62 -8.55 8.82
CA VAL F 205 -8.24 -9.26 7.72
C VAL F 205 -9.72 -8.90 7.63
N ILE F 206 -10.33 -8.79 8.79
CA ILE F 206 -11.71 -8.34 8.91
C ILE F 206 -11.90 -6.97 8.28
N ARG F 207 -11.02 -6.03 8.65
CA ARG F 207 -11.18 -4.62 8.22
C ARG F 207 -11.05 -4.41 6.73
N MET F 208 -10.23 -5.22 6.07
CA MET F 208 -9.98 -5.06 4.63
C MET F 208 -9.62 -3.62 4.27
N GLN F 209 -8.72 -3.01 5.03
CA GLN F 209 -8.26 -1.66 4.71
C GLN F 209 -6.94 -1.70 3.94
N ASP F 210 -6.13 -2.72 4.15
CA ASP F 210 -4.97 -2.93 3.29
C ASP F 210 -5.44 -3.52 1.97
N LYS F 211 -4.77 -3.15 0.89
CA LYS F 211 -5.06 -3.80 -0.39
C LYS F 211 -4.87 -5.30 -0.20
N ASN F 212 -3.75 -5.68 0.42
CA ASN F 212 -3.46 -7.08 0.72
C ASN F 212 -3.31 -7.31 2.23
N PRO F 213 -4.42 -7.59 2.91
CA PRO F 213 -4.52 -7.78 4.36
C PRO F 213 -4.00 -9.13 4.92
N TYR F 214 -3.95 -10.19 4.12
CA TYR F 214 -3.42 -11.48 4.60
C TYR F 214 -1.89 -11.51 4.63
N SER F 215 -1.34 -12.34 5.52
CA SER F 215 0.11 -12.49 5.65
C SER F 215 0.47 -13.72 6.48
N PHE F 216 1.77 -13.96 6.68
CA PHE F 216 2.17 -15.08 7.50
C PHE F 216 1.57 -14.81 8.84
N GLN F 217 1.66 -13.55 9.25
CA GLN F 217 1.16 -13.10 10.56
C GLN F 217 -0.34 -13.39 10.74
N SER F 218 -1.14 -13.18 9.70
CA SER F 218 -2.57 -13.48 9.82
C SER F 218 -2.81 -15.00 9.98
N ASP F 219 -2.00 -15.81 9.30
CA ASP F 219 -2.02 -17.26 9.56
C ASP F 219 -1.67 -17.55 11.01
N VAL F 220 -0.71 -16.80 11.55
CA VAL F 220 -0.32 -16.98 12.95
C VAL F 220 -1.50 -16.68 13.87
N TYR F 221 -2.30 -15.67 13.52
CA TYR F 221 -3.49 -15.37 14.31
C TYR F 221 -4.50 -16.54 14.32
N ALA F 222 -4.82 -17.06 13.13
CA ALA F 222 -5.71 -18.23 13.01
C ALA F 222 -5.18 -19.33 13.91
N PHE F 223 -3.87 -19.60 13.78
CA PHE F 223 -3.19 -20.55 14.65
C PHE F 223 -3.43 -20.23 16.13
N GLY F 224 -3.35 -18.95 16.48
CA GLY F 224 -3.63 -18.52 17.83
C GLY F 224 -5.02 -18.92 18.32
N ILE F 225 -5.99 -18.94 17.40
CA ILE F 225 -7.36 -19.30 17.76
C ILE F 225 -7.46 -20.80 17.98
N VAL F 226 -6.80 -21.55 17.10
CA VAL F 226 -6.65 -22.98 17.31
C VAL F 226 -6.03 -23.26 18.68
N LEU F 227 -4.98 -22.51 19.03
CA LEU F 227 -4.37 -22.64 20.35
C LEU F 227 -5.42 -22.48 21.43
N TYR F 228 -6.27 -21.46 21.25
CA TYR F 228 -7.36 -21.20 22.19
C TYR F 228 -8.33 -22.37 22.27
N GLU F 229 -8.74 -22.87 21.11
CA GLU F 229 -9.63 -24.01 21.07
C GLU F 229 -9.06 -25.15 21.88
N LEU F 230 -7.88 -25.63 21.48
CA LEU F 230 -7.11 -26.64 22.21
C LEU F 230 -7.06 -26.39 23.72
N MET F 231 -6.68 -25.18 24.13
CA MET F 231 -6.45 -24.91 25.55
C MET F 231 -7.70 -24.59 26.38
N THR F 232 -8.86 -24.48 25.73
CA THR F 232 -10.08 -24.16 26.46
C THR F 232 -11.18 -25.18 26.22
N GLY F 233 -11.10 -25.88 25.09
CA GLY F 233 -12.15 -26.78 24.66
C GLY F 233 -13.35 -26.01 24.14
N GLN F 234 -13.14 -24.73 23.89
CA GLN F 234 -14.22 -23.82 23.55
C GLN F 234 -13.86 -22.99 22.33
N LEU F 235 -14.89 -22.56 21.59
CA LEU F 235 -14.71 -21.59 20.52
C LEU F 235 -14.66 -20.22 21.16
N PRO F 236 -13.97 -19.27 20.54
CA PRO F 236 -13.87 -17.99 21.22
C PRO F 236 -15.21 -17.27 21.14
N TYR F 237 -15.49 -16.37 22.08
CA TYR F 237 -16.66 -15.50 22.00
C TYR F 237 -17.93 -16.30 22.08
N SER F 238 -17.93 -17.39 22.83
CA SER F 238 -19.11 -18.24 22.98
C SER F 238 -20.30 -17.52 23.66
N ASN F 239 -20.03 -16.39 24.29
CA ASN F 239 -21.07 -15.56 24.92
C ASN F 239 -21.71 -14.51 23.98
N ILE F 240 -21.39 -14.58 22.70
CA ILE F 240 -21.88 -13.62 21.72
C ILE F 240 -22.47 -14.34 20.50
N ASN F 241 -23.78 -14.22 20.29
CA ASN F 241 -24.42 -14.96 19.20
C ASN F 241 -24.76 -14.06 18.00
N ASN F 242 -24.08 -12.92 17.96
CA ASN F 242 -24.35 -11.90 16.98
C ASN F 242 -23.20 -11.73 16.01
N ARG F 243 -23.24 -12.44 14.88
CA ARG F 243 -22.08 -12.52 13.99
C ARG F 243 -21.46 -11.17 13.59
N ASP F 244 -22.30 -10.21 13.26
CA ASP F 244 -21.82 -8.92 12.79
C ASP F 244 -21.20 -8.13 13.95
N GLN F 245 -21.74 -8.31 15.15
CA GLN F 245 -21.13 -7.75 16.33
C GLN F 245 -19.68 -8.25 16.49
N ILE F 246 -19.44 -9.53 16.20
CA ILE F 246 -18.11 -10.09 16.31
C ILE F 246 -17.19 -9.46 15.27
N ILE F 247 -17.61 -9.46 14.02
CA ILE F 247 -16.91 -8.75 12.96
C ILE F 247 -16.59 -7.31 13.35
N PHE F 248 -17.60 -6.59 13.82
CA PHE F 248 -17.39 -5.19 14.11
C PHE F 248 -16.42 -5.04 15.26
N MET F 249 -16.71 -5.73 16.36
CA MET F 249 -15.94 -5.50 17.58
C MET F 249 -14.52 -6.04 17.49
N VAL F 250 -14.34 -7.18 16.81
CA VAL F 250 -12.99 -7.70 16.64
C VAL F 250 -12.16 -6.75 15.78
N GLY F 251 -12.72 -6.35 14.64
CA GLY F 251 -12.00 -5.52 13.69
C GLY F 251 -11.66 -4.15 14.20
N ARG F 252 -12.28 -3.79 15.30
CA ARG F 252 -12.22 -2.43 15.78
C ARG F 252 -11.30 -2.37 16.98
N GLY F 253 -11.07 -3.53 17.59
CA GLY F 253 -10.23 -3.64 18.75
C GLY F 253 -10.97 -3.84 20.07
N TYR F 254 -12.30 -3.76 20.05
CA TYR F 254 -13.04 -3.77 21.31
C TYR F 254 -13.24 -5.18 21.86
N LEU F 255 -12.85 -6.19 21.10
CA LEU F 255 -13.14 -7.55 21.51
C LEU F 255 -12.03 -8.52 21.11
N SER F 256 -11.74 -9.46 22.02
CA SER F 256 -10.73 -10.48 21.79
C SER F 256 -11.01 -11.68 22.70
N PRO F 257 -10.37 -12.84 22.44
CA PRO F 257 -10.70 -14.01 23.25
C PRO F 257 -10.40 -13.85 24.74
N ASP F 258 -11.24 -14.47 25.56
CA ASP F 258 -11.09 -14.48 27.02
C ASP F 258 -10.07 -15.56 27.42
N LEU F 259 -8.82 -15.16 27.65
CA LEU F 259 -7.81 -16.18 27.91
C LEU F 259 -7.99 -16.80 29.29
N SER F 260 -8.79 -16.14 30.12
CA SER F 260 -9.08 -16.68 31.46
C SER F 260 -9.78 -18.03 31.36
N LYS F 261 -10.32 -18.33 30.20
CA LYS F 261 -11.01 -19.59 29.96
C LYS F 261 -10.06 -20.76 29.69
N VAL F 262 -8.75 -20.57 29.84
CA VAL F 262 -7.82 -21.68 29.65
C VAL F 262 -7.93 -22.69 30.77
N ARG F 263 -7.98 -23.97 30.39
CA ARG F 263 -7.93 -25.06 31.35
C ARG F 263 -6.74 -24.84 32.28
N SER F 264 -6.93 -25.12 33.56
CA SER F 264 -5.95 -24.83 34.61
C SER F 264 -4.61 -25.57 34.48
N ASN F 265 -4.59 -26.70 33.77
CA ASN F 265 -3.33 -27.41 33.57
C ASN F 265 -2.59 -26.97 32.31
N CYS F 266 -3.11 -25.94 31.66
CA CYS F 266 -2.41 -25.34 30.54
C CYS F 266 -1.17 -24.72 31.10
N PRO F 267 -0.01 -25.03 30.50
CA PRO F 267 1.26 -24.42 30.89
C PRO F 267 1.24 -22.91 30.69
N LYS F 268 1.76 -22.17 31.66
CA LYS F 268 1.91 -20.73 31.54
C LYS F 268 2.54 -20.34 30.21
N ALA F 269 3.49 -21.15 29.75
CA ALA F 269 4.16 -20.96 28.47
C ALA F 269 3.18 -20.92 27.29
N MET F 270 2.28 -21.90 27.24
CA MET F 270 1.28 -22.00 26.18
C MET F 270 0.32 -20.82 26.20
N LYS F 271 -0.11 -20.42 27.40
CA LYS F 271 -1.00 -19.28 27.50
C LYS F 271 -0.35 -18.03 26.93
N ARG F 272 0.93 -17.86 27.20
CA ARG F 272 1.64 -16.69 26.72
C ARG F 272 1.79 -16.71 25.19
N LEU F 273 2.08 -17.88 24.64
CA LEU F 273 2.29 -18.01 23.19
C LEU F 273 0.97 -17.79 22.44
N MET F 274 -0.16 -18.04 23.11
CA MET F 274 -1.46 -17.96 22.47
C MET F 274 -1.78 -16.49 22.45
N ALA F 275 -1.55 -15.84 23.58
CA ALA F 275 -1.68 -14.40 23.66
C ALA F 275 -0.77 -13.74 22.62
N GLU F 276 0.42 -14.27 22.47
CA GLU F 276 1.39 -13.69 21.59
C GLU F 276 0.93 -13.78 20.11
N CYS F 277 0.32 -14.91 19.75
CA CYS F 277 -0.10 -15.15 18.37
C CYS F 277 -1.35 -14.35 18.05
N LEU F 278 -2.01 -13.89 19.11
CA LEU F 278 -3.33 -13.27 19.00
C LEU F 278 -3.25 -11.76 19.02
N LYS F 279 -2.05 -11.22 19.20
CA LYS F 279 -1.84 -9.77 19.20
C LYS F 279 -2.59 -9.03 18.08
N LYS F 280 -3.29 -7.98 18.48
CA LYS F 280 -4.10 -7.17 17.55
C LYS F 280 -3.23 -6.55 16.49
N LYS F 281 -2.11 -5.98 16.91
CA LYS F 281 -1.22 -5.35 15.94
C LYS F 281 -0.35 -6.44 15.29
N ARG F 282 -0.57 -6.65 14.00
CA ARG F 282 0.02 -7.77 13.26
C ARG F 282 1.55 -7.93 13.41
N ASP F 283 2.26 -6.82 13.53
CA ASP F 283 3.72 -6.84 13.59
C ASP F 283 4.25 -7.54 14.84
N GLU F 284 3.40 -7.69 15.84
CA GLU F 284 3.81 -8.11 17.18
C GLU F 284 3.62 -9.62 17.39
N ARG F 285 3.19 -10.31 16.35
CA ARG F 285 3.03 -11.75 16.40
C ARG F 285 4.29 -12.47 15.92
N PRO F 286 4.66 -13.56 16.61
CA PRO F 286 5.83 -14.36 16.25
C PRO F 286 5.53 -15.10 14.98
N LEU F 287 6.54 -15.39 14.16
CA LEU F 287 6.30 -16.29 13.03
C LEU F 287 6.48 -17.76 13.45
N PHE F 288 6.32 -18.66 12.50
CA PHE F 288 6.28 -20.07 12.85
C PHE F 288 7.60 -20.73 13.32
N PRO F 289 8.76 -20.30 12.76
CA PRO F 289 10.00 -20.76 13.37
C PRO F 289 10.05 -20.42 14.86
N GLN F 290 9.65 -19.21 15.20
CA GLN F 290 9.74 -18.75 16.57
C GLN F 290 8.72 -19.46 17.43
N ILE F 291 7.54 -19.73 16.84
CA ILE F 291 6.52 -20.50 17.56
C ILE F 291 6.99 -21.93 17.86
N LEU F 292 7.53 -22.60 16.85
CA LEU F 292 8.22 -23.89 17.07
C LEU F 292 9.30 -23.84 18.15
N ALA F 293 10.19 -22.84 18.04
CA ALA F 293 11.20 -22.60 19.06
C ALA F 293 10.59 -22.61 20.47
N SER F 294 9.51 -21.86 20.66
CA SER F 294 8.88 -21.75 21.98
C SER F 294 8.30 -23.05 22.52
N ILE F 295 7.74 -23.86 21.64
CA ILE F 295 7.12 -25.10 22.05
C ILE F 295 8.20 -26.13 22.35
N GLU F 296 9.36 -25.96 21.73
CA GLU F 296 10.47 -26.85 22.00
C GLU F 296 11.09 -26.53 23.37
N LEU F 297 11.29 -25.24 23.67
CA LEU F 297 11.70 -24.84 25.02
C LEU F 297 10.75 -25.43 26.09
N LEU F 298 9.45 -25.29 25.87
CA LEU F 298 8.43 -25.81 26.76
C LEU F 298 8.65 -27.30 26.99
N ALA F 299 8.73 -28.04 25.87
CA ALA F 299 8.99 -29.48 25.84
C ALA F 299 10.20 -29.95 26.65
N ARG F 300 11.24 -29.11 26.72
CA ARG F 300 12.40 -29.35 27.57
C ARG F 300 12.08 -29.15 29.05
N SER F 301 10.99 -29.76 29.54
CA SER F 301 10.61 -29.64 30.95
C SER F 301 9.73 -30.82 31.38
N LEU F 302 10.26 -31.62 32.31
CA LEU F 302 9.60 -32.82 32.83
C LEU F 302 8.62 -32.49 33.95
N ASP G 30 13.90 -25.82 -7.28
CA ASP G 30 12.48 -25.87 -6.88
C ASP G 30 12.23 -26.74 -5.63
N TRP G 31 12.80 -27.94 -5.64
CA TRP G 31 12.79 -28.84 -4.50
C TRP G 31 14.17 -28.85 -3.88
N GLU G 32 15.00 -27.93 -4.37
CA GLU G 32 16.35 -27.79 -3.85
C GLU G 32 16.31 -27.03 -2.53
N ILE G 33 17.21 -27.38 -1.63
CA ILE G 33 17.17 -26.84 -0.30
C ILE G 33 18.48 -26.12 -0.03
N PRO G 34 18.42 -24.79 0.10
CA PRO G 34 19.58 -23.93 0.31
C PRO G 34 20.54 -24.47 1.39
N ASP G 35 21.84 -24.37 1.14
CA ASP G 35 22.83 -24.79 2.12
C ASP G 35 22.56 -24.05 3.43
N GLY G 36 22.71 -24.75 4.56
CA GLY G 36 22.43 -24.12 5.84
C GLY G 36 21.24 -24.75 6.50
N GLN G 37 20.08 -24.69 5.82
CA GLN G 37 18.81 -25.15 6.37
C GLN G 37 18.80 -26.56 6.96
N ILE G 38 19.48 -27.51 6.30
CA ILE G 38 19.48 -28.87 6.86
C ILE G 38 20.54 -28.99 7.94
N THR G 39 20.20 -29.61 9.05
CA THR G 39 21.21 -30.02 10.02
C THR G 39 21.17 -31.53 10.22
N VAL G 40 22.29 -32.18 9.94
CA VAL G 40 22.35 -33.62 10.03
C VAL G 40 22.91 -34.11 11.38
N GLY G 41 22.49 -35.30 11.78
CA GLY G 41 22.90 -35.87 13.06
C GLY G 41 23.17 -37.36 12.93
N GLN G 42 22.61 -38.14 13.85
CA GLN G 42 22.88 -39.57 13.99
C GLN G 42 22.81 -40.41 12.70
N ARG G 43 23.94 -40.96 12.28
CA ARG G 43 23.95 -41.94 11.18
C ARG G 43 23.16 -43.21 11.51
N ILE G 44 22.54 -43.80 10.49
CA ILE G 44 21.80 -45.05 10.65
C ILE G 44 22.53 -46.22 9.99
N GLY G 50 27.03 -46.68 6.34
CA GLY G 50 25.67 -46.24 6.15
C GLY G 50 25.63 -44.83 5.59
N THR G 51 24.80 -44.61 4.58
CA THR G 51 24.76 -43.33 3.88
C THR G 51 23.62 -42.42 4.34
N VAL G 52 22.71 -42.96 5.14
CA VAL G 52 21.56 -42.23 5.66
C VAL G 52 21.75 -41.75 7.11
N TYR G 53 21.45 -40.47 7.34
CA TYR G 53 21.48 -39.84 8.67
C TYR G 53 20.11 -39.35 9.08
N LYS G 54 19.86 -39.25 10.38
CA LYS G 54 18.64 -38.62 10.85
C LYS G 54 19.01 -37.15 10.90
N GLY G 55 18.07 -36.28 10.52
CA GLY G 55 18.37 -34.87 10.42
C GLY G 55 17.18 -34.02 10.78
N LYS G 56 17.32 -32.71 10.63
CA LYS G 56 16.25 -31.78 10.93
C LYS G 56 16.10 -30.71 9.85
N TRP G 57 14.93 -30.71 9.21
CA TRP G 57 14.55 -29.70 8.23
C TRP G 57 13.02 -29.58 8.23
N HIS G 58 12.51 -28.62 8.98
CA HIS G 58 11.07 -28.52 9.19
C HIS G 58 10.57 -29.82 9.81
N GLY G 59 11.12 -30.17 10.97
CA GLY G 59 10.83 -31.45 11.60
C GLY G 59 11.90 -32.50 11.31
N ASP G 60 11.71 -33.70 11.82
CA ASP G 60 12.65 -34.78 11.56
C ASP G 60 12.55 -35.22 10.10
N VAL G 61 13.69 -35.36 9.44
CA VAL G 61 13.70 -35.87 8.08
C VAL G 61 14.76 -36.94 8.03
N ALA G 62 14.89 -37.61 6.89
CA ALA G 62 15.97 -38.56 6.70
C ALA G 62 16.82 -38.11 5.53
N VAL G 63 18.10 -37.84 5.80
CA VAL G 63 19.02 -37.34 4.79
C VAL G 63 19.93 -38.45 4.29
N LYS G 64 19.87 -38.77 3.01
CA LYS G 64 20.79 -39.74 2.43
C LYS G 64 21.86 -39.01 1.61
N MET G 65 23.12 -39.21 1.98
CA MET G 65 24.24 -38.52 1.38
C MET G 65 25.21 -39.51 0.76
N LEU G 66 25.79 -39.15 -0.38
CA LEU G 66 27.00 -39.82 -0.82
C LEU G 66 28.20 -39.05 -0.27
N ASN G 67 29.06 -39.77 0.45
CA ASN G 67 30.15 -39.15 1.22
C ASN G 67 31.40 -38.90 0.39
N VAL G 68 31.33 -37.95 -0.54
CA VAL G 68 32.48 -37.62 -1.38
C VAL G 68 32.83 -36.14 -1.24
N THR G 69 33.98 -35.76 -1.79
CA THR G 69 34.35 -34.36 -1.87
C THR G 69 33.94 -33.84 -3.25
N ALA G 70 34.50 -34.45 -4.28
CA ALA G 70 34.11 -34.14 -5.65
C ALA G 70 33.43 -35.35 -6.30
N PRO G 71 32.10 -35.23 -6.49
CA PRO G 71 31.33 -36.31 -7.13
C PRO G 71 31.62 -36.37 -8.65
N THR G 72 31.83 -37.57 -9.18
CA THR G 72 32.17 -37.78 -10.59
C THR G 72 30.96 -37.74 -11.49
N PRO G 73 31.13 -37.28 -12.73
CA PRO G 73 30.03 -37.08 -13.68
C PRO G 73 29.02 -38.22 -13.88
N GLN G 74 29.28 -39.41 -13.34
CA GLN G 74 28.26 -40.44 -13.41
C GLN G 74 27.56 -40.61 -12.07
N GLN G 75 28.25 -40.20 -11.01
CA GLN G 75 27.63 -40.08 -9.68
C GLN G 75 26.56 -38.98 -9.67
N LEU G 76 26.74 -37.98 -10.51
CA LEU G 76 25.76 -36.92 -10.65
C LEU G 76 24.57 -37.46 -11.41
N GLN G 77 24.84 -38.20 -12.47
CA GLN G 77 23.73 -38.76 -13.24
C GLN G 77 22.90 -39.70 -12.38
N ALA G 78 23.54 -40.29 -11.37
CA ALA G 78 22.81 -41.15 -10.45
C ALA G 78 21.88 -40.28 -9.62
N PHE G 79 22.44 -39.22 -9.04
CA PHE G 79 21.73 -38.27 -8.18
C PHE G 79 20.51 -37.67 -8.86
N LYS G 80 20.68 -37.20 -10.10
CA LYS G 80 19.53 -36.71 -10.87
C LYS G 80 18.47 -37.77 -11.13
N ASN G 81 18.86 -38.94 -11.60
CA ASN G 81 17.89 -39.98 -11.88
C ASN G 81 17.07 -40.34 -10.65
N GLU G 82 17.74 -40.45 -9.51
CA GLU G 82 17.04 -40.81 -8.28
C GLU G 82 16.03 -39.72 -7.91
N VAL G 83 16.52 -38.49 -7.73
CA VAL G 83 15.65 -37.33 -7.53
C VAL G 83 14.52 -37.26 -8.56
N GLY G 84 14.86 -37.50 -9.83
CA GLY G 84 13.88 -37.48 -10.89
C GLY G 84 12.78 -38.49 -10.68
N VAL G 85 13.16 -39.67 -10.21
CA VAL G 85 12.17 -40.69 -9.96
C VAL G 85 11.35 -40.29 -8.76
N LEU G 86 12.03 -40.01 -7.64
CA LEU G 86 11.35 -39.60 -6.41
C LEU G 86 10.37 -38.44 -6.63
N ARG G 87 10.73 -37.47 -7.48
CA ARG G 87 9.87 -36.33 -7.79
C ARG G 87 8.49 -36.78 -8.28
N LYS G 88 8.45 -37.91 -8.98
CA LYS G 88 7.23 -38.40 -9.62
C LYS G 88 6.32 -39.15 -8.67
N THR G 89 6.72 -39.27 -7.42
CA THR G 89 5.94 -40.08 -6.48
C THR G 89 5.23 -39.26 -5.44
N ARG G 90 3.93 -39.51 -5.29
CA ARG G 90 3.12 -38.98 -4.19
C ARG G 90 2.08 -40.02 -3.81
N HIS G 91 2.36 -40.80 -2.77
CA HIS G 91 1.52 -41.91 -2.36
C HIS G 91 1.95 -42.35 -0.94
N VAL G 92 1.01 -42.75 -0.09
CA VAL G 92 1.39 -43.06 1.30
C VAL G 92 2.22 -44.31 1.49
N ASN G 93 2.37 -45.13 0.45
CA ASN G 93 3.23 -46.31 0.60
C ASN G 93 4.58 -46.14 -0.07
N ILE G 94 4.87 -44.92 -0.48
CA ILE G 94 6.20 -44.54 -0.93
C ILE G 94 6.79 -43.54 0.04
N LEU G 95 8.00 -43.82 0.50
CA LEU G 95 8.78 -42.88 1.29
C LEU G 95 8.64 -41.50 0.66
N LEU G 96 8.06 -40.56 1.42
CA LEU G 96 7.80 -39.20 0.94
C LEU G 96 9.08 -38.43 0.67
N PHE G 97 9.39 -38.21 -0.61
CA PHE G 97 10.46 -37.31 -1.02
C PHE G 97 10.18 -35.91 -0.47
N MET G 98 11.22 -35.18 -0.07
CA MET G 98 10.99 -33.82 0.41
C MET G 98 11.89 -32.79 -0.25
N GLY G 99 13.02 -33.22 -0.76
CA GLY G 99 13.97 -32.28 -1.32
C GLY G 99 15.37 -32.87 -1.47
N TYR G 100 16.18 -32.18 -2.25
CA TYR G 100 17.58 -32.52 -2.36
C TYR G 100 18.43 -31.31 -2.01
N SER G 101 19.67 -31.56 -1.63
CA SER G 101 20.63 -30.50 -1.37
C SER G 101 21.81 -30.83 -2.24
N THR G 102 22.62 -29.83 -2.52
CA THR G 102 23.74 -30.04 -3.41
C THR G 102 25.00 -29.62 -2.67
N LYS G 103 24.80 -28.85 -1.61
CA LYS G 103 25.91 -28.27 -0.89
C LYS G 103 25.63 -28.31 0.62
N PRO G 104 26.64 -28.69 1.41
CA PRO G 104 28.00 -29.08 0.99
C PRO G 104 28.05 -30.35 0.14
N GLN G 105 27.42 -31.42 0.60
CA GLN G 105 27.36 -32.64 -0.17
C GLN G 105 26.00 -32.81 -0.82
N LEU G 106 25.95 -33.61 -1.88
CA LEU G 106 24.71 -34.00 -2.51
C LEU G 106 23.94 -34.88 -1.56
N ALA G 107 22.65 -34.60 -1.38
CA ALA G 107 21.86 -35.32 -0.38
C ALA G 107 20.43 -35.46 -0.83
N ILE G 108 19.78 -36.52 -0.38
CA ILE G 108 18.35 -36.66 -0.62
C ILE G 108 17.61 -36.63 0.72
N VAL G 109 16.65 -35.72 0.82
CA VAL G 109 15.87 -35.52 2.04
C VAL G 109 14.48 -36.15 1.87
N THR G 110 14.14 -37.11 2.72
CA THR G 110 12.79 -37.67 2.69
C THR G 110 12.27 -37.60 4.10
N GLN G 111 10.98 -37.90 4.28
CA GLN G 111 10.38 -37.95 5.61
C GLN G 111 11.17 -38.91 6.47
N TRP G 112 11.03 -38.80 7.79
CA TRP G 112 11.70 -39.71 8.70
C TRP G 112 10.70 -40.72 9.28
N CYS G 113 10.99 -42.01 9.13
CA CYS G 113 10.11 -43.06 9.67
C CYS G 113 10.52 -43.47 11.07
N GLU G 114 9.57 -43.49 11.98
CA GLU G 114 9.87 -44.09 13.26
C GLU G 114 9.45 -45.54 13.15
N GLY G 115 10.28 -46.45 13.64
CA GLY G 115 10.01 -47.85 13.46
C GLY G 115 11.07 -48.42 12.56
N SER G 116 10.99 -49.70 12.28
CA SER G 116 12.12 -50.31 11.60
C SER G 116 11.76 -50.90 10.23
N SER G 117 12.79 -51.30 9.51
CA SER G 117 12.61 -52.03 8.25
C SER G 117 11.99 -53.40 8.49
N LEU G 118 11.30 -53.88 7.48
CA LEU G 118 10.75 -55.20 7.50
C LEU G 118 11.84 -56.26 7.70
N TYR G 119 13.04 -56.00 7.19
CA TYR G 119 14.13 -56.95 7.32
C TYR G 119 14.46 -57.04 8.79
N HIS G 120 14.65 -55.87 9.41
CA HIS G 120 14.94 -55.80 10.83
C HIS G 120 13.90 -56.54 11.67
N HIS G 121 12.63 -56.28 11.37
CA HIS G 121 11.54 -56.90 12.09
C HIS G 121 11.56 -58.42 12.00
N LEU G 122 11.80 -58.98 10.82
CA LEU G 122 11.67 -60.42 10.63
C LEU G 122 12.94 -61.20 10.95
N HIS G 123 14.07 -60.58 10.66
CA HIS G 123 15.34 -61.29 10.72
C HIS G 123 16.27 -60.82 11.84
N ILE G 124 15.86 -59.85 12.65
CA ILE G 124 16.73 -59.40 13.74
C ILE G 124 16.04 -59.46 15.10
N ILE G 125 14.97 -58.70 15.30
CA ILE G 125 14.28 -58.77 16.58
C ILE G 125 13.15 -59.77 16.51
N GLU G 126 12.99 -60.41 15.35
CA GLU G 126 11.94 -61.42 15.12
C GLU G 126 10.60 -61.11 15.78
N THR G 127 10.11 -59.89 15.53
CA THR G 127 8.79 -59.49 15.92
C THR G 127 7.81 -60.60 15.58
N LYS G 128 6.90 -60.91 16.50
CA LYS G 128 5.90 -61.93 16.21
C LYS G 128 4.61 -61.30 15.72
N PHE G 129 4.58 -61.01 14.42
CA PHE G 129 3.39 -60.44 13.79
C PHE G 129 2.26 -61.45 13.74
N GLU G 130 1.04 -60.95 13.92
CA GLU G 130 -0.15 -61.76 13.70
C GLU G 130 -0.34 -61.86 12.21
N MET G 131 -1.08 -62.86 11.76
CA MET G 131 -1.26 -63.16 10.34
C MET G 131 -2.01 -62.06 9.57
N ILE G 132 -3.10 -61.57 10.17
CA ILE G 132 -3.83 -60.45 9.62
C ILE G 132 -2.86 -59.29 9.28
N LYS G 133 -1.92 -59.01 10.19
CA LYS G 133 -0.92 -57.96 9.97
C LYS G 133 0.09 -58.28 8.85
N LEU G 134 0.56 -59.51 8.77
CA LEU G 134 1.53 -59.88 7.74
C LEU G 134 0.91 -59.71 6.35
N ILE G 135 -0.39 -59.95 6.27
CA ILE G 135 -1.13 -59.73 5.05
C ILE G 135 -1.24 -58.23 4.77
N ASP G 136 -1.48 -57.43 5.81
CA ASP G 136 -1.53 -55.99 5.60
C ASP G 136 -0.23 -55.42 4.99
N ILE G 137 0.91 -55.88 5.53
CA ILE G 137 2.22 -55.46 5.09
C ILE G 137 2.37 -55.79 3.60
N ALA G 138 1.96 -57.00 3.26
CA ALA G 138 1.98 -57.47 1.90
C ALA G 138 1.07 -56.60 1.03
N ARG G 139 -0.16 -56.39 1.52
CA ARG G 139 -1.13 -55.59 0.80
C ARG G 139 -0.59 -54.20 0.54
N GLN G 140 -0.13 -53.54 1.60
CA GLN G 140 0.45 -52.21 1.48
C GLN G 140 1.68 -52.14 0.56
N THR G 141 2.56 -53.12 0.66
CA THR G 141 3.70 -53.14 -0.26
C THR G 141 3.18 -53.26 -1.70
N ALA G 142 2.24 -54.17 -1.91
CA ALA G 142 1.60 -54.32 -3.21
C ALA G 142 1.06 -52.97 -3.69
N GLN G 143 0.23 -52.36 -2.85
CA GLN G 143 -0.33 -51.06 -3.08
C GLN G 143 0.67 -50.02 -3.60
N GLY G 144 1.79 -49.90 -2.91
CA GLY G 144 2.84 -48.99 -3.33
C GLY G 144 3.53 -49.41 -4.62
N MET G 145 3.68 -50.72 -4.82
CA MET G 145 4.32 -51.20 -6.04
C MET G 145 3.41 -50.99 -7.25
N ASP G 146 2.13 -51.36 -7.08
CA ASP G 146 1.13 -50.98 -8.05
C ASP G 146 1.13 -49.46 -8.36
N TYR G 147 1.39 -48.62 -7.37
CA TYR G 147 1.47 -47.18 -7.61
C TYR G 147 2.71 -46.83 -8.44
N LEU G 148 3.87 -47.37 -8.06
CA LEU G 148 5.08 -47.11 -8.82
C LEU G 148 4.96 -47.55 -10.29
N HIS G 149 4.35 -48.70 -10.52
CA HIS G 149 4.34 -49.23 -11.89
C HIS G 149 3.39 -48.43 -12.76
N ALA G 150 2.25 -48.05 -12.23
CA ALA G 150 1.31 -47.20 -12.97
C ALA G 150 1.95 -45.88 -13.43
N LYS G 151 2.90 -45.37 -12.65
CA LYS G 151 3.70 -44.22 -13.04
C LYS G 151 4.96 -44.64 -13.81
N SER G 152 4.99 -45.89 -14.26
CA SER G 152 6.05 -46.42 -15.13
C SER G 152 7.47 -46.39 -14.54
N ILE G 153 7.54 -46.67 -13.24
CA ILE G 153 8.79 -46.73 -12.50
C ILE G 153 9.10 -48.19 -12.14
N ILE G 154 10.36 -48.58 -12.28
CA ILE G 154 10.78 -49.89 -11.81
C ILE G 154 11.72 -49.72 -10.62
N HIS G 155 11.46 -50.41 -9.53
CA HIS G 155 12.24 -50.17 -8.33
C HIS G 155 13.64 -50.73 -8.49
N ARG G 156 13.71 -52.00 -8.89
CA ARG G 156 14.96 -52.74 -9.14
C ARG G 156 15.76 -53.07 -7.88
N ASP G 157 15.19 -52.78 -6.71
CA ASP G 157 15.88 -53.09 -5.48
C ASP G 157 14.85 -53.28 -4.37
N LEU G 158 13.77 -53.97 -4.70
CA LEU G 158 12.79 -54.34 -3.69
C LEU G 158 13.38 -55.45 -2.84
N LYS G 159 13.46 -55.21 -1.53
CA LYS G 159 13.84 -56.21 -0.56
C LYS G 159 13.31 -55.70 0.76
N SER G 160 13.29 -56.55 1.78
CA SER G 160 12.68 -56.15 3.06
C SER G 160 13.46 -55.04 3.78
N ASN G 161 14.71 -54.86 3.42
CA ASN G 161 15.49 -53.75 3.94
C ASN G 161 14.92 -52.40 3.51
N ASN G 162 14.33 -52.36 2.31
CA ASN G 162 13.82 -51.13 1.74
C ASN G 162 12.31 -50.98 1.93
N ILE G 163 11.73 -51.79 2.80
CA ILE G 163 10.35 -51.58 3.21
C ILE G 163 10.37 -51.17 4.67
N PHE G 164 9.79 -50.01 5.00
CA PHE G 164 9.77 -49.57 6.39
C PHE G 164 8.36 -49.60 7.00
N LEU G 165 8.29 -50.03 8.26
CA LEU G 165 7.03 -50.01 9.00
C LEU G 165 6.94 -48.74 9.79
N HIS G 166 6.64 -47.65 9.11
CA HIS G 166 6.50 -46.34 9.72
C HIS G 166 5.40 -46.35 10.77
N GLU G 167 5.70 -45.83 11.96
CA GLU G 167 4.81 -45.86 13.11
C GLU G 167 4.31 -47.26 13.46
N ASP G 168 4.97 -48.27 12.90
CA ASP G 168 4.59 -49.67 13.04
C ASP G 168 3.18 -50.01 12.52
N LEU G 169 2.71 -49.28 11.50
CA LEU G 169 1.35 -49.51 10.97
C LEU G 169 1.13 -49.10 9.51
N THR G 170 2.11 -48.44 8.91
CA THR G 170 2.01 -48.08 7.51
C THR G 170 3.30 -48.42 6.78
N VAL G 171 3.18 -49.07 5.62
CA VAL G 171 4.38 -49.41 4.86
C VAL G 171 4.88 -48.23 4.01
N LYS G 172 6.19 -48.03 3.97
CA LYS G 172 6.78 -47.04 3.08
C LYS G 172 7.89 -47.74 2.31
N ILE G 173 7.77 -47.78 0.99
CA ILE G 173 8.85 -48.29 0.15
C ILE G 173 9.90 -47.20 -0.08
N GLY G 174 11.16 -47.52 0.15
CA GLY G 174 12.21 -46.52 0.08
C GLY G 174 13.39 -47.01 -0.71
N ASP G 175 14.54 -46.40 -0.50
CA ASP G 175 15.73 -46.60 -1.33
C ASP G 175 15.50 -46.73 -2.85
N PHE G 176 15.35 -45.59 -3.52
CA PHE G 176 15.13 -45.58 -4.96
C PHE G 176 16.42 -45.34 -5.70
N GLY G 177 17.50 -45.87 -5.15
CA GLY G 177 18.82 -45.70 -5.71
C GLY G 177 19.16 -46.46 -6.99
N LEU G 178 18.31 -47.42 -7.38
CA LEU G 178 18.50 -48.17 -8.62
C LEU G 178 17.27 -48.05 -9.50
N ALA G 179 16.28 -47.30 -9.04
CA ALA G 179 15.05 -47.12 -9.79
C ALA G 179 15.27 -46.35 -11.09
N THR G 180 14.36 -46.55 -12.03
CA THR G 180 14.40 -45.93 -13.33
C THR G 180 13.01 -45.89 -13.92
N VAL G 181 12.82 -45.02 -14.91
CA VAL G 181 11.57 -45.02 -15.66
C VAL G 181 11.70 -45.97 -16.86
N LYS G 182 10.64 -46.73 -17.14
CA LYS G 182 10.61 -47.69 -18.26
C LYS G 182 10.77 -46.99 -19.63
N SER G 183 11.58 -47.58 -20.51
CA SER G 183 11.87 -47.04 -21.85
C SER G 183 10.63 -46.77 -22.71
N GLU G 192 24.99 -50.47 -18.25
CA GLU G 192 24.82 -50.58 -16.80
C GLU G 192 25.24 -51.94 -16.24
N GLN G 193 26.27 -51.94 -15.39
CA GLN G 193 26.73 -53.18 -14.76
C GLN G 193 25.68 -53.66 -13.76
N LEU G 194 25.42 -54.96 -13.75
CA LEU G 194 24.43 -55.54 -12.85
C LEU G 194 24.85 -55.34 -11.39
N SER G 195 23.89 -54.93 -10.55
CA SER G 195 24.12 -54.71 -9.12
C SER G 195 22.85 -54.92 -8.28
N GLY G 196 23.03 -55.29 -7.02
CA GLY G 196 21.89 -55.55 -6.17
C GLY G 196 22.10 -56.79 -5.33
N SER G 197 21.05 -57.21 -4.64
CA SER G 197 21.14 -58.25 -3.64
C SER G 197 20.48 -59.51 -4.14
N ILE G 198 21.27 -60.58 -4.23
CA ILE G 198 20.90 -61.77 -5.00
C ILE G 198 19.58 -62.43 -4.62
N LEU G 199 19.24 -62.46 -3.32
CA LEU G 199 18.10 -63.28 -2.89
C LEU G 199 16.81 -62.76 -3.48
N TRP G 200 16.80 -61.48 -3.89
CA TRP G 200 15.60 -60.87 -4.45
C TRP G 200 15.65 -60.71 -5.98
N MET G 201 16.73 -61.18 -6.61
CA MET G 201 16.90 -61.07 -8.07
C MET G 201 16.23 -62.22 -8.81
N ALA G 202 15.36 -61.86 -9.76
CA ALA G 202 14.67 -62.85 -10.59
C ALA G 202 15.64 -63.48 -11.59
N PRO G 203 15.38 -64.75 -12.00
CA PRO G 203 16.35 -65.50 -12.82
C PRO G 203 16.81 -64.75 -14.07
N GLU G 204 15.92 -64.01 -14.72
CA GLU G 204 16.32 -63.22 -15.89
C GLU G 204 17.22 -62.01 -15.56
N VAL G 205 17.11 -61.48 -14.33
CA VAL G 205 17.94 -60.35 -13.93
C VAL G 205 19.36 -60.85 -13.71
N ILE G 206 19.44 -62.02 -13.08
CA ILE G 206 20.70 -62.70 -12.85
C ILE G 206 21.40 -63.00 -14.15
N ARG G 207 20.64 -63.49 -15.14
CA ARG G 207 21.19 -63.87 -16.45
C ARG G 207 21.75 -62.70 -17.27
N MET G 208 21.06 -61.56 -17.24
CA MET G 208 21.50 -60.38 -17.99
C MET G 208 21.68 -60.68 -19.46
N GLN G 209 20.76 -61.44 -20.05
CA GLN G 209 20.93 -61.86 -21.43
C GLN G 209 19.83 -61.33 -22.33
N ASP G 210 18.63 -61.14 -21.77
CA ASP G 210 17.53 -60.50 -22.48
C ASP G 210 17.82 -59.02 -22.75
N LYS G 211 17.07 -58.43 -23.67
CA LYS G 211 17.31 -57.04 -24.07
C LYS G 211 16.94 -56.11 -22.93
N ASN G 212 15.92 -56.50 -22.19
CA ASN G 212 15.48 -55.75 -21.03
C ASN G 212 15.22 -56.71 -19.90
N PRO G 213 16.29 -57.09 -19.17
CA PRO G 213 16.20 -58.05 -18.06
C PRO G 213 15.29 -57.56 -16.93
N TYR G 214 15.31 -56.26 -16.67
CA TYR G 214 14.44 -55.66 -15.65
C TYR G 214 13.07 -55.27 -16.21
N SER G 215 12.00 -55.72 -15.53
CA SER G 215 10.63 -55.43 -15.92
C SER G 215 9.71 -55.23 -14.69
N PHE G 216 8.45 -54.86 -14.90
CA PHE G 216 7.49 -54.84 -13.79
C PHE G 216 7.44 -56.19 -13.13
N GLN G 217 7.73 -57.24 -13.91
CA GLN G 217 7.65 -58.60 -13.42
C GLN G 217 8.87 -58.97 -12.58
N SER G 218 10.01 -58.36 -12.85
CA SER G 218 11.13 -58.61 -11.96
C SER G 218 10.87 -58.00 -10.58
N ASP G 219 10.27 -56.80 -10.53
CA ASP G 219 9.75 -56.27 -9.28
C ASP G 219 8.77 -57.27 -8.64
N VAL G 220 7.96 -57.94 -9.45
CA VAL G 220 6.99 -58.88 -8.88
C VAL G 220 7.68 -60.06 -8.22
N TYR G 221 8.80 -60.50 -8.80
CA TYR G 221 9.53 -61.64 -8.26
C TYR G 221 10.08 -61.27 -6.89
N ALA G 222 10.75 -60.12 -6.86
CA ALA G 222 11.26 -59.51 -5.64
C ALA G 222 10.16 -59.51 -4.59
N PHE G 223 9.02 -58.95 -4.96
CA PHE G 223 7.89 -58.91 -4.08
C PHE G 223 7.54 -60.32 -3.62
N GLY G 224 7.82 -61.30 -4.50
CA GLY G 224 7.56 -62.70 -4.21
C GLY G 224 8.50 -63.26 -3.16
N ILE G 225 9.77 -62.90 -3.27
CA ILE G 225 10.72 -63.24 -2.22
C ILE G 225 10.28 -62.58 -0.90
N VAL G 226 9.81 -61.33 -0.97
CA VAL G 226 9.33 -60.64 0.23
C VAL G 226 8.13 -61.39 0.84
N LEU G 227 7.26 -61.93 0.01
CA LEU G 227 6.18 -62.77 0.52
C LEU G 227 6.73 -63.97 1.28
N TYR G 228 7.79 -64.56 0.75
CA TYR G 228 8.44 -65.69 1.37
C TYR G 228 8.92 -65.27 2.76
N GLU G 229 9.61 -64.13 2.82
CA GLU G 229 10.07 -63.59 4.11
C GLU G 229 8.92 -63.45 5.09
N LEU G 230 7.85 -62.80 4.65
CA LEU G 230 6.66 -62.66 5.47
C LEU G 230 6.05 -63.97 5.94
N MET G 231 5.95 -64.96 5.05
CA MET G 231 5.22 -66.18 5.37
C MET G 231 6.09 -67.29 5.96
N THR G 232 7.41 -67.16 5.89
CA THR G 232 8.28 -68.19 6.44
C THR G 232 9.07 -67.71 7.64
N GLY G 233 9.20 -66.39 7.78
CA GLY G 233 10.04 -65.83 8.82
C GLY G 233 11.51 -65.96 8.47
N GLN G 234 11.81 -66.58 7.33
CA GLN G 234 13.19 -66.88 6.96
C GLN G 234 13.61 -66.23 5.63
N LEU G 235 14.90 -66.13 5.39
CA LEU G 235 15.36 -65.73 4.08
C LEU G 235 15.40 -66.96 3.17
N PRO G 236 15.22 -66.77 1.86
CA PRO G 236 15.24 -67.95 0.99
C PRO G 236 16.61 -68.62 1.03
N TYR G 237 16.70 -69.89 0.65
CA TYR G 237 17.98 -70.58 0.46
C TYR G 237 18.85 -70.69 1.70
N SER G 238 18.24 -70.57 2.88
CA SER G 238 18.94 -70.64 4.16
C SER G 238 19.86 -71.85 4.37
N ASN G 239 19.83 -72.81 3.45
CA ASN G 239 20.68 -73.99 3.60
CA ASN G 239 20.64 -74.03 3.53
C ASN G 239 21.86 -73.99 2.62
N ILE G 240 21.95 -72.96 1.80
CA ILE G 240 23.08 -72.82 0.89
C ILE G 240 23.82 -71.56 1.22
N ASN G 241 25.11 -71.65 1.53
CA ASN G 241 25.86 -70.45 1.89
C ASN G 241 26.89 -69.99 0.89
N ASN G 242 26.91 -70.58 -0.30
CA ASN G 242 27.75 -70.07 -1.38
C ASN G 242 26.99 -69.09 -2.27
N ARG G 243 27.43 -67.84 -2.28
CA ARG G 243 26.72 -66.78 -3.00
C ARG G 243 26.73 -67.07 -4.49
N ASP G 244 27.91 -67.28 -5.05
CA ASP G 244 28.04 -67.63 -6.46
C ASP G 244 27.22 -68.87 -6.83
N GLN G 245 27.08 -69.82 -5.92
CA GLN G 245 26.23 -70.96 -6.19
C GLN G 245 24.79 -70.53 -6.41
N ILE G 246 24.27 -69.70 -5.51
CA ILE G 246 22.91 -69.19 -5.65
C ILE G 246 22.66 -68.48 -7.00
N ILE G 247 23.62 -67.66 -7.42
CA ILE G 247 23.53 -66.94 -8.67
C ILE G 247 23.41 -67.92 -9.83
N PHE G 248 24.41 -68.80 -9.98
CA PHE G 248 24.42 -69.75 -11.10
C PHE G 248 23.17 -70.60 -11.12
N MET G 249 22.85 -71.22 -10.00
CA MET G 249 21.71 -72.12 -9.98
C MET G 249 20.33 -71.45 -10.07
N VAL G 250 20.18 -70.26 -9.52
CA VAL G 250 18.90 -69.58 -9.67
C VAL G 250 18.78 -69.16 -11.13
N GLY G 251 19.88 -68.64 -11.66
CA GLY G 251 19.94 -68.20 -13.05
C GLY G 251 19.61 -69.30 -14.05
N ARG G 252 20.13 -70.49 -13.80
CA ARG G 252 19.97 -71.65 -14.66
C ARG G 252 18.64 -72.34 -14.36
N GLY G 253 17.93 -71.88 -13.35
CA GLY G 253 16.65 -72.45 -13.01
C GLY G 253 16.74 -73.74 -12.21
N TYR G 254 17.94 -74.08 -11.75
CA TYR G 254 18.09 -75.32 -10.99
C TYR G 254 17.62 -75.11 -9.55
N LEU G 255 17.78 -73.87 -9.07
CA LEU G 255 17.44 -73.56 -7.69
C LEU G 255 16.31 -72.55 -7.59
N SER G 256 15.40 -72.79 -6.65
CA SER G 256 14.30 -71.87 -6.34
C SER G 256 13.81 -72.02 -4.86
N PRO G 257 13.14 -70.98 -4.32
CA PRO G 257 12.74 -70.99 -2.90
C PRO G 257 11.92 -72.19 -2.45
N ASP G 258 12.36 -72.85 -1.38
CA ASP G 258 11.64 -73.98 -0.78
C ASP G 258 10.30 -73.54 -0.18
N LEU G 259 9.22 -73.62 -0.96
CA LEU G 259 7.91 -73.14 -0.49
C LEU G 259 7.30 -73.96 0.65
N SER G 260 7.99 -74.99 1.11
CA SER G 260 7.45 -75.84 2.16
C SER G 260 7.79 -75.27 3.52
N LYS G 261 8.47 -74.12 3.53
CA LYS G 261 8.92 -73.54 4.78
C LYS G 261 7.90 -72.54 5.32
N VAL G 262 6.84 -72.32 4.55
CA VAL G 262 5.73 -71.49 5.01
C VAL G 262 5.28 -72.00 6.36
N ARG G 263 4.79 -71.11 7.19
CA ARG G 263 4.31 -71.51 8.49
C ARG G 263 3.01 -72.26 8.32
N SER G 264 2.65 -73.04 9.34
CA SER G 264 1.42 -73.80 9.36
C SER G 264 0.20 -72.94 9.06
N ASN G 265 0.23 -71.70 9.50
CA ASN G 265 -0.92 -70.80 9.37
C ASN G 265 -0.89 -69.94 8.12
N CYS G 266 0.02 -70.21 7.22
CA CYS G 266 0.01 -69.50 5.96
C CYS G 266 -1.20 -69.98 5.20
N PRO G 267 -2.10 -69.05 4.83
CA PRO G 267 -3.28 -69.41 4.03
C PRO G 267 -2.84 -69.90 2.66
N LYS G 268 -3.60 -70.81 2.08
CA LYS G 268 -3.14 -71.44 0.86
C LYS G 268 -3.20 -70.48 -0.34
N ALA G 269 -4.12 -69.50 -0.30
CA ALA G 269 -4.23 -68.47 -1.32
C ALA G 269 -2.96 -67.60 -1.42
N MET G 270 -2.33 -67.36 -0.28
CA MET G 270 -1.06 -66.63 -0.24
C MET G 270 0.09 -67.51 -0.71
N LYS G 271 0.03 -68.80 -0.38
CA LYS G 271 1.03 -69.75 -0.84
C LYS G 271 0.93 -69.86 -2.35
N ARG G 272 -0.28 -69.84 -2.88
CA ARG G 272 -0.49 -69.85 -4.31
C ARG G 272 -0.01 -68.56 -4.93
N LEU G 273 -0.44 -67.44 -4.35
CA LEU G 273 0.02 -66.13 -4.78
C LEU G 273 1.54 -66.01 -4.83
N MET G 274 2.21 -66.51 -3.79
CA MET G 274 3.67 -66.52 -3.74
C MET G 274 4.25 -67.28 -4.92
N ALA G 275 3.67 -68.44 -5.18
CA ALA G 275 4.16 -69.33 -6.20
C ALA G 275 4.10 -68.66 -7.56
N GLU G 276 3.04 -67.87 -7.73
CA GLU G 276 2.82 -67.12 -8.96
C GLU G 276 3.87 -66.04 -9.13
N CYS G 277 4.05 -65.20 -8.11
CA CYS G 277 5.02 -64.09 -8.19
C CYS G 277 6.42 -64.62 -8.36
N LEU G 278 6.64 -65.82 -7.86
CA LEU G 278 7.95 -66.45 -7.92
C LEU G 278 8.26 -67.23 -9.19
N LYS G 279 7.27 -67.44 -10.07
CA LYS G 279 7.48 -68.13 -11.36
C LYS G 279 8.79 -67.73 -12.02
N LYS G 280 9.48 -68.70 -12.63
CA LYS G 280 10.81 -68.48 -13.20
C LYS G 280 10.75 -67.71 -14.52
N LYS G 281 9.69 -67.96 -15.29
CA LYS G 281 9.50 -67.32 -16.57
C LYS G 281 8.64 -66.06 -16.36
N ARG G 282 9.21 -64.90 -16.71
CA ARG G 282 8.59 -63.62 -16.35
C ARG G 282 7.13 -63.42 -16.78
N ASP G 283 6.79 -63.95 -17.95
CA ASP G 283 5.43 -63.78 -18.48
C ASP G 283 4.39 -64.56 -17.69
N GLU G 284 4.78 -65.67 -17.07
CA GLU G 284 3.85 -66.47 -16.27
C GLU G 284 3.44 -65.77 -14.96
N ARG G 285 4.01 -64.59 -14.72
CA ARG G 285 3.89 -63.85 -13.46
C ARG G 285 2.82 -62.75 -13.54
N PRO G 286 1.97 -62.67 -12.51
CA PRO G 286 0.93 -61.63 -12.41
C PRO G 286 1.54 -60.24 -12.25
N LEU G 287 0.79 -59.19 -12.56
CA LEU G 287 1.22 -57.82 -12.25
C LEU G 287 0.49 -57.28 -11.03
N PHE G 288 0.90 -56.09 -10.56
CA PHE G 288 0.43 -55.65 -9.25
C PHE G 288 -1.08 -55.43 -9.05
N PRO G 289 -1.81 -54.94 -10.07
CA PRO G 289 -3.26 -54.94 -9.81
C PRO G 289 -3.86 -56.34 -9.60
N GLN G 290 -3.43 -57.37 -10.31
CA GLN G 290 -3.96 -58.71 -10.02
C GLN G 290 -3.50 -59.18 -8.65
N ILE G 291 -2.26 -58.84 -8.30
CA ILE G 291 -1.70 -59.18 -7.00
C ILE G 291 -2.48 -58.53 -5.86
N LEU G 292 -2.84 -57.27 -6.05
CA LEU G 292 -3.70 -56.57 -5.10
C LEU G 292 -5.04 -57.25 -5.06
N ALA G 293 -5.57 -57.55 -6.24
CA ALA G 293 -6.86 -58.20 -6.38
C ALA G 293 -6.91 -59.48 -5.53
N SER G 294 -5.88 -60.31 -5.68
CA SER G 294 -5.77 -61.56 -4.92
C SER G 294 -5.66 -61.33 -3.41
N ILE G 295 -4.80 -60.39 -3.00
CA ILE G 295 -4.59 -60.16 -1.58
C ILE G 295 -5.83 -59.61 -0.91
N GLU G 296 -6.43 -58.59 -1.50
CA GLU G 296 -7.59 -57.96 -0.87
C GLU G 296 -8.70 -58.97 -0.71
N LEU G 297 -8.70 -59.97 -1.59
CA LEU G 297 -9.64 -61.07 -1.53
C LEU G 297 -9.42 -61.98 -0.31
N LEU G 298 -8.25 -62.59 -0.23
CA LEU G 298 -7.92 -63.45 0.92
C LEU G 298 -8.14 -62.77 2.27
N ALA G 299 -7.83 -61.48 2.31
CA ALA G 299 -7.90 -60.68 3.53
C ALA G 299 -9.28 -60.62 4.18
N ARG G 300 -10.35 -60.75 3.40
CA ARG G 300 -11.69 -60.64 3.98
C ARG G 300 -12.17 -61.90 4.66
N SER G 301 -11.34 -62.95 4.61
CA SER G 301 -11.53 -64.15 5.43
C SER G 301 -10.94 -63.94 6.84
N ASP H 6 38.05 -46.83 18.64
CA ASP H 6 38.15 -45.52 19.29
C ASP H 6 39.60 -45.13 19.62
N ASP H 7 40.42 -46.14 19.88
CA ASP H 7 41.85 -45.94 20.10
C ASP H 7 42.63 -46.17 18.81
N PHE H 8 41.92 -46.23 17.68
CA PHE H 8 42.55 -46.47 16.39
C PHE H 8 42.62 -45.21 15.54
N GLU H 9 43.81 -44.90 15.07
CA GLU H 9 44.03 -43.75 14.19
C GLU H 9 44.25 -44.25 12.74
N LYS H 10 43.33 -43.94 11.84
CA LYS H 10 43.46 -44.30 10.42
C LYS H 10 44.74 -43.75 9.82
N ILE H 11 45.59 -44.61 9.27
CA ILE H 11 46.75 -44.09 8.56
C ILE H 11 46.45 -43.99 7.06
N SER H 12 45.70 -44.96 6.55
CA SER H 12 45.28 -44.94 5.14
C SER H 12 44.18 -45.99 4.84
N GLU H 13 43.68 -45.97 3.61
CA GLU H 13 42.76 -47.00 3.18
C GLU H 13 43.49 -48.01 2.28
N LEU H 14 43.46 -49.28 2.69
CA LEU H 14 44.23 -50.30 1.99
C LEU H 14 43.43 -50.89 0.83
N GLY H 15 42.11 -50.73 0.89
CA GLY H 15 41.25 -51.24 -0.16
C GLY H 15 39.83 -51.50 0.31
N ALA H 16 38.97 -51.78 -0.66
CA ALA H 16 37.58 -52.10 -0.37
C ALA H 16 37.16 -53.28 -1.25
N GLY H 17 35.95 -53.78 -1.05
CA GLY H 17 35.45 -54.92 -1.81
C GLY H 17 33.94 -55.06 -1.62
N ASN H 18 33.41 -56.22 -2.03
CA ASN H 18 32.00 -56.56 -1.87
C ASN H 18 31.74 -57.03 -0.46
N GLY H 19 31.46 -56.07 0.43
CA GLY H 19 31.06 -56.41 1.79
C GLY H 19 32.00 -55.91 2.87
N GLY H 20 33.23 -55.55 2.49
CA GLY H 20 34.21 -55.14 3.46
C GLY H 20 35.17 -54.03 3.05
N VAL H 21 35.72 -53.35 4.06
CA VAL H 21 36.68 -52.27 3.87
C VAL H 21 37.90 -52.53 4.75
N VAL H 22 39.10 -52.22 4.26
CA VAL H 22 40.28 -52.39 5.09
C VAL H 22 41.10 -51.10 5.27
N PHE H 23 41.46 -50.78 6.51
CA PHE H 23 42.32 -49.63 6.78
C PHE H 23 43.67 -50.04 7.41
N LYS H 24 44.75 -49.32 7.05
CA LYS H 24 45.95 -49.33 7.90
C LYS H 24 45.71 -48.40 9.08
N VAL H 25 45.84 -48.94 10.29
CA VAL H 25 45.64 -48.16 11.50
C VAL H 25 46.71 -48.48 12.54
N SER H 26 47.02 -47.50 13.39
CA SER H 26 47.87 -47.76 14.56
C SER H 26 47.04 -47.68 15.85
N HIS H 27 47.39 -48.49 16.86
CA HIS H 27 46.71 -48.39 18.16
C HIS H 27 47.36 -47.27 18.95
N LYS H 28 46.54 -46.34 19.43
CA LYS H 28 47.08 -45.10 19.98
C LYS H 28 48.03 -45.29 21.18
N PRO H 29 47.55 -45.95 22.27
CA PRO H 29 48.47 -45.99 23.41
C PRO H 29 49.58 -47.04 23.26
N SER H 30 49.41 -48.02 22.39
CA SER H 30 50.42 -49.06 22.23
C SER H 30 51.46 -48.78 21.14
N GLY H 31 51.05 -48.04 20.11
CA GLY H 31 51.92 -47.77 18.98
C GLY H 31 51.86 -48.85 17.90
N LEU H 32 51.22 -49.98 18.20
CA LEU H 32 51.15 -51.11 17.29
C LEU H 32 50.40 -50.81 15.99
N VAL H 33 51.07 -51.02 14.86
CA VAL H 33 50.48 -50.77 13.56
C VAL H 33 49.84 -52.07 13.09
N MET H 34 48.77 -51.97 12.30
CA MET H 34 48.05 -53.16 11.85
C MET H 34 47.05 -52.82 10.77
N ALA H 35 46.36 -53.86 10.29
CA ALA H 35 45.33 -53.71 9.27
C ALA H 35 43.99 -54.05 9.87
N ARG H 36 43.11 -53.07 9.91
CA ARG H 36 41.76 -53.28 10.39
C ARG H 36 40.79 -53.48 9.23
N LYS H 37 40.08 -54.60 9.24
CA LYS H 37 39.03 -54.82 8.27
C LYS H 37 37.66 -54.75 8.93
N LEU H 38 36.79 -53.91 8.38
CA LEU H 38 35.41 -53.80 8.83
C LEU H 38 34.54 -54.60 7.85
N ILE H 39 33.67 -55.46 8.37
CA ILE H 39 32.75 -56.19 7.50
C ILE H 39 31.35 -55.85 7.92
N HIS H 40 30.57 -55.19 7.05
CA HIS H 40 29.22 -54.79 7.46
C HIS H 40 28.21 -55.93 7.50
N LEU H 41 27.62 -56.13 8.68
CA LEU H 41 26.58 -57.13 8.85
C LEU H 41 25.40 -56.67 9.73
N GLU H 42 24.20 -56.82 9.20
CA GLU H 42 23.01 -56.58 9.99
C GLU H 42 22.54 -57.93 10.52
N ILE H 43 22.92 -58.22 11.76
CA ILE H 43 22.72 -59.57 12.30
C ILE H 43 22.29 -59.56 13.76
N LYS H 44 21.61 -60.63 14.15
CA LYS H 44 21.22 -60.86 15.54
C LYS H 44 22.44 -60.80 16.45
N PRO H 45 22.23 -60.37 17.71
CA PRO H 45 23.37 -60.30 18.62
C PRO H 45 23.95 -61.68 18.92
N ALA H 46 23.12 -62.70 19.14
CA ALA H 46 23.64 -64.02 19.44
C ALA H 46 24.58 -64.44 18.34
N ILE H 47 24.11 -64.26 17.10
CA ILE H 47 24.88 -64.55 15.90
C ILE H 47 26.19 -63.80 15.89
N ARG H 48 26.16 -62.50 16.21
CA ARG H 48 27.39 -61.72 16.14
C ARG H 48 28.41 -62.20 17.16
N ASN H 49 27.94 -62.53 18.36
CA ASN H 49 28.83 -63.05 19.39
C ASN H 49 29.54 -64.33 18.92
N GLN H 50 28.77 -65.24 18.35
CA GLN H 50 29.32 -66.50 17.87
C GLN H 50 30.40 -66.35 16.79
N ILE H 51 30.22 -65.41 15.87
CA ILE H 51 31.28 -65.06 14.93
C ILE H 51 32.55 -64.64 15.68
N ILE H 52 32.38 -63.80 16.71
CA ILE H 52 33.52 -63.27 17.45
C ILE H 52 34.23 -64.40 18.17
N ARG H 53 33.46 -65.16 18.95
CA ARG H 53 33.93 -66.39 19.55
C ARG H 53 34.66 -67.29 18.55
N GLU H 54 34.03 -67.54 17.40
CA GLU H 54 34.65 -68.43 16.42
C GLU H 54 35.93 -67.88 15.80
N LEU H 55 36.06 -66.55 15.77
CA LEU H 55 37.24 -65.95 15.17
C LEU H 55 38.46 -66.08 16.07
N GLN H 56 38.20 -66.36 17.35
CA GLN H 56 39.25 -66.47 18.35
C GLN H 56 40.24 -67.59 18.04
N VAL H 57 39.80 -68.53 17.22
CA VAL H 57 40.65 -69.64 16.81
C VAL H 57 41.88 -69.16 16.04
N LEU H 58 41.83 -67.96 15.47
CA LEU H 58 42.95 -67.48 14.69
C LEU H 58 44.19 -67.19 15.57
N HIS H 59 43.96 -67.08 16.88
CA HIS H 59 45.04 -66.93 17.86
C HIS H 59 45.96 -68.15 17.87
N GLU H 60 45.37 -69.31 17.55
CA GLU H 60 46.06 -70.59 17.51
C GLU H 60 46.75 -70.79 16.19
N CYS H 61 46.43 -69.96 15.19
CA CYS H 61 47.07 -70.05 13.88
C CYS H 61 48.46 -69.45 13.91
N ASN H 62 49.45 -70.24 13.53
CA ASN H 62 50.81 -69.72 13.37
C ASN H 62 51.55 -70.39 12.21
N SER H 63 51.57 -69.70 11.07
CA SER H 63 52.27 -70.15 9.88
C SER H 63 52.94 -68.96 9.21
N PRO H 64 54.09 -69.20 8.57
CA PRO H 64 54.71 -68.14 7.76
C PRO H 64 53.95 -67.92 6.44
N TYR H 65 53.00 -68.82 6.16
CA TYR H 65 52.17 -68.73 4.96
C TYR H 65 50.71 -68.33 5.26
N ILE H 66 50.46 -67.96 6.52
CA ILE H 66 49.14 -67.45 6.94
C ILE H 66 49.25 -66.11 7.67
N VAL H 67 48.46 -65.13 7.21
CA VAL H 67 48.37 -63.81 7.81
C VAL H 67 48.12 -63.84 9.34
N GLY H 68 48.80 -62.94 10.04
CA GLY H 68 48.65 -62.87 11.47
C GLY H 68 47.33 -62.27 11.91
N PHE H 69 46.78 -62.81 12.99
CA PHE H 69 45.57 -62.30 13.59
C PHE H 69 45.94 -61.58 14.87
N TYR H 70 45.18 -60.56 15.23
CA TYR H 70 45.39 -59.85 16.48
C TYR H 70 44.14 -59.93 17.36
N GLY H 71 42.98 -59.71 16.77
CA GLY H 71 41.75 -59.73 17.55
C GLY H 71 40.54 -59.38 16.72
N ALA H 72 39.34 -59.52 17.28
CA ALA H 72 38.10 -59.21 16.57
C ALA H 72 36.94 -58.83 17.50
N PHE H 73 36.18 -57.82 17.10
CA PHE H 73 35.03 -57.34 17.89
C PHE H 73 33.95 -56.70 17.03
N TYR H 74 32.75 -56.58 17.60
CA TYR H 74 31.61 -55.93 16.96
C TYR H 74 31.54 -54.46 17.34
N SER H 75 31.01 -53.64 16.44
CA SER H 75 30.91 -52.21 16.71
C SER H 75 29.55 -51.59 16.34
N ASP H 76 29.33 -51.34 15.05
CA ASP H 76 28.13 -50.64 14.59
C ASP H 76 27.58 -51.30 13.34
N GLY H 77 27.05 -52.50 13.51
CA GLY H 77 26.68 -53.31 12.37
C GLY H 77 27.92 -53.72 11.58
N GLU H 78 29.06 -53.78 12.27
CA GLU H 78 30.33 -54.12 11.63
C GLU H 78 31.23 -54.98 12.51
N ILE H 79 31.57 -56.15 12.02
CA ILE H 79 32.61 -56.99 12.61
C ILE H 79 33.98 -56.45 12.20
N SER H 80 34.79 -56.05 13.17
CA SER H 80 36.18 -55.72 12.87
C SER H 80 37.03 -56.96 13.01
N ILE H 81 37.92 -57.21 12.05
CA ILE H 81 38.96 -58.21 12.20
C ILE H 81 40.31 -57.54 12.15
N CYS H 82 41.04 -57.55 13.27
CA CYS H 82 42.34 -56.91 13.34
C CYS H 82 43.45 -57.89 13.04
N MET H 83 44.28 -57.58 12.04
CA MET H 83 45.20 -58.56 11.51
C MET H 83 46.53 -57.95 11.08
N GLU H 84 47.50 -58.82 10.87
CA GLU H 84 48.82 -58.39 10.43
C GLU H 84 48.77 -57.54 9.15
N HIS H 85 49.38 -56.36 9.20
CA HIS H 85 49.55 -55.52 8.02
C HIS H 85 50.62 -56.08 7.06
N MET H 86 50.26 -56.16 5.78
CA MET H 86 51.21 -56.49 4.72
C MET H 86 51.43 -55.23 3.91
N ASP H 87 52.66 -54.70 3.88
CA ASP H 87 52.95 -53.48 3.14
C ASP H 87 53.08 -53.68 1.63
N GLY H 88 52.88 -54.92 1.17
CA GLY H 88 52.98 -55.20 -0.25
C GLY H 88 51.62 -55.33 -0.91
N GLY H 89 50.58 -55.53 -0.11
CA GLY H 89 49.23 -55.60 -0.62
C GLY H 89 48.86 -56.98 -1.14
N SER H 90 47.77 -57.05 -1.90
CA SER H 90 47.37 -58.33 -2.49
C SER H 90 48.00 -58.47 -3.87
N LEU H 91 48.09 -59.71 -4.35
CA LEU H 91 48.64 -59.95 -5.68
C LEU H 91 47.73 -59.40 -6.76
N ASP H 92 46.44 -59.32 -6.44
CA ASP H 92 45.51 -58.48 -7.18
C ASP H 92 46.14 -57.11 -7.46
N GLN H 93 46.57 -56.41 -6.41
CA GLN H 93 47.15 -55.08 -6.55
C GLN H 93 48.49 -55.05 -7.28
N VAL H 94 49.33 -56.03 -6.97
CA VAL H 94 50.63 -56.16 -7.61
C VAL H 94 50.46 -56.44 -9.11
N LEU H 95 49.51 -57.30 -9.45
CA LEU H 95 49.24 -57.62 -10.84
C LEU H 95 48.96 -56.35 -11.65
N LYS H 96 48.10 -55.49 -11.10
CA LYS H 96 47.81 -54.20 -11.72
C LYS H 96 49.06 -53.40 -12.07
N LYS H 97 49.96 -53.25 -11.11
CA LYS H 97 51.11 -52.36 -11.29
C LYS H 97 52.18 -52.93 -12.22
N ALA H 98 52.20 -54.25 -12.39
CA ALA H 98 53.29 -54.90 -13.10
C ALA H 98 52.86 -55.68 -14.34
N GLY H 99 51.68 -55.39 -14.87
CA GLY H 99 51.18 -56.07 -16.05
C GLY H 99 50.90 -57.56 -15.82
N ARG H 100 51.82 -58.41 -16.25
CA ARG H 100 51.80 -59.82 -15.87
C ARG H 100 52.93 -60.07 -14.88
N ILE H 101 52.99 -61.27 -14.29
CA ILE H 101 54.10 -61.56 -13.38
C ILE H 101 54.86 -62.84 -13.75
N PRO H 102 56.20 -62.76 -13.67
CA PRO H 102 57.17 -63.80 -13.99
C PRO H 102 56.78 -65.18 -13.50
N GLU H 103 56.99 -66.17 -14.36
CA GLU H 103 56.63 -67.55 -14.05
C GLU H 103 57.35 -68.03 -12.80
N GLN H 104 58.58 -67.55 -12.61
CA GLN H 104 59.39 -67.96 -11.46
C GLN H 104 58.77 -67.49 -10.15
N ILE H 105 58.36 -66.23 -10.12
CA ILE H 105 57.66 -65.66 -8.98
C ILE H 105 56.42 -66.49 -8.69
N LEU H 106 55.69 -66.85 -9.74
CA LEU H 106 54.47 -67.62 -9.58
C LEU H 106 54.72 -69.00 -8.98
N GLY H 107 55.94 -69.51 -9.14
CA GLY H 107 56.35 -70.75 -8.53
C GLY H 107 56.41 -70.67 -7.01
N LYS H 108 56.99 -69.58 -6.48
CA LYS H 108 57.09 -69.39 -5.03
C LYS H 108 55.72 -69.10 -4.43
N VAL H 109 54.92 -68.34 -5.18
CA VAL H 109 53.51 -68.12 -4.85
C VAL H 109 52.77 -69.45 -4.77
N SER H 110 52.96 -70.30 -5.79
CA SER H 110 52.31 -71.61 -5.80
C SER H 110 52.74 -72.46 -4.61
N ILE H 111 53.95 -72.26 -4.11
CA ILE H 111 54.38 -73.01 -2.93
C ILE H 111 53.67 -72.46 -1.71
N ALA H 112 53.73 -71.13 -1.56
CA ALA H 112 53.13 -70.44 -0.43
C ALA H 112 51.69 -70.88 -0.27
N VAL H 113 50.99 -70.91 -1.39
CA VAL H 113 49.59 -71.27 -1.40
C VAL H 113 49.40 -72.71 -0.97
N ILE H 114 50.21 -73.62 -1.52
CA ILE H 114 50.05 -75.04 -1.20
C ILE H 114 50.45 -75.37 0.24
N LYS H 115 51.54 -74.77 0.70
CA LYS H 115 51.98 -74.94 2.07
C LYS H 115 50.90 -74.32 2.98
N GLY H 116 50.42 -73.14 2.59
CA GLY H 116 49.38 -72.47 3.34
C GLY H 116 48.13 -73.33 3.49
N LEU H 117 47.63 -73.84 2.37
CA LEU H 117 46.48 -74.73 2.35
C LEU H 117 46.68 -75.99 3.20
N THR H 118 47.89 -76.53 3.16
CA THR H 118 48.21 -77.71 3.94
C THR H 118 48.14 -77.44 5.44
N TYR H 119 48.72 -76.31 5.86
CA TYR H 119 48.73 -75.95 7.28
C TYR H 119 47.31 -75.94 7.82
N LEU H 120 46.45 -75.16 7.15
CA LEU H 120 45.08 -74.97 7.59
C LEU H 120 44.34 -76.29 7.81
N ARG H 121 44.34 -77.15 6.79
CA ARG H 121 43.63 -78.43 6.90
C ARG H 121 44.28 -79.40 7.90
N GLU H 122 45.61 -79.43 7.92
CA GLU H 122 46.34 -80.35 8.81
C GLU H 122 46.42 -79.91 10.27
N LYS H 123 46.51 -78.61 10.52
CA LYS H 123 46.65 -78.11 11.88
C LYS H 123 45.32 -77.67 12.49
N HIS H 124 44.34 -77.36 11.64
CA HIS H 124 43.10 -76.72 12.09
C HIS H 124 41.81 -77.26 11.50
N LYS H 125 41.93 -78.20 10.57
CA LYS H 125 40.77 -78.84 9.96
C LYS H 125 39.79 -77.83 9.36
N ILE H 126 40.33 -76.99 8.48
CA ILE H 126 39.53 -76.10 7.65
C ILE H 126 40.15 -75.84 6.26
N MET H 127 39.28 -75.76 5.26
CA MET H 127 39.68 -75.26 3.94
C MET H 127 39.52 -73.74 3.89
N HIS H 128 40.19 -73.15 2.92
CA HIS H 128 40.26 -71.71 2.77
C HIS H 128 38.95 -71.12 2.26
N ARG H 129 38.46 -71.72 1.17
CA ARG H 129 37.15 -71.42 0.56
C ARG H 129 37.08 -70.18 -0.34
N ASP H 130 38.17 -69.45 -0.48
CA ASP H 130 38.14 -68.19 -1.19
C ASP H 130 39.56 -67.76 -1.60
N VAL H 131 40.26 -68.65 -2.30
CA VAL H 131 41.56 -68.29 -2.85
C VAL H 131 41.40 -67.53 -4.15
N LYS H 132 42.07 -66.39 -4.25
CA LYS H 132 42.14 -65.61 -5.48
C LYS H 132 43.28 -64.62 -5.24
N PRO H 133 43.75 -63.94 -6.30
CA PRO H 133 44.88 -63.01 -6.12
C PRO H 133 44.69 -61.97 -5.01
N SER H 134 43.44 -61.53 -4.78
CA SER H 134 43.19 -60.51 -3.76
C SER H 134 43.29 -61.06 -2.34
N ASN H 135 43.30 -62.38 -2.20
CA ASN H 135 43.49 -62.97 -0.89
C ASN H 135 44.84 -63.64 -0.65
N ILE H 136 45.82 -63.31 -1.48
CA ILE H 136 47.19 -63.76 -1.25
C ILE H 136 47.96 -62.48 -1.12
N LEU H 137 48.58 -62.28 0.04
CA LEU H 137 49.22 -60.99 0.36
C LEU H 137 50.73 -61.08 0.46
N VAL H 138 51.39 -59.96 0.20
CA VAL H 138 52.85 -59.94 0.19
C VAL H 138 53.41 -58.79 1.02
N ASN H 139 54.64 -58.95 1.53
CA ASN H 139 55.27 -57.88 2.28
C ASN H 139 56.69 -57.59 1.84
N SER H 140 57.30 -56.55 2.41
CA SER H 140 58.62 -56.11 1.96
C SER H 140 59.77 -57.07 2.35
N ARG H 141 59.55 -57.95 3.33
CA ARG H 141 60.55 -58.96 3.62
C ARG H 141 60.31 -60.26 2.83
N GLY H 142 59.53 -60.14 1.76
CA GLY H 142 59.35 -61.21 0.79
C GLY H 142 58.42 -62.35 1.16
N GLU H 143 57.63 -62.19 2.22
CA GLU H 143 56.70 -63.23 2.67
C GLU H 143 55.41 -63.25 1.85
N ILE H 144 54.84 -64.44 1.67
CA ILE H 144 53.57 -64.58 0.95
C ILE H 144 52.56 -65.29 1.83
N LYS H 145 51.47 -64.62 2.20
CA LYS H 145 50.54 -65.27 3.11
C LYS H 145 49.11 -65.31 2.57
N LEU H 146 48.35 -66.28 3.06
CA LEU H 146 46.95 -66.45 2.70
C LEU H 146 46.08 -65.72 3.68
N CYS H 147 44.94 -65.26 3.21
CA CYS H 147 44.07 -64.47 4.07
C CYS H 147 42.61 -64.68 3.72
N ASP H 148 41.74 -64.08 4.50
CA ASP H 148 40.30 -64.10 4.24
C ASP H 148 39.76 -65.51 4.05
N PHE H 149 40.31 -66.46 4.80
CA PHE H 149 39.88 -67.88 4.76
C PHE H 149 38.80 -68.23 5.81
N GLY H 150 38.06 -69.31 5.54
CA GLY H 150 36.83 -69.57 6.24
C GLY H 150 36.94 -70.15 7.63
N VAL H 151 37.66 -69.46 8.50
CA VAL H 151 37.78 -69.94 9.88
C VAL H 151 36.43 -69.99 10.57
N SER H 152 35.70 -68.87 10.62
CA SER H 152 34.38 -68.87 11.24
C SER H 152 33.29 -69.37 10.29
N GLY H 153 32.56 -70.37 10.73
CA GLY H 153 31.49 -70.90 9.91
C GLY H 153 30.26 -70.01 9.96
N GLN H 154 30.05 -69.33 11.08
CA GLN H 154 28.89 -68.45 11.19
C GLN H 154 29.11 -67.21 10.33
N LEU H 155 30.36 -66.79 10.20
CA LEU H 155 30.68 -65.72 9.27
C LEU H 155 30.37 -66.12 7.82
N ILE H 156 30.74 -67.33 7.43
CA ILE H 156 30.36 -67.85 6.11
C ILE H 156 28.83 -67.78 5.88
N ASP H 157 28.07 -68.35 6.81
CA ASP H 157 26.62 -68.41 6.72
C ASP H 157 26.04 -67.02 6.61
N SER H 158 26.65 -66.10 7.34
CA SER H 158 26.15 -64.75 7.47
C SER H 158 26.48 -63.86 6.28
N MET H 159 27.53 -64.21 5.54
CA MET H 159 27.87 -63.49 4.32
C MET H 159 27.10 -63.87 3.04
N ALA H 160 26.27 -64.92 3.12
CA ALA H 160 25.56 -65.43 1.94
C ALA H 160 24.63 -64.37 1.36
N ASN H 161 23.76 -63.82 2.22
CA ASN H 161 22.90 -62.72 1.80
C ASN H 161 23.79 -61.57 1.38
N SER H 162 24.13 -61.51 0.09
CA SER H 162 25.10 -60.54 -0.38
C SER H 162 24.73 -59.85 -1.68
N PHE H 163 25.63 -58.96 -2.11
CA PHE H 163 25.56 -58.28 -3.40
C PHE H 163 26.28 -59.07 -4.49
N VAL H 164 25.81 -58.94 -5.72
CA VAL H 164 26.44 -59.62 -6.85
C VAL H 164 27.87 -59.14 -7.12
N GLY H 165 28.71 -60.05 -7.60
CA GLY H 165 30.10 -59.76 -7.88
C GLY H 165 30.34 -59.49 -9.35
N THR H 166 31.49 -58.91 -9.66
CA THR H 166 31.95 -58.72 -11.03
C THR H 166 32.36 -60.06 -11.61
N ARG H 167 33.32 -60.71 -10.97
CA ARG H 167 33.83 -61.98 -11.47
C ARG H 167 33.82 -63.05 -10.38
N SER H 168 34.45 -64.18 -10.65
CA SER H 168 34.43 -65.32 -9.73
C SER H 168 35.62 -66.27 -9.91
N TYR H 169 35.93 -67.01 -8.85
CA TYR H 169 37.04 -67.99 -8.85
C TYR H 169 36.55 -69.32 -8.27
N MET H 170 35.23 -69.50 -8.30
CA MET H 170 34.59 -70.65 -7.67
C MET H 170 34.80 -71.94 -8.46
N SER H 171 34.96 -73.07 -7.78
CA SER H 171 35.13 -74.33 -8.50
C SER H 171 33.81 -74.81 -9.09
N PRO H 172 33.88 -75.46 -10.26
CA PRO H 172 32.67 -75.94 -10.93
C PRO H 172 31.80 -76.85 -10.07
N GLU H 173 32.37 -77.68 -9.21
CA GLU H 173 31.53 -78.54 -8.38
C GLU H 173 30.81 -77.77 -7.28
N ARG H 174 31.46 -76.71 -6.79
CA ARG H 174 30.87 -75.84 -5.80
C ARG H 174 29.74 -75.02 -6.41
N LEU H 175 29.98 -74.54 -7.63
CA LEU H 175 28.97 -73.80 -8.37
C LEU H 175 27.66 -74.58 -8.54
N GLN H 176 27.73 -75.91 -8.53
CA GLN H 176 26.51 -76.68 -8.71
C GLN H 176 26.08 -77.43 -7.45
N GLY H 177 26.80 -77.16 -6.36
CA GLY H 177 26.42 -77.68 -5.06
C GLY H 177 26.63 -79.17 -4.79
N THR H 178 27.53 -79.80 -5.54
CA THR H 178 27.93 -81.17 -5.22
C THR H 178 29.01 -81.11 -4.14
N HIS H 179 29.29 -82.25 -3.50
CA HIS H 179 30.25 -82.30 -2.40
C HIS H 179 31.56 -81.60 -2.76
N TYR H 180 32.14 -80.91 -1.78
CA TYR H 180 33.37 -80.18 -2.01
C TYR H 180 34.38 -80.45 -0.91
N SER H 181 35.61 -80.03 -1.18
CA SER H 181 36.72 -80.28 -0.30
C SER H 181 37.85 -79.31 -0.60
N VAL H 182 39.00 -79.54 0.04
CA VAL H 182 40.21 -78.75 -0.21
C VAL H 182 40.57 -78.73 -1.70
N GLN H 183 39.98 -79.63 -2.47
CA GLN H 183 40.20 -79.67 -3.91
C GLN H 183 39.71 -78.40 -4.60
N SER H 184 38.63 -77.82 -4.08
CA SER H 184 38.05 -76.61 -4.68
C SER H 184 39.01 -75.43 -4.61
N ASP H 185 39.81 -75.38 -3.56
CA ASP H 185 40.80 -74.30 -3.42
C ASP H 185 41.97 -74.45 -4.39
N ILE H 186 42.23 -75.69 -4.80
CA ILE H 186 43.25 -75.99 -5.80
C ILE H 186 42.82 -75.48 -7.17
N TRP H 187 41.57 -75.77 -7.54
CA TRP H 187 40.94 -75.11 -8.69
C TRP H 187 41.10 -73.60 -8.65
N SER H 188 40.74 -73.00 -7.52
CA SER H 188 40.79 -71.55 -7.39
C SER H 188 42.21 -71.01 -7.59
N MET H 189 43.18 -71.72 -7.03
CA MET H 189 44.59 -71.31 -7.19
C MET H 189 45.05 -71.34 -8.64
N GLY H 190 44.68 -72.42 -9.33
CA GLY H 190 45.19 -72.65 -10.67
C GLY H 190 44.77 -71.49 -11.52
N LEU H 191 43.45 -71.35 -11.56
CA LEU H 191 42.76 -70.21 -12.16
C LEU H 191 43.40 -68.88 -11.80
N SER H 192 43.80 -68.73 -10.54
CA SER H 192 44.45 -67.49 -10.10
C SER H 192 45.79 -67.35 -10.79
N LEU H 193 46.54 -68.46 -10.79
CA LEU H 193 47.88 -68.50 -11.39
C LEU H 193 47.86 -68.14 -12.87
N VAL H 194 46.91 -68.73 -13.61
CA VAL H 194 46.68 -68.34 -15.00
C VAL H 194 46.46 -66.84 -15.11
N GLU H 195 45.64 -66.30 -14.21
CA GLU H 195 45.35 -64.88 -14.24
C GLU H 195 46.59 -64.05 -14.03
N MET H 196 47.44 -64.45 -13.08
CA MET H 196 48.62 -63.64 -12.80
C MET H 196 49.68 -63.89 -13.86
N ALA H 197 49.74 -65.13 -14.34
CA ALA H 197 50.68 -65.50 -15.40
C ALA H 197 50.42 -64.70 -16.67
N VAL H 198 49.17 -64.74 -17.13
CA VAL H 198 48.76 -64.06 -18.35
C VAL H 198 48.65 -62.55 -18.19
N GLY H 199 47.94 -62.12 -17.15
CA GLY H 199 47.75 -60.70 -16.90
C GLY H 199 46.31 -60.30 -17.18
N ARG H 200 45.43 -61.30 -17.17
CA ARG H 200 44.03 -61.13 -17.52
C ARG H 200 43.19 -62.21 -16.86
N TYR H 201 42.02 -61.82 -16.35
CA TYR H 201 41.07 -62.78 -15.82
C TYR H 201 40.73 -63.75 -16.95
N PRO H 202 41.20 -65.00 -16.83
CA PRO H 202 41.23 -66.01 -17.89
C PRO H 202 39.88 -66.61 -18.26
N ILE H 203 38.79 -65.95 -17.91
CA ILE H 203 37.46 -66.44 -18.29
C ILE H 203 36.60 -65.29 -18.80
N PRO H 204 36.18 -65.37 -20.07
CA PRO H 204 36.47 -66.48 -20.97
C PRO H 204 37.82 -66.24 -21.65
N PRO H 205 38.40 -67.28 -22.27
CA PRO H 205 39.67 -67.20 -23.01
C PRO H 205 39.63 -66.16 -24.12
N PRO H 206 40.77 -65.51 -24.40
CA PRO H 206 40.93 -64.42 -25.38
C PRO H 206 40.59 -64.81 -26.83
N PRO H 247 32.03 -55.64 -20.41
CA PRO H 247 32.45 -56.98 -20.01
C PRO H 247 31.31 -57.94 -19.71
N MET H 248 31.68 -59.21 -19.56
CA MET H 248 30.72 -60.30 -19.45
C MET H 248 30.06 -60.32 -18.08
N ALA H 249 28.73 -60.40 -18.05
CA ALA H 249 27.99 -60.48 -16.79
C ALA H 249 28.47 -61.70 -15.99
N ILE H 250 28.41 -61.60 -14.66
CA ILE H 250 28.89 -62.70 -13.82
C ILE H 250 28.19 -64.04 -14.08
N PHE H 251 26.91 -64.01 -14.44
CA PHE H 251 26.20 -65.28 -14.66
C PHE H 251 26.84 -66.09 -15.79
N GLU H 252 27.23 -65.40 -16.84
CA GLU H 252 27.82 -66.08 -17.99
C GLU H 252 29.24 -66.55 -17.63
N LEU H 253 29.94 -65.80 -16.80
CA LEU H 253 31.23 -66.26 -16.29
C LEU H 253 30.97 -67.53 -15.47
N LEU H 254 29.91 -67.51 -14.68
CA LEU H 254 29.63 -68.66 -13.84
C LEU H 254 29.25 -69.87 -14.67
N ASP H 255 28.72 -69.64 -15.87
CA ASP H 255 28.24 -70.73 -16.73
C ASP H 255 29.40 -71.33 -17.51
N TYR H 256 30.29 -70.48 -18.00
CA TYR H 256 31.45 -70.96 -18.73
C TYR H 256 32.26 -71.92 -17.86
N ILE H 257 32.28 -71.70 -16.56
CA ILE H 257 33.00 -72.58 -15.66
C ILE H 257 32.34 -73.94 -15.58
N VAL H 258 31.03 -73.97 -15.39
CA VAL H 258 30.33 -75.23 -15.24
C VAL H 258 30.28 -76.05 -16.55
N ASN H 259 30.26 -75.35 -17.68
CA ASN H 259 29.84 -75.96 -18.94
C ASN H 259 30.82 -75.85 -20.11
N GLU H 260 32.07 -75.52 -19.83
CA GLU H 260 33.08 -75.39 -20.88
C GLU H 260 34.44 -75.85 -20.37
N PRO H 261 35.35 -76.24 -21.28
CA PRO H 261 36.66 -76.70 -20.81
C PRO H 261 37.43 -75.62 -20.03
N PRO H 262 38.23 -76.05 -19.05
CA PRO H 262 39.03 -75.17 -18.20
C PRO H 262 40.08 -74.46 -19.01
N PRO H 263 40.32 -73.17 -18.72
CA PRO H 263 41.38 -72.45 -19.43
C PRO H 263 42.76 -73.05 -19.16
N LYS H 264 43.72 -72.65 -19.98
CA LYS H 264 45.08 -73.15 -19.86
C LYS H 264 46.00 -72.01 -20.22
N LEU H 265 47.31 -72.26 -20.10
CA LEU H 265 48.29 -71.26 -20.46
C LEU H 265 48.59 -71.35 -21.95
N PRO H 266 49.14 -70.27 -22.52
CA PRO H 266 49.71 -70.39 -23.85
C PRO H 266 50.85 -71.40 -23.81
N SER H 267 50.99 -72.21 -24.85
CA SER H 267 52.11 -73.13 -24.90
C SER H 267 53.35 -72.40 -25.42
N GLY H 268 54.53 -72.90 -25.04
CA GLY H 268 55.79 -72.40 -25.57
C GLY H 268 56.38 -71.18 -24.88
N VAL H 269 55.53 -70.27 -24.43
CA VAL H 269 55.99 -69.07 -23.73
C VAL H 269 56.03 -69.32 -22.20
N PHE H 270 55.60 -70.52 -21.80
CA PHE H 270 55.80 -71.00 -20.44
C PHE H 270 56.40 -72.40 -20.50
N SER H 271 57.01 -72.85 -19.40
CA SER H 271 57.57 -74.18 -19.37
C SER H 271 56.43 -75.20 -19.44
N LEU H 272 56.77 -76.47 -19.68
CA LEU H 272 55.73 -77.49 -19.82
C LEU H 272 55.30 -78.04 -18.48
N GLU H 273 56.17 -77.86 -17.50
CA GLU H 273 55.88 -78.30 -16.16
C GLU H 273 54.84 -77.36 -15.56
N PHE H 274 55.00 -76.08 -15.87
CA PHE H 274 54.07 -75.02 -15.45
C PHE H 274 52.70 -75.28 -16.06
N GLN H 275 52.67 -75.39 -17.39
CA GLN H 275 51.44 -75.65 -18.15
C GLN H 275 50.73 -76.89 -17.64
N ASP H 276 51.49 -77.89 -17.24
CA ASP H 276 50.89 -79.13 -16.80
C ASP H 276 50.40 -78.97 -15.37
N PHE H 277 51.18 -78.24 -14.58
CA PHE H 277 50.80 -77.92 -13.20
C PHE H 277 49.40 -77.31 -13.16
N VAL H 278 49.23 -76.20 -13.88
CA VAL H 278 47.95 -75.52 -13.90
C VAL H 278 46.86 -76.42 -14.48
N ASN H 279 47.22 -77.28 -15.43
CA ASN H 279 46.24 -78.17 -16.03
C ASN H 279 45.78 -79.15 -14.97
N LYS H 280 46.72 -79.62 -14.16
CA LYS H 280 46.41 -80.53 -13.06
C LYS H 280 45.51 -79.82 -12.05
N CYS H 281 45.72 -78.52 -11.92
CA CYS H 281 44.95 -77.70 -10.99
C CYS H 281 43.53 -77.44 -11.49
N LEU H 282 43.35 -77.39 -12.80
CA LEU H 282 42.10 -76.95 -13.40
C LEU H 282 41.24 -78.07 -13.99
N ILE H 283 41.57 -79.32 -13.67
CA ILE H 283 40.77 -80.43 -14.17
C ILE H 283 39.37 -80.34 -13.57
N LYS H 284 38.36 -80.19 -14.41
CA LYS H 284 36.98 -80.04 -13.93
C LYS H 284 36.61 -81.04 -12.85
N ASN H 285 36.95 -82.31 -13.06
CA ASN H 285 36.60 -83.34 -12.10
C ASN H 285 37.45 -83.21 -10.83
N PRO H 286 36.79 -83.01 -9.68
CA PRO H 286 37.47 -82.87 -8.40
C PRO H 286 38.36 -84.08 -8.09
N ALA H 287 37.76 -85.27 -8.18
CA ALA H 287 38.44 -86.52 -7.87
C ALA H 287 39.51 -86.90 -8.89
N GLU H 288 39.60 -86.16 -9.99
CA GLU H 288 40.61 -86.38 -11.00
C GLU H 288 41.62 -85.22 -10.99
N ARG H 289 41.38 -84.27 -10.08
CA ARG H 289 42.23 -83.09 -9.95
C ARG H 289 43.36 -83.33 -8.95
N ALA H 290 44.51 -82.72 -9.20
CA ALA H 290 45.67 -82.88 -8.33
C ALA H 290 45.34 -82.48 -6.90
N ASP H 291 45.69 -83.34 -5.93
CA ASP H 291 45.53 -82.99 -4.52
C ASP H 291 46.78 -82.26 -4.04
N LEU H 292 46.77 -81.87 -2.78
CA LEU H 292 47.88 -81.13 -2.20
C LEU H 292 49.19 -81.92 -2.28
N LYS H 293 49.19 -83.10 -1.67
CA LYS H 293 50.31 -84.04 -1.72
C LYS H 293 50.93 -84.15 -3.12
N GLN H 294 50.10 -84.42 -4.12
CA GLN H 294 50.60 -84.60 -5.49
C GLN H 294 51.26 -83.34 -6.06
N LEU H 295 50.79 -82.16 -5.66
CA LEU H 295 51.32 -80.91 -6.18
C LEU H 295 52.68 -80.56 -5.60
N MET H 296 52.87 -80.93 -4.34
CA MET H 296 54.13 -80.69 -3.62
C MET H 296 55.28 -81.41 -4.32
N VAL H 297 54.96 -82.55 -4.92
CA VAL H 297 55.96 -83.40 -5.57
C VAL H 297 55.97 -83.20 -7.09
N HIS H 298 55.00 -82.45 -7.60
CA HIS H 298 54.95 -82.14 -9.03
C HIS H 298 56.21 -81.38 -9.46
N ALA H 299 56.64 -81.62 -10.69
CA ALA H 299 57.89 -81.09 -11.20
C ALA H 299 58.01 -79.57 -11.03
N PHE H 300 56.94 -78.84 -11.34
CA PHE H 300 56.98 -77.38 -11.28
C PHE H 300 57.31 -76.82 -9.88
N ILE H 301 57.01 -77.59 -8.84
CA ILE H 301 57.30 -77.20 -7.46
C ILE H 301 58.76 -77.48 -7.16
N LYS H 302 59.17 -78.70 -7.49
CA LYS H 302 60.54 -79.15 -7.29
C LYS H 302 61.50 -78.14 -7.93
N ARG H 303 61.24 -77.83 -9.20
CA ARG H 303 62.07 -76.90 -9.96
C ARG H 303 62.11 -75.51 -9.33
N SER H 304 61.03 -75.16 -8.63
CA SER H 304 60.91 -73.82 -8.06
C SER H 304 61.33 -73.79 -6.58
N ASP H 305 61.24 -74.94 -5.91
CA ASP H 305 61.60 -75.01 -4.49
C ASP H 305 63.11 -74.98 -4.30
N ALA H 306 63.85 -75.13 -5.39
CA ALA H 306 65.30 -75.04 -5.38
C ALA H 306 65.79 -73.89 -6.25
N GLU H 307 64.88 -72.97 -6.58
CA GLU H 307 65.23 -71.77 -7.31
C GLU H 307 65.49 -70.68 -6.31
N GLU H 308 66.38 -69.75 -6.64
CA GLU H 308 66.63 -68.62 -5.76
C GLU H 308 66.25 -67.32 -6.47
N VAL H 309 65.17 -66.71 -6.00
CA VAL H 309 64.61 -65.49 -6.57
C VAL H 309 64.55 -64.39 -5.51
N ASP H 310 65.00 -63.18 -5.85
CA ASP H 310 64.84 -62.07 -4.92
C ASP H 310 63.43 -61.52 -5.05
N PHE H 311 62.49 -62.14 -4.34
CA PHE H 311 61.09 -61.73 -4.40
C PHE H 311 60.87 -60.39 -3.69
N ALA H 312 61.48 -60.24 -2.52
CA ALA H 312 61.47 -58.95 -1.85
C ALA H 312 61.99 -57.89 -2.82
N GLY H 313 63.06 -58.21 -3.52
CA GLY H 313 63.67 -57.27 -4.45
C GLY H 313 62.88 -57.12 -5.72
N TRP H 314 62.22 -58.20 -6.15
CA TRP H 314 61.39 -58.16 -7.35
C TRP H 314 60.19 -57.27 -7.07
N LEU H 315 59.73 -57.31 -5.84
CA LEU H 315 58.58 -56.56 -5.38
C LEU H 315 58.90 -55.07 -5.15
N CYS H 316 60.09 -54.79 -4.63
CA CYS H 316 60.47 -53.40 -4.36
C CYS H 316 61.11 -52.69 -5.55
N SER H 317 60.89 -53.26 -6.74
CA SER H 317 61.26 -52.62 -7.99
C SER H 317 59.99 -52.25 -8.76
N THR H 318 58.98 -53.11 -8.66
CA THR H 318 57.67 -52.85 -9.22
C THR H 318 56.95 -51.79 -8.36
N ILE H 319 57.30 -51.71 -7.08
CA ILE H 319 56.75 -50.69 -6.17
C ILE H 319 57.78 -50.21 -5.14
N GLY H 320 57.66 -48.97 -4.67
CA GLY H 320 58.52 -48.44 -3.62
C GLY H 320 58.40 -49.19 -2.28
#